data_4KDW
# 
_entry.id   4KDW 
# 
_audit_conform.dict_name       mmcif_pdbx.dic 
_audit_conform.dict_version    5.379 
_audit_conform.dict_location   http://mmcif.pdb.org/dictionaries/ascii/mmcif_pdbx.dic 
# 
loop_
_database_2.database_id 
_database_2.database_code 
_database_2.pdbx_database_accession 
_database_2.pdbx_DOI 
PDB   4KDW         pdb_00004kdw 10.2210/pdb4kdw/pdb 
RCSB  RCSB079215   ?            ?                   
WWPDB D_1000079215 ?            ?                   
# 
loop_
_pdbx_database_related.db_name 
_pdbx_database_related.db_id 
_pdbx_database_related.details 
_pdbx_database_related.content_type 
PDB 3P4G 'X-ray crystal structure of a hyperactive, Ca2+-dependent, beta-helical antifreeze protein from an Antarctic bacterium' 
unspecified 
PDB 4KDV .                                                                                                                       
unspecified 
# 
_pdbx_database_status.status_code                     REL 
_pdbx_database_status.entry_id                        4KDW 
_pdbx_database_status.recvd_initial_deposition_date   2013-04-25 
_pdbx_database_status.deposit_site                    RCSB 
_pdbx_database_status.process_site                    RCSB 
_pdbx_database_status.status_code_sf                  REL 
_pdbx_database_status.status_code_mr                  ? 
_pdbx_database_status.SG_entry                        ? 
_pdbx_database_status.status_code_cs                  ? 
_pdbx_database_status.methods_development_category    ? 
_pdbx_database_status.pdb_format_compatible           Y 
_pdbx_database_status.status_code_nmr_data            ? 
# 
loop_
_audit_author.name 
_audit_author.pdbx_ordinal 
'Guo, S.'         1 
'Garnham, C.P.'   2 
'Karunan, S.P.'   3 
'Campbell, R.L.'  4 
'Allingham, J.S.' 5 
'Davies, P.L.'    6 
# 
_citation.id                        primary 
_citation.title                     
'Role of Ca(2+) in folding the tandem beta-sandwich extender domains of a bacterial ice-binding adhesin.' 
_citation.journal_abbrev            'Febs J.' 
_citation.journal_volume            280 
_citation.page_first                5919 
_citation.page_last                 5932 
_citation.year                      2013 
_citation.journal_id_ASTM           ? 
_citation.country                   UK 
_citation.journal_id_ISSN           1742-464X 
_citation.journal_id_CSD            ? 
_citation.book_publisher            ? 
_citation.pdbx_database_id_PubMed   24024640 
_citation.pdbx_database_id_DOI      10.1111/febs.12518 
# 
loop_
_citation_author.citation_id 
_citation_author.name 
_citation_author.ordinal 
_citation_author.identifier_ORCID 
primary 'Guo, S.'            1 ? 
primary 'Garnham, C.P.'      2 ? 
primary 'Karunan Partha, S.' 3 ? 
primary 'Campbell, R.L.'     4 ? 
primary 'Allingham, J.S.'    5 ? 
primary 'Davies, P.L.'       6 ? 
# 
_cell.entry_id           4KDW 
_cell.length_a           25.640 
_cell.length_b           28.620 
_cell.length_c           32.250 
_cell.angle_alpha        97.02 
_cell.angle_beta         112.93 
_cell.angle_gamma        96.88 
_cell.Z_PDB              1 
_cell.pdbx_unique_axis   ? 
_cell.length_a_esd       ? 
_cell.length_b_esd       ? 
_cell.length_c_esd       ? 
_cell.angle_alpha_esd    ? 
_cell.angle_beta_esd     ? 
_cell.angle_gamma_esd    ? 
# 
_symmetry.entry_id                         4KDW 
_symmetry.space_group_name_H-M             'P 1' 
_symmetry.pdbx_full_space_group_name_H-M   ? 
_symmetry.cell_setting                     ? 
_symmetry.Int_Tables_number                1 
_symmetry.space_group_name_Hall            ? 
# 
loop_
_entity.id 
_entity.type 
_entity.src_method 
_entity.pdbx_description 
_entity.formula_weight 
_entity.pdbx_number_of_molecules 
_entity.pdbx_ec 
_entity.pdbx_mutation 
_entity.pdbx_fragment 
_entity.details 
1 polymer     man 'Antifreeze protein' 12136.631 1   ? ? 'Single domain of MpAFP_RII' ? 
2 non-polymer syn 'CALCIUM ION'        40.078    7   ? ? ?                            ? 
3 non-polymer syn GLYCEROL             92.094    1   ? ? ?                            ? 
4 water       nat water                18.015    140 ? ? ?                            ? 
# 
_entity_poly.entity_id                      1 
_entity_poly.type                           'polypeptide(L)' 
_entity_poly.nstd_linkage                   no 
_entity_poly.nstd_monomer                   no 
_entity_poly.pdbx_seq_one_letter_code       
;MASSHHHHHHSSGLVPRGSTEATAGTVTVNAITSDDVINASEAAGTVAVSGTATGGDIAEGDTVTLEINGETYTTTVDAN
GEWSVDVAGSDLAADTAFDAVVTSSDAAGNTVDTTGSSTHTVD
;
_entity_poly.pdbx_seq_one_letter_code_can   
;MASSHHHHHHSSGLVPRGSTEATAGTVTVNAITSDDVINASEAAGTVAVSGTATGGDIAEGDTVTLEINGETYTTTVDAN
GEWSVDVAGSDLAADTAFDAVVTSSDAAGNTVDTTGSSTHTVD
;
_entity_poly.pdbx_strand_id                 A 
_entity_poly.pdbx_target_identifier         ? 
# 
loop_
_entity_poly_seq.entity_id 
_entity_poly_seq.num 
_entity_poly_seq.mon_id 
_entity_poly_seq.hetero 
1 1   MET n 
1 2   ALA n 
1 3   SER n 
1 4   SER n 
1 5   HIS n 
1 6   HIS n 
1 7   HIS n 
1 8   HIS n 
1 9   HIS n 
1 10  HIS n 
1 11  SER n 
1 12  SER n 
1 13  GLY n 
1 14  LEU n 
1 15  VAL n 
1 16  PRO n 
1 17  ARG n 
1 18  GLY n 
1 19  SER n 
1 20  THR n 
1 21  GLU n 
1 22  ALA n 
1 23  THR n 
1 24  ALA n 
1 25  GLY n 
1 26  THR n 
1 27  VAL n 
1 28  THR n 
1 29  VAL n 
1 30  ASN n 
1 31  ALA n 
1 32  ILE n 
1 33  THR n 
1 34  SER n 
1 35  ASP n 
1 36  ASP n 
1 37  VAL n 
1 38  ILE n 
1 39  ASN n 
1 40  ALA n 
1 41  SER n 
1 42  GLU n 
1 43  ALA n 
1 44  ALA n 
1 45  GLY n 
1 46  THR n 
1 47  VAL n 
1 48  ALA n 
1 49  VAL n 
1 50  SER n 
1 51  GLY n 
1 52  THR n 
1 53  ALA n 
1 54  THR n 
1 55  GLY n 
1 56  GLY n 
1 57  ASP n 
1 58  ILE n 
1 59  ALA n 
1 60  GLU n 
1 61  GLY n 
1 62  ASP n 
1 63  THR n 
1 64  VAL n 
1 65  THR n 
1 66  LEU n 
1 67  GLU n 
1 68  ILE n 
1 69  ASN n 
1 70  GLY n 
1 71  GLU n 
1 72  THR n 
1 73  TYR n 
1 74  THR n 
1 75  THR n 
1 76  THR n 
1 77  VAL n 
1 78  ASP n 
1 79  ALA n 
1 80  ASN n 
1 81  GLY n 
1 82  GLU n 
1 83  TRP n 
1 84  SER n 
1 85  VAL n 
1 86  ASP n 
1 87  VAL n 
1 88  ALA n 
1 89  GLY n 
1 90  SER n 
1 91  ASP n 
1 92  LEU n 
1 93  ALA n 
1 94  ALA n 
1 95  ASP n 
1 96  THR n 
1 97  ALA n 
1 98  PHE n 
1 99  ASP n 
1 100 ALA n 
1 101 VAL n 
1 102 VAL n 
1 103 THR n 
1 104 SER n 
1 105 SER n 
1 106 ASP n 
1 107 ALA n 
1 108 ALA n 
1 109 GLY n 
1 110 ASN n 
1 111 THR n 
1 112 VAL n 
1 113 ASP n 
1 114 THR n 
1 115 THR n 
1 116 GLY n 
1 117 SER n 
1 118 SER n 
1 119 THR n 
1 120 HIS n 
1 121 THR n 
1 122 VAL n 
1 123 ASP n 
# 
_entity_src_gen.entity_id                          1 
_entity_src_gen.pdbx_src_id                        1 
_entity_src_gen.pdbx_alt_source_flag               sample 
_entity_src_gen.pdbx_seq_type                      ? 
_entity_src_gen.pdbx_beg_seq_num                   ? 
_entity_src_gen.pdbx_end_seq_num                   ? 
_entity_src_gen.gene_src_common_name               ? 
_entity_src_gen.gene_src_genus                     ? 
_entity_src_gen.pdbx_gene_src_gene                 MpAFP 
_entity_src_gen.gene_src_species                   ? 
_entity_src_gen.gene_src_strain                    Antarctic 
_entity_src_gen.gene_src_tissue                    ? 
_entity_src_gen.gene_src_tissue_fraction           ? 
_entity_src_gen.gene_src_details                   ? 
_entity_src_gen.pdbx_gene_src_fragment             ? 
_entity_src_gen.pdbx_gene_src_scientific_name      'Marinomonas primoryensis' 
_entity_src_gen.pdbx_gene_src_ncbi_taxonomy_id     178399 
_entity_src_gen.pdbx_gene_src_variant              ? 
_entity_src_gen.pdbx_gene_src_cell_line            ? 
_entity_src_gen.pdbx_gene_src_atcc                 ? 
_entity_src_gen.pdbx_gene_src_organ                ? 
_entity_src_gen.pdbx_gene_src_organelle            ? 
_entity_src_gen.pdbx_gene_src_cell                 ? 
_entity_src_gen.pdbx_gene_src_cellular_location    ? 
_entity_src_gen.host_org_common_name               ? 
_entity_src_gen.pdbx_host_org_scientific_name      'Escherichia coli' 
_entity_src_gen.pdbx_host_org_ncbi_taxonomy_id     511693 
_entity_src_gen.host_org_genus                     ? 
_entity_src_gen.pdbx_host_org_gene                 ? 
_entity_src_gen.pdbx_host_org_organ                ? 
_entity_src_gen.host_org_species                   ? 
_entity_src_gen.pdbx_host_org_tissue               ? 
_entity_src_gen.pdbx_host_org_tissue_fraction      ? 
_entity_src_gen.pdbx_host_org_strain               BL21 
_entity_src_gen.pdbx_host_org_variant              ? 
_entity_src_gen.pdbx_host_org_cell_line            ? 
_entity_src_gen.pdbx_host_org_atcc                 ? 
_entity_src_gen.pdbx_host_org_culture_collection   ? 
_entity_src_gen.pdbx_host_org_cell                 ? 
_entity_src_gen.pdbx_host_org_organelle            ? 
_entity_src_gen.pdbx_host_org_cellular_location    ? 
_entity_src_gen.pdbx_host_org_vector_type          PLASMID 
_entity_src_gen.pdbx_host_org_vector               ? 
_entity_src_gen.host_org_details                   ? 
_entity_src_gen.expression_system_id               ? 
_entity_src_gen.plasmid_name                       'pET 28a' 
_entity_src_gen.plasmid_details                    ? 
_entity_src_gen.pdbx_description                   ? 
# 
_struct_ref.id                         1 
_struct_ref.db_name                    UNP 
_struct_ref.db_code                    A1YIY3_9GAMM 
_struct_ref.pdbx_db_accession          A1YIY3 
_struct_ref.entity_id                  1 
_struct_ref.pdbx_seq_one_letter_code   
;TEATAGTVTVNAITSDDVINASEAAGTVAVSGTATGGDIAEGDTVTLEINGETYTTTVDANGEWSVDVAGSDLAADTAFD
AVVTSSDAAGNTVDTTGSSTHTVD
;
_struct_ref.pdbx_align_begin           101 
_struct_ref.pdbx_db_isoform            ? 
# 
_struct_ref_seq.align_id                      1 
_struct_ref_seq.ref_id                        1 
_struct_ref_seq.pdbx_PDB_id_code              4KDW 
_struct_ref_seq.pdbx_strand_id                A 
_struct_ref_seq.seq_align_beg                 20 
_struct_ref_seq.pdbx_seq_align_beg_ins_code   ? 
_struct_ref_seq.seq_align_end                 123 
_struct_ref_seq.pdbx_seq_align_end_ins_code   ? 
_struct_ref_seq.pdbx_db_accession             A1YIY3 
_struct_ref_seq.db_align_beg                  101 
_struct_ref_seq.pdbx_db_align_beg_ins_code    ? 
_struct_ref_seq.db_align_end                  204 
_struct_ref_seq.pdbx_db_align_end_ins_code    ? 
_struct_ref_seq.pdbx_auth_seq_align_beg       1 
_struct_ref_seq.pdbx_auth_seq_align_end       104 
# 
loop_
_chem_comp.id 
_chem_comp.type 
_chem_comp.mon_nstd_flag 
_chem_comp.name 
_chem_comp.pdbx_synonyms 
_chem_comp.formula 
_chem_comp.formula_weight 
ALA 'L-peptide linking' y ALANINE         ?                               'C3 H7 N O2'     89.093  
ARG 'L-peptide linking' y ARGININE        ?                               'C6 H15 N4 O2 1' 175.209 
ASN 'L-peptide linking' y ASPARAGINE      ?                               'C4 H8 N2 O3'    132.118 
ASP 'L-peptide linking' y 'ASPARTIC ACID' ?                               'C4 H7 N O4'     133.103 
CA  non-polymer         . 'CALCIUM ION'   ?                               'Ca 2'           40.078  
GLU 'L-peptide linking' y 'GLUTAMIC ACID' ?                               'C5 H9 N O4'     147.129 
GLY 'peptide linking'   y GLYCINE         ?                               'C2 H5 N O2'     75.067  
GOL non-polymer         . GLYCEROL        'GLYCERIN; PROPANE-1,2,3-TRIOL' 'C3 H8 O3'       92.094  
HIS 'L-peptide linking' y HISTIDINE       ?                               'C6 H10 N3 O2 1' 156.162 
HOH non-polymer         . WATER           ?                               'H2 O'           18.015  
ILE 'L-peptide linking' y ISOLEUCINE      ?                               'C6 H13 N O2'    131.173 
LEU 'L-peptide linking' y LEUCINE         ?                               'C6 H13 N O2'    131.173 
MET 'L-peptide linking' y METHIONINE      ?                               'C5 H11 N O2 S'  149.211 
PHE 'L-peptide linking' y PHENYLALANINE   ?                               'C9 H11 N O2'    165.189 
PRO 'L-peptide linking' y PROLINE         ?                               'C5 H9 N O2'     115.130 
SER 'L-peptide linking' y SERINE          ?                               'C3 H7 N O3'     105.093 
THR 'L-peptide linking' y THREONINE       ?                               'C4 H9 N O3'     119.119 
TRP 'L-peptide linking' y TRYPTOPHAN      ?                               'C11 H12 N2 O2'  204.225 
TYR 'L-peptide linking' y TYROSINE        ?                               'C9 H11 N O3'    181.189 
VAL 'L-peptide linking' y VALINE          ?                               'C5 H11 N O2'    117.146 
# 
_exptl.entry_id          4KDW 
_exptl.method            'X-RAY DIFFRACTION' 
_exptl.crystals_number   1 
# 
_exptl_crystal.id                    1 
_exptl_crystal.density_meas          ? 
_exptl_crystal.density_Matthews      1.72 
_exptl_crystal.density_percent_sol   28.40 
_exptl_crystal.description           ? 
_exptl_crystal.F_000                 ? 
_exptl_crystal.preparation           ? 
# 
_exptl_crystal_grow.crystal_id      1 
_exptl_crystal_grow.method          EVAPORATION 
_exptl_crystal_grow.temp            298.0 
_exptl_crystal_grow.temp_details    ? 
_exptl_crystal_grow.pH              8.5 
_exptl_crystal_grow.pdbx_pH_range   ? 
_exptl_crystal_grow.pdbx_details    '20% PEG 4000, 0.2M CaCl2, 0.1M Tris-HCl,  microbatch, pH 8.5, EVAPORATION, temperature 298.0K' 
# 
_diffrn.id                     1 
_diffrn.ambient_temp           93 
_diffrn.ambient_temp_details   ? 
_diffrn.crystal_id             1 
# 
_diffrn_detector.diffrn_id              1 
_diffrn_detector.detector               CCD 
_diffrn_detector.type                   'MARMOSAIC 300 mm CCD' 
_diffrn_detector.pdbx_collection_date   2012-12-06 
_diffrn_detector.details                ? 
# 
_diffrn_radiation.diffrn_id                        1 
_diffrn_radiation.wavelength_id                    1 
_diffrn_radiation.pdbx_monochromatic_or_laue_m_l   M 
_diffrn_radiation.monochromator                    'SI(111)' 
_diffrn_radiation.pdbx_diffrn_protocol             'SINGLE WAVELENGTH' 
_diffrn_radiation.pdbx_scattering_type             x-ray 
# 
_diffrn_radiation_wavelength.id           1 
_diffrn_radiation_wavelength.wavelength   1.03320 
_diffrn_radiation_wavelength.wt           1.0 
# 
_diffrn_source.diffrn_id                   1 
_diffrn_source.source                      SYNCHROTRON 
_diffrn_source.type                        'APS BEAMLINE 23-ID-B' 
_diffrn_source.pdbx_synchrotron_site       APS 
_diffrn_source.pdbx_synchrotron_beamline   23-ID-B 
_diffrn_source.pdbx_wavelength             1.03320 
_diffrn_source.pdbx_wavelength_list        ? 
# 
_reflns.pdbx_diffrn_id               1 
_reflns.pdbx_ordinal                 1 
_reflns.entry_id                     4KDW 
_reflns.observed_criterion_sigma_I   0.000 
_reflns.observed_criterion_sigma_F   ? 
_reflns.d_resolution_low             29.191 
_reflns.d_resolution_high            1.35 
_reflns.number_obs                   17224 
_reflns.number_all                   ? 
_reflns.percent_possible_obs         95.1 
_reflns.pdbx_Rmerge_I_obs            0.04900 
_reflns.pdbx_Rsym_value              ? 
_reflns.pdbx_netI_over_sigmaI        10.3300 
_reflns.B_iso_Wilson_estimate        7.40 
_reflns.pdbx_redundancy              3.600 
_reflns.R_free_details               ? 
_reflns.limit_h_max                  ? 
_reflns.limit_h_min                  ? 
_reflns.limit_k_max                  ? 
_reflns.limit_k_min                  ? 
_reflns.limit_l_max                  ? 
_reflns.limit_l_min                  ? 
_reflns.observed_criterion_F_max     ? 
_reflns.observed_criterion_F_min     ? 
_reflns.pdbx_chi_squared             ? 
_reflns.pdbx_scaling_rejects         ? 
# 
_reflns_shell.pdbx_diffrn_id         1 
_reflns_shell.pdbx_ordinal           1 
_reflns_shell.d_res_high             1.35 
_reflns_shell.d_res_low              1.42 
_reflns_shell.percent_possible_all   91.6 
_reflns_shell.Rmerge_I_obs           0.08500 
_reflns_shell.pdbx_Rsym_value        ? 
_reflns_shell.meanI_over_sigI_obs    10.700 
_reflns_shell.pdbx_redundancy        3.20 
_reflns_shell.percent_possible_obs   ? 
_reflns_shell.number_unique_all      ? 
_reflns_shell.number_measured_all    ? 
_reflns_shell.number_measured_obs    ? 
_reflns_shell.number_unique_obs      ? 
_reflns_shell.pdbx_chi_squared       ? 
# 
_refine.pdbx_refine_id                           'X-RAY DIFFRACTION' 
_refine.entry_id                                 4KDW 
_refine.pdbx_diffrn_id                           1 
_refine.pdbx_TLS_residual_ADP_flag               ? 
_refine.ls_number_reflns_obs                     16337 
_refine.ls_number_reflns_all                     16337 
_refine.pdbx_ls_sigma_I                          ? 
_refine.pdbx_ls_sigma_F                          ? 
_refine.pdbx_data_cutoff_high_absF               ? 
_refine.pdbx_data_cutoff_low_absF                ? 
_refine.pdbx_data_cutoff_high_rms_absF           ? 
_refine.ls_d_res_low                             29.19 
_refine.ls_d_res_high                            1.35 
_refine.ls_percent_reflns_obs                    95.1 
_refine.ls_R_factor_obs                          0.132 
_refine.ls_R_factor_all                          ? 
_refine.ls_R_factor_R_work                       0.130 
_refine.ls_R_factor_R_free                       0.165 
_refine.ls_R_factor_R_free_error                 ? 
_refine.ls_R_factor_R_free_error_details         ? 
_refine.ls_percent_reflns_R_free                 5.100 
_refine.ls_number_reflns_R_free                  887 
_refine.ls_number_parameters                     ? 
_refine.ls_number_restraints                     ? 
_refine.occupancy_min                            ? 
_refine.occupancy_max                            ? 
_refine.correlation_coeff_Fo_to_Fc               0.975 
_refine.correlation_coeff_Fo_to_Fc_free          0.960 
_refine.B_iso_mean                               9.71 
_refine.aniso_B[1][1]                            0.54000 
_refine.aniso_B[2][2]                            0.03000 
_refine.aniso_B[3][3]                            -0.46000 
_refine.aniso_B[1][2]                            0.21000 
_refine.aniso_B[1][3]                            0.06000 
_refine.aniso_B[2][3]                            0.21000 
_refine.solvent_model_details                    MASK 
_refine.solvent_model_param_ksol                 ? 
_refine.solvent_model_param_bsol                 ? 
_refine.pdbx_solvent_vdw_probe_radii             1.20 
_refine.pdbx_solvent_ion_probe_radii             0.80 
_refine.pdbx_solvent_shrinkage_radii             0.80 
_refine.pdbx_ls_cross_valid_method               THROUGHOUT 
_refine.details                                  'HYDROGENS HAVE BEEN ADDED IN THE RIDING POSITIONS' 
_refine.pdbx_starting_model                      'PDB ENTRY 4KDV' 
_refine.pdbx_method_to_determine_struct          'MOLECULAR REPLACEMENT' 
_refine.pdbx_isotropic_thermal_model             ? 
_refine.pdbx_stereochemistry_target_values       'MAXIMUM LIKELIHOOD' 
_refine.pdbx_stereochem_target_val_spec_case     ? 
_refine.pdbx_R_Free_selection_details            RANDOM 
_refine.pdbx_overall_ESU_R                       0.047 
_refine.pdbx_overall_ESU_R_Free                  0.053 
_refine.overall_SU_ML                            0.028 
_refine.pdbx_overall_phase_error                 ? 
_refine.overall_SU_B                             0.657 
_refine.overall_SU_R_Cruickshank_DPI             ? 
_refine.pdbx_overall_SU_R_free_Cruickshank_DPI   ? 
_refine.pdbx_overall_SU_R_Blow_DPI               ? 
_refine.pdbx_overall_SU_R_free_Blow_DPI          ? 
_refine.ls_redundancy_reflns_obs                 ? 
_refine.B_iso_min                                ? 
_refine.B_iso_max                                ? 
_refine.overall_SU_R_free                        ? 
_refine.ls_wR_factor_R_free                      ? 
_refine.ls_wR_factor_R_work                      ? 
_refine.overall_FOM_free_R_set                   ? 
_refine.overall_FOM_work_R_set                   ? 
# 
_refine_hist.pdbx_refine_id                   'X-RAY DIFFRACTION' 
_refine_hist.cycle_id                         LAST 
_refine_hist.pdbx_number_atoms_protein        691 
_refine_hist.pdbx_number_atoms_nucleic_acid   0 
_refine_hist.pdbx_number_atoms_ligand         13 
_refine_hist.number_atoms_solvent             140 
_refine_hist.number_atoms_total               844 
_refine_hist.d_res_high                       1.35 
_refine_hist.d_res_low                        29.19 
# 
loop_
_refine_ls_restr.type 
_refine_ls_restr.dev_ideal 
_refine_ls_restr.dev_ideal_target 
_refine_ls_restr.weight 
_refine_ls_restr.number 
_refine_ls_restr.pdbx_refine_id 
_refine_ls_restr.pdbx_restraint_function 
r_bond_refined_d             0.025  0.020  ? 711  'X-RAY DIFFRACTION' ? 
r_bond_other_d               0.001  0.020  ? 616  'X-RAY DIFFRACTION' ? 
r_angle_refined_deg          2.244  1.921  ? 983  'X-RAY DIFFRACTION' ? 
r_angle_other_deg            0.927  3.000  ? 1423 'X-RAY DIFFRACTION' ? 
r_dihedral_angle_1_deg       6.228  5.000  ? 105  'X-RAY DIFFRACTION' ? 
r_dihedral_angle_2_deg       27.989 28.519 ? 27   'X-RAY DIFFRACTION' ? 
r_dihedral_angle_3_deg       8.704  15.000 ? 88   'X-RAY DIFFRACTION' ? 
r_dihedral_angle_4_deg       ?      ?      ? ?    'X-RAY DIFFRACTION' ? 
r_chiral_restr               0.128  0.200  ? 133  'X-RAY DIFFRACTION' ? 
r_gen_planes_refined         0.010  0.020  ? 858  'X-RAY DIFFRACTION' ? 
r_gen_planes_other           0.001  0.020  ? 132  'X-RAY DIFFRACTION' ? 
r_nbd_refined                ?      ?      ? ?    'X-RAY DIFFRACTION' ? 
r_nbd_other                  ?      ?      ? ?    'X-RAY DIFFRACTION' ? 
r_nbtor_refined              ?      ?      ? ?    'X-RAY DIFFRACTION' ? 
r_nbtor_other                ?      ?      ? ?    'X-RAY DIFFRACTION' ? 
r_xyhbond_nbd_refined        ?      ?      ? ?    'X-RAY DIFFRACTION' ? 
r_xyhbond_nbd_other          ?      ?      ? ?    'X-RAY DIFFRACTION' ? 
r_metal_ion_refined          ?      ?      ? ?    'X-RAY DIFFRACTION' ? 
r_metal_ion_other            ?      ?      ? ?    'X-RAY DIFFRACTION' ? 
r_symmetry_vdw_refined       ?      ?      ? ?    'X-RAY DIFFRACTION' ? 
r_symmetry_vdw_other         ?      ?      ? ?    'X-RAY DIFFRACTION' ? 
r_symmetry_hbond_refined     ?      ?      ? ?    'X-RAY DIFFRACTION' ? 
r_symmetry_hbond_other       ?      ?      ? ?    'X-RAY DIFFRACTION' ? 
r_symmetry_metal_ion_refined ?      ?      ? ?    'X-RAY DIFFRACTION' ? 
r_symmetry_metal_ion_other   ?      ?      ? ?    'X-RAY DIFFRACTION' ? 
r_mcbond_it                  ?      ?      ? ?    'X-RAY DIFFRACTION' ? 
r_mcbond_other               ?      ?      ? ?    'X-RAY DIFFRACTION' ? 
r_mcangle_it                 ?      ?      ? ?    'X-RAY DIFFRACTION' ? 
r_mcangle_other              ?      ?      ? ?    'X-RAY DIFFRACTION' ? 
r_scbond_it                  ?      ?      ? ?    'X-RAY DIFFRACTION' ? 
r_scbond_other               ?      ?      ? ?    'X-RAY DIFFRACTION' ? 
r_scangle_it                 ?      ?      ? ?    'X-RAY DIFFRACTION' ? 
r_scangle_other              ?      ?      ? ?    'X-RAY DIFFRACTION' ? 
r_long_range_B_refined       ?      ?      ? ?    'X-RAY DIFFRACTION' ? 
r_long_range_B_other         ?      ?      ? ?    'X-RAY DIFFRACTION' ? 
r_rigid_bond_restr           ?      ?      ? ?    'X-RAY DIFFRACTION' ? 
r_sphericity_free            ?      ?      ? ?    'X-RAY DIFFRACTION' ? 
r_sphericity_bonded          ?      ?      ? ?    'X-RAY DIFFRACTION' ? 
# 
_refine_ls_shell.pdbx_refine_id                   'X-RAY DIFFRACTION' 
_refine_ls_shell.pdbx_total_number_of_bins_used   20 
_refine_ls_shell.d_res_high                       1.35 
_refine_ls_shell.d_res_low                        1.42 
_refine_ls_shell.number_reflns_R_work             1107 
_refine_ls_shell.R_factor_R_work                  0.1350 
_refine_ls_shell.percent_reflns_obs               90.74 
_refine_ls_shell.R_factor_R_free                  0.1940 
_refine_ls_shell.R_factor_R_free_error            ? 
_refine_ls_shell.percent_reflns_R_free            ? 
_refine_ls_shell.number_reflns_R_free             ? 
_refine_ls_shell.number_reflns_all                ? 
_refine_ls_shell.R_factor_all                     ? 
_refine_ls_shell.redundancy_reflns_obs            ? 
_refine_ls_shell.number_reflns_obs                ? 
# 
_struct.entry_id                  4KDW 
_struct.title                     
'Crystal structure of a bacterial immunoglobulin-like domain from the M. primoryensis ice-binding adhesin' 
_struct.pdbx_model_details        ? 
_struct.pdbx_CASP_flag            ? 
_struct.pdbx_model_type_details   ? 
# 
_struct_keywords.entry_id        4KDW 
_struct_keywords.pdbx_keywords   'CELL ADHESION' 
_struct_keywords.text            
;Bacterial Ig-like domain, extender domain, Ca2+-dependent, Immunoglobulin-like Beta-sandwich, Extender, Outer membrane (cell surface), CELL ADHESION
;
# 
loop_
_struct_asym.id 
_struct_asym.pdbx_blank_PDB_chainid_flag 
_struct_asym.pdbx_modified 
_struct_asym.entity_id 
_struct_asym.details 
A N N 1 ? 
B N N 2 ? 
C N N 2 ? 
D N N 2 ? 
E N N 2 ? 
F N N 2 ? 
G N N 2 ? 
H N N 2 ? 
I N N 3 ? 
J N N 4 ? 
# 
_struct_biol.id        1 
_struct_biol.details   ? 
# 
loop_
_struct_conf.conf_type_id 
_struct_conf.id 
_struct_conf.pdbx_PDB_helix_id 
_struct_conf.beg_label_comp_id 
_struct_conf.beg_label_asym_id 
_struct_conf.beg_label_seq_id 
_struct_conf.pdbx_beg_PDB_ins_code 
_struct_conf.end_label_comp_id 
_struct_conf.end_label_asym_id 
_struct_conf.end_label_seq_id 
_struct_conf.pdbx_end_PDB_ins_code 
_struct_conf.beg_auth_comp_id 
_struct_conf.beg_auth_asym_id 
_struct_conf.beg_auth_seq_id 
_struct_conf.end_auth_comp_id 
_struct_conf.end_auth_asym_id 
_struct_conf.end_auth_seq_id 
_struct_conf.pdbx_PDB_helix_class 
_struct_conf.details 
_struct_conf.pdbx_PDB_helix_length 
HELX_P HELX_P1 1 ASN A 39 ? ALA A 44 ? ASN A 20 ALA A 25 1 ? 6 
HELX_P HELX_P2 2 GLY A 89 ? ASP A 95 ? GLY A 70 ASP A 76 1 ? 7 
# 
_struct_conf_type.id          HELX_P 
_struct_conf_type.criteria    ? 
_struct_conf_type.reference   ? 
# 
loop_
_struct_conn.id 
_struct_conn.conn_type_id 
_struct_conn.pdbx_leaving_atom_flag 
_struct_conn.pdbx_PDB_id 
_struct_conn.ptnr1_label_asym_id 
_struct_conn.ptnr1_label_comp_id 
_struct_conn.ptnr1_label_seq_id 
_struct_conn.ptnr1_label_atom_id 
_struct_conn.pdbx_ptnr1_label_alt_id 
_struct_conn.pdbx_ptnr1_PDB_ins_code 
_struct_conn.pdbx_ptnr1_standard_comp_id 
_struct_conn.ptnr1_symmetry 
_struct_conn.ptnr2_label_asym_id 
_struct_conn.ptnr2_label_comp_id 
_struct_conn.ptnr2_label_seq_id 
_struct_conn.ptnr2_label_atom_id 
_struct_conn.pdbx_ptnr2_label_alt_id 
_struct_conn.pdbx_ptnr2_PDB_ins_code 
_struct_conn.ptnr1_auth_asym_id 
_struct_conn.ptnr1_auth_comp_id 
_struct_conn.ptnr1_auth_seq_id 
_struct_conn.ptnr2_auth_asym_id 
_struct_conn.ptnr2_auth_comp_id 
_struct_conn.ptnr2_auth_seq_id 
_struct_conn.ptnr2_symmetry 
_struct_conn.pdbx_ptnr3_label_atom_id 
_struct_conn.pdbx_ptnr3_label_seq_id 
_struct_conn.pdbx_ptnr3_label_comp_id 
_struct_conn.pdbx_ptnr3_label_asym_id 
_struct_conn.pdbx_ptnr3_label_alt_id 
_struct_conn.pdbx_ptnr3_PDB_ins_code 
_struct_conn.details 
_struct_conn.pdbx_dist_value 
_struct_conn.pdbx_value_order 
_struct_conn.pdbx_role 
metalc1  metalc ? ? A THR 33  OG1 ? ? ? 1_555 B CA  . CA ? ? A THR 14  A CA  201 1_555 ? ? ? ? ? ? ? 2.378 ? ? 
metalc2  metalc ? ? A ASP 35  OD1 ? ? ? 1_555 B CA  . CA ? ? A ASP 16  A CA  201 1_555 ? ? ? ? ? ? ? 2.390 ? ? 
metalc3  metalc ? ? A ASP 36  OD2 ? ? ? 1_555 D CA  . CA ? ? A ASP 17  A CA  203 1_555 ? ? ? ? ? ? ? 2.395 ? ? 
metalc4  metalc ? ? A ASP 36  OD1 ? ? ? 1_555 D CA  . CA ? ? A ASP 17  A CA  203 1_555 ? ? ? ? ? ? ? 2.516 ? ? 
metalc5  metalc ? ? A VAL 37  O   ? ? ? 1_555 B CA  . CA ? ? A VAL 18  A CA  201 1_555 ? ? ? ? ? ? ? 2.281 ? ? 
metalc6  metalc ? ? A GLU 42  OE2 ? ? ? 1_555 B CA  . CA ? ? A GLU 23  A CA  201 1_555 ? ? ? ? ? ? ? 2.489 ? ? 
metalc7  metalc ? ? A GLU 42  OE1 ? ? ? 1_555 B CA  . CA ? ? A GLU 23  A CA  201 1_555 ? ? ? ? ? ? ? 2.495 ? ? 
metalc8  metalc ? ? A GLY 70  O   ? ? ? 1_555 G CA  . CA ? ? A GLY 51  A CA  206 1_555 ? ? ? ? ? ? ? 2.187 ? ? 
metalc9  metalc ? ? A ASP 95  OD1 ? ? ? 1_555 C CA  . CA ? ? A ASP 76  A CA  202 1_555 ? ? ? ? ? ? ? 2.471 ? ? 
metalc10 metalc ? ? A ASP 95  OD2 ? ? ? 1_555 C CA  . CA ? ? A ASP 76  A CA  202 1_555 ? ? ? ? ? ? ? 2.526 ? ? 
metalc11 metalc ? ? A ALA 97  O   ? ? ? 1_555 C CA  . CA ? ? A ALA 78  A CA  202 1_555 ? ? ? ? ? ? ? 2.277 ? ? 
metalc12 metalc ? ? A SER 105 O   ? ? ? 1_555 H CA  . CA ? ? A SER 86  A CA  207 1_555 ? ? ? ? ? ? ? 2.703 ? ? 
metalc13 metalc ? ? A SER 105 OG  ? ? ? 1_555 H CA  . CA ? ? A SER 86  A CA  207 1_555 ? ? ? ? ? ? ? 2.820 ? ? 
metalc14 metalc ? ? A THR 119 O   ? ? ? 1_555 D CA  . CA ? ? A THR 100 A CA  203 1_555 ? ? ? ? ? ? ? 2.286 ? ? 
metalc15 metalc ? ? A ASP 123 O   ? ? ? 1_555 E CA  . CA ? ? A ASP 104 A CA  204 1_555 ? ? ? ? ? ? ? 2.344 ? ? 
metalc16 metalc ? ? A ASP 123 OD1 ? ? ? 1_555 E CA  . CA ? ? A ASP 104 A CA  204 1_555 ? ? ? ? ? ? ? 2.456 ? ? 
metalc17 metalc ? ? A ASP 123 OD2 ? ? ? 1_555 F CA  . CA ? ? A ASP 104 A CA  205 1_555 ? ? ? ? ? ? ? 2.414 ? ? 
metalc18 metalc ? ? A ASP 123 OD1 ? ? ? 1_555 F CA  . CA ? ? A ASP 104 A CA  205 1_555 ? ? ? ? ? ? ? 2.564 ? ? 
metalc19 metalc ? ? B CA  .   CA  ? ? ? 1_555 J HOH . O  ? ? A CA  201 A HOH 323 1_555 ? ? ? ? ? ? ? 2.455 ? ? 
metalc20 metalc ? ? B CA  .   CA  ? ? ? 1_555 J HOH . O  ? ? A CA  201 A HOH 400 1_555 ? ? ? ? ? ? ? 2.399 ? ? 
metalc21 metalc ? ? C CA  .   CA  ? ? ? 1_555 J HOH . O  ? ? A CA  202 A HOH 324 1_555 ? ? ? ? ? ? ? 2.412 ? ? 
metalc22 metalc ? ? C CA  .   CA  ? ? ? 1_555 J HOH . O  ? ? A CA  202 A HOH 327 1_555 ? ? ? ? ? ? ? 2.393 ? ? 
metalc23 metalc ? ? C CA  .   CA  ? ? ? 1_555 J HOH . O  ? ? A CA  202 A HOH 349 1_555 ? ? ? ? ? ? ? 2.344 ? ? 
metalc24 metalc ? ? C CA  .   CA  ? ? ? 1_555 J HOH . O  ? ? A CA  202 A HOH 431 1_555 ? ? ? ? ? ? ? 2.323 ? ? 
metalc25 metalc ? ? D CA  .   CA  ? ? ? 1_555 J HOH . O  ? ? A CA  203 A HOH 302 1_555 ? ? ? ? ? ? ? 2.428 ? ? 
metalc26 metalc ? ? D CA  .   CA  ? ? ? 1_555 J HOH . O  ? ? A CA  203 A HOH 317 1_555 ? ? ? ? ? ? ? 2.380 ? ? 
metalc27 metalc ? ? D CA  .   CA  ? ? ? 1_555 J HOH . O  ? ? A CA  203 A HOH 335 1_555 ? ? ? ? ? ? ? 2.323 ? ? 
metalc28 metalc ? ? D CA  .   CA  ? ? ? 1_555 J HOH . O  ? ? A CA  203 A HOH 339 1_555 ? ? ? ? ? ? ? 2.400 ? ? 
metalc29 metalc ? ? E CA  .   CA  ? ? ? 1_555 J HOH . O  ? ? A CA  204 A HOH 432 1_555 ? ? ? ? ? ? ? 2.511 ? ? 
metalc30 metalc ? ? E CA  .   CA  ? ? ? 1_555 J HOH . O  ? ? A CA  204 A HOH 433 1_555 ? ? ? ? ? ? ? 2.390 ? ? 
metalc31 metalc ? ? G CA  .   CA  ? ? ? 1_555 J HOH . O  ? ? A CA  206 A HOH 301 1_555 ? ? ? ? ? ? ? 2.452 ? ? 
metalc32 metalc ? ? G CA  .   CA  ? ? ? 1_555 J HOH . O  ? ? A CA  206 A HOH 307 1_555 ? ? ? ? ? ? ? 2.064 ? ? 
metalc33 metalc ? ? G CA  .   CA  ? ? ? 1_555 J HOH . O  ? ? A CA  206 A HOH 341 1_555 ? ? ? ? ? ? ? 2.325 ? ? 
metalc34 metalc ? ? G CA  .   CA  ? ? ? 1_555 J HOH . O  ? ? A CA  206 A HOH 410 1_555 ? ? ? ? ? ? ? 3.101 ? ? 
metalc35 metalc ? ? H CA  .   CA  ? ? ? 1_555 J HOH . O  ? ? A CA  207 A HOH 315 1_555 ? ? ? ? ? ? ? 2.512 ? ? 
metalc36 metalc ? ? H CA  .   CA  ? ? ? 1_555 J HOH . O  ? ? A CA  207 A HOH 383 1_555 ? ? ? ? ? ? ? 2.375 ? ? 
metalc37 metalc ? ? H CA  .   CA  ? ? ? 1_555 J HOH . O  ? ? A CA  207 A HOH 402 1_555 ? ? ? ? ? ? ? 2.946 ? ? 
metalc38 metalc ? ? H CA  .   CA  ? ? ? 1_555 J HOH . O  ? ? A CA  207 A HOH 434 1_555 ? ? ? ? ? ? ? 1.795 ? ? 
# 
_struct_conn_type.id          metalc 
_struct_conn_type.criteria    ? 
_struct_conn_type.reference   ? 
# 
loop_
_struct_sheet.id 
_struct_sheet.type 
_struct_sheet.number_strands 
_struct_sheet.details 
A ? 3 ? 
B ? 2 ? 
C ? 4 ? 
# 
loop_
_struct_sheet_order.sheet_id 
_struct_sheet_order.range_id_1 
_struct_sheet_order.range_id_2 
_struct_sheet_order.offset 
_struct_sheet_order.sense 
A 1 2 ? anti-parallel 
A 2 3 ? anti-parallel 
B 1 2 ? parallel      
C 1 2 ? anti-parallel 
C 2 3 ? anti-parallel 
C 3 4 ? anti-parallel 
# 
loop_
_struct_sheet_range.sheet_id 
_struct_sheet_range.id 
_struct_sheet_range.beg_label_comp_id 
_struct_sheet_range.beg_label_asym_id 
_struct_sheet_range.beg_label_seq_id 
_struct_sheet_range.pdbx_beg_PDB_ins_code 
_struct_sheet_range.end_label_comp_id 
_struct_sheet_range.end_label_asym_id 
_struct_sheet_range.end_label_seq_id 
_struct_sheet_range.pdbx_end_PDB_ins_code 
_struct_sheet_range.beg_auth_comp_id 
_struct_sheet_range.beg_auth_asym_id 
_struct_sheet_range.beg_auth_seq_id 
_struct_sheet_range.end_auth_comp_id 
_struct_sheet_range.end_auth_asym_id 
_struct_sheet_range.end_auth_seq_id 
A 1 THR A 26  ? VAL A 29  ? THR A 7   VAL A 10  
A 2 THR A 46  ? THR A 54  ? THR A 27  THR A 35  
A 3 GLU A 82  ? ALA A 88  ? GLU A 63  ALA A 69  
B 1 VAL A 37  ? ILE A 38  ? VAL A 18  ILE A 19  
B 2 THR A 121 ? VAL A 122 ? THR A 102 VAL A 103 
C 1 GLU A 71  ? THR A 76  ? GLU A 52  THR A 57  
C 2 THR A 63  ? ILE A 68  ? THR A 44  ILE A 49  
C 3 ALA A 97  ? SER A 105 ? ALA A 78  SER A 86  
C 4 THR A 111 ? THR A 119 ? THR A 92  THR A 100 
# 
loop_
_pdbx_struct_sheet_hbond.sheet_id 
_pdbx_struct_sheet_hbond.range_id_1 
_pdbx_struct_sheet_hbond.range_id_2 
_pdbx_struct_sheet_hbond.range_1_label_atom_id 
_pdbx_struct_sheet_hbond.range_1_label_comp_id 
_pdbx_struct_sheet_hbond.range_1_label_asym_id 
_pdbx_struct_sheet_hbond.range_1_label_seq_id 
_pdbx_struct_sheet_hbond.range_1_PDB_ins_code 
_pdbx_struct_sheet_hbond.range_1_auth_atom_id 
_pdbx_struct_sheet_hbond.range_1_auth_comp_id 
_pdbx_struct_sheet_hbond.range_1_auth_asym_id 
_pdbx_struct_sheet_hbond.range_1_auth_seq_id 
_pdbx_struct_sheet_hbond.range_2_label_atom_id 
_pdbx_struct_sheet_hbond.range_2_label_comp_id 
_pdbx_struct_sheet_hbond.range_2_label_asym_id 
_pdbx_struct_sheet_hbond.range_2_label_seq_id 
_pdbx_struct_sheet_hbond.range_2_PDB_ins_code 
_pdbx_struct_sheet_hbond.range_2_auth_atom_id 
_pdbx_struct_sheet_hbond.range_2_auth_comp_id 
_pdbx_struct_sheet_hbond.range_2_auth_asym_id 
_pdbx_struct_sheet_hbond.range_2_auth_seq_id 
A 1 2 N THR A 26  ? N THR A 7  O THR A 54  ? O THR A 35  
A 2 3 N VAL A 49  ? N VAL A 30 O VAL A 85  ? O VAL A 66  
B 1 2 N ILE A 38  ? N ILE A 19 O THR A 121 ? O THR A 102 
C 1 2 O TYR A 73  ? O TYR A 54 N LEU A 66  ? N LEU A 47  
C 2 3 N THR A 65  ? N THR A 46 O VAL A 101 ? O VAL A 82  
C 3 4 N ALA A 100 ? N ALA A 81 O GLY A 116 ? O GLY A 97  
# 
loop_
_struct_site.id 
_struct_site.pdbx_evidence_code 
_struct_site.pdbx_auth_asym_id 
_struct_site.pdbx_auth_comp_id 
_struct_site.pdbx_auth_seq_id 
_struct_site.pdbx_auth_ins_code 
_struct_site.pdbx_num_residues 
_struct_site.details 
AC1 Software A CA  201 ? 6 'BINDING SITE FOR RESIDUE CA A 201'  
AC2 Software A CA  202 ? 6 'BINDING SITE FOR RESIDUE CA A 202'  
AC3 Software A CA  203 ? 6 'BINDING SITE FOR RESIDUE CA A 203'  
AC4 Software A CA  204 ? 5 'BINDING SITE FOR RESIDUE CA A 204'  
AC5 Software A CA  205 ? 6 'BINDING SITE FOR RESIDUE CA A 205'  
AC6 Software A CA  206 ? 4 'BINDING SITE FOR RESIDUE CA A 206'  
AC7 Software A CA  207 ? 5 'BINDING SITE FOR RESIDUE CA A 207'  
AC8 Software A GOL 208 ? 5 'BINDING SITE FOR RESIDUE GOL A 208' 
# 
loop_
_struct_site_gen.id 
_struct_site_gen.site_id 
_struct_site_gen.pdbx_num_res 
_struct_site_gen.label_comp_id 
_struct_site_gen.label_asym_id 
_struct_site_gen.label_seq_id 
_struct_site_gen.pdbx_auth_ins_code 
_struct_site_gen.auth_comp_id 
_struct_site_gen.auth_asym_id 
_struct_site_gen.auth_seq_id 
_struct_site_gen.label_atom_id 
_struct_site_gen.label_alt_id 
_struct_site_gen.symmetry 
_struct_site_gen.details 
1  AC1 6 THR A 33  ? THR A 14  . ? 1_555 ? 
2  AC1 6 ASP A 35  ? ASP A 16  . ? 1_555 ? 
3  AC1 6 VAL A 37  ? VAL A 18  . ? 1_555 ? 
4  AC1 6 GLU A 42  ? GLU A 23  . ? 1_555 ? 
5  AC1 6 HOH J .   ? HOH A 323 . ? 1_555 ? 
6  AC1 6 HOH J .   ? HOH A 400 . ? 1_555 ? 
7  AC2 6 ASP A 95  ? ASP A 76  . ? 1_555 ? 
8  AC2 6 ALA A 97  ? ALA A 78  . ? 1_555 ? 
9  AC2 6 HOH J .   ? HOH A 324 . ? 1_555 ? 
10 AC2 6 HOH J .   ? HOH A 327 . ? 1_555 ? 
11 AC2 6 HOH J .   ? HOH A 349 . ? 1_555 ? 
12 AC2 6 HOH J .   ? HOH A 431 . ? 1_555 ? 
13 AC3 6 ASP A 36  ? ASP A 17  . ? 1_555 ? 
14 AC3 6 THR A 119 ? THR A 100 . ? 1_555 ? 
15 AC3 6 HOH J .   ? HOH A 302 . ? 1_555 ? 
16 AC3 6 HOH J .   ? HOH A 317 . ? 1_555 ? 
17 AC3 6 HOH J .   ? HOH A 335 . ? 1_555 ? 
18 AC3 6 HOH J .   ? HOH A 339 . ? 1_555 ? 
19 AC4 5 ASP A 57  ? ASP A 38  . ? 1_564 ? 
20 AC4 5 GLU A 71  ? GLU A 52  . ? 1_565 ? 
21 AC4 5 ASP A 123 ? ASP A 104 . ? 1_555 ? 
22 AC4 5 HOH J .   ? HOH A 432 . ? 1_555 ? 
23 AC4 5 HOH J .   ? HOH A 433 . ? 1_555 ? 
24 AC5 6 GLU A 71  ? GLU A 52  . ? 1_565 ? 
25 AC5 6 ASP A 123 ? ASP A 104 . ? 1_555 ? 
26 AC5 6 HOH J .   ? HOH A 310 . ? 1_565 ? 
27 AC5 6 HOH J .   ? HOH A 318 . ? 1_564 ? 
28 AC5 6 HOH J .   ? HOH A 347 . ? 1_565 ? 
29 AC5 6 HOH J .   ? HOH A 439 . ? 1_565 ? 
30 AC6 4 GLY A 70  ? GLY A 51  . ? 1_555 ? 
31 AC6 4 HOH J .   ? HOH A 301 . ? 1_555 ? 
32 AC6 4 HOH J .   ? HOH A 307 . ? 1_555 ? 
33 AC6 4 HOH J .   ? HOH A 341 . ? 1_555 ? 
34 AC7 5 SER A 105 ? SER A 86  . ? 1_555 ? 
35 AC7 5 HOH J .   ? HOH A 315 . ? 1_555 ? 
36 AC7 5 HOH J .   ? HOH A 383 . ? 1_555 ? 
37 AC7 5 HOH J .   ? HOH A 402 . ? 1_555 ? 
38 AC7 5 HOH J .   ? HOH A 434 . ? 1_555 ? 
39 AC8 5 ASP A 62  ? ASP A 43  . ? 1_555 ? 
40 AC8 5 THR A 63  ? THR A 44  . ? 1_555 ? 
41 AC8 5 THR A 103 ? THR A 84  . ? 1_555 ? 
42 AC8 5 HOH J .   ? HOH A 335 . ? 1_545 ? 
43 AC8 5 HOH J .   ? HOH A 363 . ? 1_555 ? 
# 
_atom_sites.entry_id                    4KDW 
_atom_sites.fract_transf_matrix[1][1]   0.01123336 
_atom_sites.fract_transf_matrix[1][2]   -0.01461730 
_atom_sites.fract_transf_matrix[1][3]   0.03893261 
_atom_sites.fract_transf_matrix[2][1]   0.01472167 
_atom_sites.fract_transf_matrix[2][2]   0.02945707 
_atom_sites.fract_transf_matrix[2][3]   0.01406827 
_atom_sites.fract_transf_matrix[3][1]   -0.02257856 
_atom_sites.fract_transf_matrix[3][2]   0.00715515 
_atom_sites.fract_transf_matrix[3][3]   0.02475122 
_atom_sites.fract_transf_vector[1]      0.462993 
_atom_sites.fract_transf_vector[2]      1.355346 
_atom_sites.fract_transf_vector[3]      -0.189288 
# 
loop_
_atom_type.symbol 
C  
CA 
N  
O  
# 
loop_
_atom_site.group_PDB 
_atom_site.id 
_atom_site.type_symbol 
_atom_site.label_atom_id 
_atom_site.label_alt_id 
_atom_site.label_comp_id 
_atom_site.label_asym_id 
_atom_site.label_entity_id 
_atom_site.label_seq_id 
_atom_site.pdbx_PDB_ins_code 
_atom_site.Cartn_x 
_atom_site.Cartn_y 
_atom_site.Cartn_z 
_atom_site.occupancy 
_atom_site.B_iso_or_equiv 
_atom_site.pdbx_formal_charge 
_atom_site.auth_seq_id 
_atom_site.auth_comp_id 
_atom_site.auth_asym_id 
_atom_site.auth_atom_id 
_atom_site.pdbx_PDB_model_num 
ATOM   1   N  N   . ALA A 1 22  ? -21.074 -3.298  -3.445  1.00 16.54 ? 3   ALA A N   1 
ATOM   2   C  CA  . ALA A 1 22  ? -19.937 -3.108  -2.482  1.00 13.77 ? 3   ALA A CA  1 
ATOM   3   C  C   . ALA A 1 22  ? -19.409 -1.660  -2.554  1.00 12.82 ? 3   ALA A C   1 
ATOM   4   O  O   . ALA A 1 22  ? -19.234 -1.106  -3.638  1.00 13.56 ? 3   ALA A O   1 
ATOM   5   C  CB  . ALA A 1 22  ? -18.782 -4.085  -2.674  1.00 13.98 ? 3   ALA A CB  1 
ATOM   6   N  N   . THR A 1 23  ? -19.078 -1.049  -1.419  1.00 9.67  ? 4   THR A N   1 
ATOM   7   C  CA  . THR A 1 23  ? -18.766 0.335   -1.381  1.00 8.85  ? 4   THR A CA  1 
ATOM   8   C  C   . THR A 1 23  ? -17.256 0.500   -1.109  1.00 7.15  ? 4   THR A C   1 
ATOM   9   O  O   . THR A 1 23  ? -16.708 -0.091  -0.216  1.00 7.56  ? 4   THR A O   1 
ATOM   10  C  CB  . THR A 1 23  ? -19.555 0.965   -0.227  1.00 9.96  ? 4   THR A CB  1 
ATOM   11  O  OG1 . THR A 1 23  ? -20.978 0.753   -0.529  1.00 12.02 ? 4   THR A OG1 1 
ATOM   12  C  CG2 . THR A 1 23  ? -19.244 2.430   -0.042  1.00 10.13 ? 4   THR A CG2 1 
ATOM   13  N  N   . ALA A 1 24  ? -16.613 1.319   -1.916  1.00 7.43  ? 5   ALA A N   1 
ATOM   14  C  CA  . ALA A 1 24  ? -15.215 1.696   -1.688  1.00 7.53  ? 5   ALA A CA  1 
ATOM   15  C  C   . ALA A 1 24  ? -15.084 2.471   -0.405  1.00 7.36  ? 5   ALA A C   1 
ATOM   16  O  O   . ALA A 1 24  ? -15.974 3.275   -0.050  1.00 8.09  ? 5   ALA A O   1 
ATOM   17  C  CB  . ALA A 1 24  ? -14.725 2.551   -2.849  1.00 7.75  ? 5   ALA A CB  1 
ATOM   18  N  N   . GLY A 1 25  ? -13.987 2.255   0.309   1.00 7.04  ? 6   GLY A N   1 
ATOM   19  C  CA  . GLY A 1 25  ? -13.682 3.035   1.522   1.00 6.16  ? 6   GLY A CA  1 
ATOM   20  C  C   . GLY A 1 25  ? -12.638 4.056   1.163   1.00 6.14  ? 6   GLY A C   1 
ATOM   21  O  O   . GLY A 1 25  ? -12.716 4.787   0.157   1.00 7.71  ? 6   GLY A O   1 
ATOM   22  N  N   . THR A 1 26  ? -11.667 4.205   2.045   1.00 5.10  ? 7   THR A N   1 
ATOM   23  C  CA  . THR A 1 26  ? -10.524 5.116   1.931   1.00 5.69  ? 7   THR A CA  1 
ATOM   24  C  C   . THR A 1 26  ? -9.250  4.387   2.240   1.00 6.07  ? 7   THR A C   1 
ATOM   25  O  O   . THR A 1 26  ? -9.166  3.684   3.275   1.00 6.47  ? 7   THR A O   1 
ATOM   26  C  CB  . THR A 1 26  ? -10.659 6.305   2.874   1.00 7.00  ? 7   THR A CB  1 
ATOM   27  O  OG1 . THR A 1 26  ? -11.855 7.053   2.552   1.00 7.34  ? 7   THR A OG1 1 
ATOM   28  C  CG2 . THR A 1 26  ? -9.437  7.310   2.794   1.00 8.59  ? 7   THR A CG2 1 
ATOM   29  N  N   . VAL A 1 27  ? -8.293  4.510   1.348   1.00 5.91  ? 8   VAL A N   1 
ATOM   30  C  CA  . VAL A 1 27  ? -6.977  3.919   1.537   1.00 5.71  ? 8   VAL A CA  1 
ATOM   31  C  C   . VAL A 1 27  ? -5.935  5.017   1.584   1.00 6.52  ? 8   VAL A C   1 
ATOM   32  O  O   . VAL A 1 27  ? -5.961  5.910   0.696   1.00 7.77  ? 8   VAL A O   1 
ATOM   33  C  CB  . VAL A 1 27  ? -6.664  2.883   0.400   1.00 6.65  ? 8   VAL A CB  1 
ATOM   34  C  CG1 . VAL A 1 27  ? -5.202  2.480   0.412   1.00 6.95  ? 8   VAL A CG1 1 
ATOM   35  C  CG2 . VAL A 1 27  ? -7.581  1.708   0.486   1.00 6.88  ? 8   VAL A CG2 1 
ATOM   36  N  N   . THR A 1 28  ? -5.053  5.005   2.533   1.00 6.49  ? 9   THR A N   1 
ATOM   37  C  CA  . THR A 1 28  ? -3.987  5.990   2.625   1.00 7.52  ? 9   THR A CA  1 
ATOM   38  C  C   . THR A 1 28  ? -2.684  5.249   2.681   1.00 7.66  ? 9   THR A C   1 
ATOM   39  O  O   . THR A 1 28  ? -2.613  4.058   3.123   1.00 7.50  ? 9   THR A O   1 
ATOM   40  C  CB  . THR A 1 28  ? -4.129  6.925   3.785   1.00 9.40  ? 9   THR A CB  1 
ATOM   41  O  OG1 . THR A 1 28  ? -3.821  6.216   4.984   1.00 12.25 ? 9   THR A OG1 1 
ATOM   42  C  CG2 . THR A 1 28  ? -5.568  7.497   3.819   1.00 10.52 ? 9   THR A CG2 1 
ATOM   43  N  N   . VAL A 1 29  ? -1.591  5.812   2.206   1.00 6.84  ? 10  VAL A N   1 
ATOM   44  C  CA  . VAL A 1 29  ? -0.245  5.333   2.317   1.00 6.38  ? 10  VAL A CA  1 
ATOM   45  C  C   . VAL A 1 29  ? 0.538   6.297   3.144   1.00 6.96  ? 10  VAL A C   1 
ATOM   46  O  O   . VAL A 1 29  ? 0.542   7.507   2.866   1.00 7.24  ? 10  VAL A O   1 
ATOM   47  C  CB  . VAL A 1 29  ? 0.400   5.124   0.919   1.00 6.51  ? 10  VAL A CB  1 
ATOM   48  C  CG1 . VAL A 1 29  ? 1.790   4.532   1.079   1.00 6.48  ? 10  VAL A CG1 1 
ATOM   49  C  CG2 . VAL A 1 29  ? -0.479  4.304   -0.018  1.00 6.69  ? 10  VAL A CG2 1 
ATOM   50  N  N   . ASN A 1 30  ? 1.157   5.828   4.193   1.00 6.34  ? 11  ASN A N   1 
ATOM   51  C  CA  . ASN A 1 30  ? 2.026   6.630   5.092   1.00 7.95  ? 11  ASN A CA  1 
ATOM   52  C  C   . ASN A 1 30  ? 3.263   7.049   4.355   1.00 7.66  ? 11  ASN A C   1 
ATOM   53  O  O   . ASN A 1 30  ? 3.593   6.620   3.232   1.00 7.09  ? 11  ASN A O   1 
ATOM   54  C  CB  . ASN A 1 30  ? 2.395   5.786   6.287   1.00 8.04  ? 11  ASN A CB  1 
ATOM   55  C  CG  . ASN A 1 30  ? 1.196   5.413   7.170   1.00 8.96  ? 11  ASN A CG  1 
ATOM   56  O  OD1 . ASN A 1 30  ? 0.255   6.180   7.281   1.00 11.96 ? 11  ASN A OD1 1 
ATOM   57  N  ND2 . ASN A 1 30  ? 1.271   4.277   7.808   1.00 8.11  ? 11  ASN A ND2 1 
ATOM   58  N  N   . ALA A 1 31  ? 3.995   7.988   4.953   1.00 8.58  ? 12  ALA A N   1 
ATOM   59  C  CA  . ALA A 1 31  ? 5.284   8.423   4.420   1.00 8.17  ? 12  ALA A CA  1 
ATOM   60  C  C   . ALA A 1 31  ? 6.141   7.184   4.185   1.00 7.80  ? 12  ALA A C   1 
ATOM   61  O  O   . ALA A 1 31  ? 6.172   6.231   4.910   1.00 7.97  ? 12  ALA A O   1 
ATOM   62  C  CB  . ALA A 1 31  ? 5.976   9.443   5.388   1.00 8.56  ? 12  ALA A CB  1 
ATOM   63  N  N   . ILE A 1 32  ? 6.901   7.267   3.099   1.00 7.29  ? 13  ILE A N   1 
ATOM   64  C  CA  . ILE A 1 32  ? 7.794   6.168   2.704   1.00 7.47  ? 13  ILE A CA  1 
ATOM   65  C  C   . ILE A 1 32  ? 9.107   6.342   3.487   1.00 8.19  ? 13  ILE A C   1 
ATOM   66  O  O   . ILE A 1 32  ? 9.962   7.148   3.077   1.00 8.25  ? 13  ILE A O   1 
ATOM   67  C  CB  . ILE A 1 32  ? 8.052   6.158   1.197   1.00 6.64  ? 13  ILE A CB  1 
ATOM   68  C  CG1 . ILE A 1 32  ? 6.769   6.106   0.407   1.00 6.93  ? 13  ILE A CG1 1 
ATOM   69  C  CG2 . ILE A 1 32  ? 8.971   4.971   0.863   1.00 7.86  ? 13  ILE A CG2 1 
ATOM   70  C  CD1 . ILE A 1 32  ? 5.883   4.914   0.735   1.00 8.40  ? 13  ILE A CD1 1 
ATOM   71  N  N   . THR A 1 33  ? 9.219   5.649   4.599   1.00 9.02  ? 14  THR A N   1 
ATOM   72  C  CA  . THR A 1 33  ? 10.150  5.958   5.718   1.00 10.72 ? 14  THR A CA  1 
ATOM   73  C  C   . THR A 1 33  ? 9.724   7.284   6.347   1.00 10.93 ? 14  THR A C   1 
ATOM   74  O  O   . THR A 1 33  ? 8.951   8.049   5.796   1.00 10.99 ? 14  THR A O   1 
ATOM   75  C  CB  . THR A 1 33  ? 11.638  5.852   5.336   1.00 10.06 ? 14  THR A CB  1 
ATOM   76  O  OG1 . THR A 1 33  ? 12.054  7.005   4.638   1.00 8.83  ? 14  THR A OG1 1 
ATOM   77  C  CG2 . THR A 1 33  ? 11.873  4.569   4.501   1.00 10.57 ? 14  THR A CG2 1 
ATOM   78  N  N   . SER A 1 34  ? 10.415  7.568   7.467   1.00 14.10 ? 15  SER A N   1 
ATOM   79  C  CA  . SER A 1 34  ? 10.025  8.745   8.285   1.00 14.89 ? 15  SER A CA  1 
ATOM   80  C  C   . SER A 1 34  ? 9.988   10.070  7.575   1.00 14.42 ? 15  SER A C   1 
ATOM   81  O  O   . SER A 1 34  ? 9.060   10.881  7.769   1.00 15.25 ? 15  SER A O   1 
ATOM   82  C  CB  . SER A 1 34  ? 10.940  8.854   9.503   1.00 17.72 ? 15  SER A CB  1 
ATOM   83  O  OG  . SER A 1 34  ? 12.271  9.062   9.072   1.00 20.99 ? 15  SER A OG  1 
ATOM   84  N  N   . ASP A 1 35  ? 10.911  10.287  6.623   1.00 11.24 ? 16  ASP A N   1 
ATOM   85  C  CA  . ASP A 1 35  ? 10.970  11.565  5.870   1.00 11.85 ? 16  ASP A CA  1 
ATOM   86  C  C   . ASP A 1 35  ? 10.493  11.530  4.466   1.00 8.92  ? 16  ASP A C   1 
ATOM   87  O  O   . ASP A 1 35  ? 10.599  12.451  3.751   1.00 10.12 ? 16  ASP A O   1 
ATOM   88  C  CB  . ASP A 1 35  ? 12.393  12.129  5.891   1.00 11.38 ? 16  ASP A CB  1 
ATOM   89  C  CG  . ASP A 1 35  ? 13.440  11.176  5.250   1.00 15.18 ? 16  ASP A CG  1 
ATOM   90  O  OD1 . ASP A 1 35  ? 13.070  10.009  4.872   1.00 13.09 ? 16  ASP A OD1 1 
ATOM   91  O  OD2 . ASP A 1 35  ? 14.647  11.573  5.059   1.00 15.64 ? 16  ASP A OD2 1 
ATOM   92  N  N   . ASP A 1 36  ? 9.835   10.364  4.098   1.00 9.09  ? 17  ASP A N   1 
ATOM   93  C  CA  . ASP A 1 36  ? 9.264   10.313  2.738   1.00 8.15  ? 17  ASP A CA  1 
ATOM   94  C  C   . ASP A 1 36  ? 10.314  10.328  1.613   1.00 7.28  ? 17  ASP A C   1 
ATOM   95  O  O   . ASP A 1 36  ? 10.025  10.699  0.530   1.00 8.13  ? 17  ASP A O   1 
ATOM   96  C  CB  . ASP A 1 36  ? 8.148   11.311  2.538   1.00 8.74  ? 17  ASP A CB  1 
ATOM   97  C  CG  . ASP A 1 36  ? 7.052   10.943  1.538   1.00 6.56  ? 17  ASP A CG  1 
ATOM   98  O  OD1 . ASP A 1 36  ? 6.736   9.695   1.519   1.00 7.18  ? 17  ASP A OD1 1 
ATOM   99  O  OD2 . ASP A 1 36  ? 6.472   11.784  0.855   1.00 8.54  ? 17  ASP A OD2 1 
ATOM   100 N  N   . VAL A 1 37  ? 11.530  9.962   2.022   1.00 7.89  ? 18  VAL A N   1 
ATOM   101 C  CA  . VAL A 1 37  ? 12.702  9.915   1.144   1.00 7.45  ? 18  VAL A CA  1 
ATOM   102 C  C   . VAL A 1 37  ? 13.415  8.603   1.345   1.00 8.41  ? 18  VAL A C   1 
ATOM   103 O  O   . VAL A 1 37  ? 13.617  8.141   2.444   1.00 9.34  ? 18  VAL A O   1 
ATOM   104 C  CB  . VAL A 1 37  ? 13.712  11.066  1.441   1.00 9.20  ? 18  VAL A CB  1 
ATOM   105 C  CG1 . VAL A 1 37  ? 14.898  10.991  0.477   1.00 9.98  ? 18  VAL A CG1 1 
ATOM   106 C  CG2 . VAL A 1 37  ? 13.073  12.428  1.293   1.00 11.14 ? 18  VAL A CG2 1 
ATOM   107 N  N   . ILE A 1 38  ? 13.799  7.981   0.198   1.00 7.57  ? 19  ILE A N   1 
ATOM   108 C  CA  . ILE A 1 38  ? 14.621  6.809   0.236   1.00 7.86  ? 19  ILE A CA  1 
ATOM   109 C  C   . ILE A 1 38  ? 16.096  7.247   0.032   1.00 8.19  ? 19  ILE A C   1 
ATOM   110 O  O   . ILE A 1 38  ? 16.436  7.839   -1.003  1.00 8.86  ? 19  ILE A O   1 
ATOM   111 C  CB  . ILE A 1 38  ? 14.270  5.865   -0.917  1.00 7.89  ? 19  ILE A CB  1 
ATOM   112 C  CG1 . ILE A 1 38  ? 12.861  5.285   -0.712  1.00 8.56  ? 19  ILE A CG1 1 
ATOM   113 C  CG2 . ILE A 1 38  ? 15.272  4.763   -1.140  1.00 7.85  ? 19  ILE A CG2 1 
ATOM   114 C  CD1 . ILE A 1 38  ? 12.797  4.286   0.399   1.00 8.86  ? 19  ILE A CD1 1 
ATOM   115 N  N   . ASN A 1 39  ? 16.836  6.984   1.051   1.00 9.55  ? 20  ASN A N   1 
ATOM   116 C  CA  . ASN A 1 39  ? 18.312  7.226   0.964   1.00 10.90 ? 20  ASN A CA  1 
ATOM   117 C  C   . ASN A 1 39  ? 19.069  5.954   0.590   1.00 11.21 ? 20  ASN A C   1 
ATOM   118 O  O   . ASN A 1 39  ? 18.457  4.885   0.361   1.00 9.73  ? 20  ASN A O   1 
ATOM   119 C  CB  . ASN A 1 39  ? 18.868  7.830   2.273   1.00 12.36 ? 20  ASN A CB  1 
ATOM   120 C  CG  . ASN A 1 39  ? 18.811  6.917   3.414   1.00 14.32 ? 20  ASN A CG  1 
ATOM   121 O  OD1 . ASN A 1 39  ? 18.879  5.708   3.295   1.00 14.43 ? 20  ASN A OD1 1 
ATOM   122 N  ND2 . ASN A 1 39  ? 18.773  7.494   4.648   1.00 16.91 ? 20  ASN A ND2 1 
ATOM   123 N  N   . ALA A 1 40  ? 20.387  6.027   0.412   1.00 12.92 ? 21  ALA A N   1 
ATOM   124 C  CA  . ALA A 1 40  ? 21.144  4.893   -0.086  1.00 12.68 ? 21  ALA A CA  1 
ATOM   125 C  C   . ALA A 1 40  ? 21.141  3.720   0.840   1.00 13.24 ? 21  ALA A C   1 
ATOM   126 O  O   . ALA A 1 40  ? 21.069  2.595   0.375   1.00 13.76 ? 21  ALA A O   1 
ATOM   127 C  CB  . ALA A 1 40  ? 22.615  5.283   -0.324  1.00 14.68 ? 21  ALA A CB  1 
ATOM   128 N  N   . SER A 1 41  ? 21.139  3.941   2.145   1.00 14.62 ? 22  SER A N   1 
ATOM   129 C  CA  . SER A 1 41  ? 21.019  2.872   3.064   1.00 15.81 ? 22  SER A CA  1 
ATOM   130 C  C   . SER A 1 41  ? 19.672  2.110   3.003   1.00 13.97 ? 22  SER A C   1 
ATOM   131 O  O   . SER A 1 41  ? 19.585  0.874   3.040   1.00 14.36 ? 22  SER A O   1 
ATOM   132 C  CB  . SER A 1 41  ? 21.384  3.367   4.491   1.00 18.51 ? 22  SER A CB  1 
ATOM   133 O  OG  . SER A 1 41  ? 21.139  2.324   5.415   1.00 27.69 ? 22  SER A OG  1 
ATOM   134 N  N   . GLU A 1 42  ? 18.584  2.864   2.897   1.00 11.28 ? 23  GLU A N   1 
ATOM   135 C  CA  . GLU A 1 42  ? 17.256  2.342   2.787   1.00 11.12 ? 23  GLU A CA  1 
ATOM   136 C  C   . GLU A 1 42  ? 17.097  1.617   1.469   1.00 9.22  ? 23  GLU A C   1 
ATOM   137 O  O   . GLU A 1 42  ? 16.502  0.539   1.416   1.00 10.15 ? 23  GLU A O   1 
ATOM   138 C  CB  . GLU A 1 42  ? 16.297  3.492   2.872   1.00 10.32 ? 23  GLU A CB  1 
ATOM   139 C  CG  . GLU A 1 42  ? 16.166  4.027   4.263   1.00 11.71 ? 23  GLU A CG  1 
ATOM   140 C  CD  . GLU A 1 42  ? 15.568  5.422   4.363   1.00 12.15 ? 23  GLU A CD  1 
ATOM   141 O  OE1 . GLU A 1 42  ? 15.527  6.166   3.434   1.00 11.80 ? 23  GLU A OE1 1 
ATOM   142 O  OE2 . GLU A 1 42  ? 15.096  5.765   5.486   1.00 11.99 ? 23  GLU A OE2 1 
ATOM   143 N  N   . ALA A 1 43  ? 17.652  2.152   0.391   1.00 9.14  ? 24  ALA A N   1 
ATOM   144 C  CA  . ALA A 1 43  ? 17.604  1.460   -0.907  1.00 9.73  ? 24  ALA A CA  1 
ATOM   145 C  C   . ALA A 1 43  ? 18.256  0.132   -0.910  1.00 9.32  ? 24  ALA A C   1 
ATOM   146 O  O   . ALA A 1 43  ? 17.898  -0.722  -1.700  1.00 11.62 ? 24  ALA A O   1 
ATOM   147 C  CB  . ALA A 1 43  ? 18.194  2.325   -1.974  1.00 9.78  ? 24  ALA A CB  1 
ATOM   148 N  N   . ALA A 1 44  ? 19.248  -0.058  -0.042  1.00 9.74  ? 25  ALA A N   1 
ATOM   149 C  CA  . ALA A 1 44  ? 20.029  -1.286  -0.040  1.00 11.79 ? 25  ALA A CA  1 
ATOM   150 C  C   . ALA A 1 44  ? 19.289  -2.419  0.654   1.00 12.03 ? 25  ALA A C   1 
ATOM   151 O  O   . ALA A 1 44  ? 19.749  -3.588  0.577   1.00 16.98 ? 25  ALA A O   1 
ATOM   152 C  CB  . ALA A 1 44  ? 21.389  -1.089  0.649   1.00 14.07 ? 25  ALA A CB  1 
ATOM   153 N  N   . GLY A 1 45  ? 18.290  -2.134  1.454   1.00 10.79 ? 26  GLY A N   1 
ATOM   154 C  CA  . GLY A 1 45  ? 17.612  -3.107  2.254   1.00 10.64 ? 26  GLY A CA  1 
ATOM   155 C  C   . GLY A 1 45  ? 16.135  -3.161  1.978   1.00 10.59 ? 26  GLY A C   1 
ATOM   156 O  O   . GLY A 1 45  ? 15.733  -2.859  0.890   1.00 13.18 ? 26  GLY A O   1 
ATOM   157 N  N   . THR A 1 46  ? 15.331  -3.648  2.895   1.00 10.18 ? 27  THR A N   1 
ATOM   158 C  CA  . THR A 1 46  ? 13.885  -3.785  2.864   1.00 10.85 ? 27  THR A CA  1 
ATOM   159 C  C   . THR A 1 46  ? 13.306  -2.622  3.486   1.00 10.08 ? 27  THR A C   1 
ATOM   160 O  O   . THR A 1 46  ? 13.807  -2.130  4.527   1.00 11.27 ? 27  THR A O   1 
ATOM   161 C  CB  . THR A 1 46  ? 13.500  -5.083  3.678   1.00 12.93 ? 27  THR A CB  1 
ATOM   162 O  OG1 . THR A 1 46  ? 14.151  -6.186  3.070   1.00 15.90 ? 27  THR A OG1 1 
ATOM   163 C  CG2 . THR A 1 46  ? 12.016  -5.247  3.651   1.00 14.21 ? 27  THR A CG2 1 
ATOM   164 N  N   . VAL A 1 47  ? 12.164  -2.098  3.036   1.00 8.05  ? 28  VAL A N   1 
ATOM   165 C  CA  . VAL A 1 47  ? 11.453  -1.022  3.617   1.00 7.83  ? 28  VAL A CA  1 
ATOM   166 C  C   . VAL A 1 47  ? 10.036  -1.450  3.824   1.00 8.29  ? 28  VAL A C   1 
ATOM   167 O  O   . VAL A 1 47  ? 9.390   -1.978  2.913   1.00 8.14  ? 28  VAL A O   1 
ATOM   168 C  CB  . VAL A 1 47  ? 11.457  0.203   2.655   1.00 8.72  ? 28  VAL A CB  1 
ATOM   169 C  CG1 . VAL A 1 47  ? 10.611  1.314   3.116   1.00 8.58  ? 28  VAL A CG1 1 
ATOM   170 C  CG2 . VAL A 1 47  ? 12.865  0.694   2.442   1.00 10.29 ? 28  VAL A CG2 1 
ATOM   171 N  N   . ALA A 1 48  ? 9.467   -1.217  4.986   1.00 8.12  ? 29  ALA A N   1 
ATOM   172 C  CA  . ALA A 1 48  ? 8.066   -1.430  5.283   1.00 8.94  ? 29  ALA A CA  1 
ATOM   173 C  C   . ALA A 1 48  ? 7.219   -0.302  4.791   1.00 9.46  ? 29  ALA A C   1 
ATOM   174 O  O   . ALA A 1 48  ? 7.334   0.805   5.304   1.00 13.87 ? 29  ALA A O   1 
ATOM   175 C  CB  . ALA A 1 48  ? 7.840   -1.636  6.789   1.00 9.70  ? 29  ALA A CB  1 
ATOM   176 N  N   . VAL A 1 49  ? 6.367   -0.534  3.807   1.00 7.42  ? 30  VAL A N   1 
ATOM   177 C  CA  . VAL A 1 49  ? 5.395   0.431   3.315   1.00 7.18  ? 30  VAL A CA  1 
ATOM   178 C  C   . VAL A 1 49  ? 4.132   0.164   4.065   1.00 6.81  ? 30  VAL A C   1 
ATOM   179 O  O   . VAL A 1 49  ? 3.584   -0.961  3.974   1.00 6.37  ? 30  VAL A O   1 
ATOM   180 C  CB  . VAL A 1 49  ? 5.212   0.374   1.805   1.00 7.25  ? 30  VAL A CB  1 
ATOM   181 C  CG1 . VAL A 1 49  ? 4.156   1.355   1.353   1.00 7.70  ? 30  VAL A CG1 1 
ATOM   182 C  CG2 . VAL A 1 49  ? 6.585   0.620   1.136   1.00 8.30  ? 30  VAL A CG2 1 
ATOM   183 N  N   . SER A 1 50  ? 3.567   1.165   4.674   1.00 7.07  ? 31  SER A N   1 
ATOM   184 C  CA  . SER A 1 50  ? 2.354   0.971   5.506   1.00 6.61  ? 31  SER A CA  1 
ATOM   185 C  C   . SER A 1 50  ? 1.275   1.988   5.143   1.00 5.66  ? 31  SER A C   1 
ATOM   186 O  O   . SER A 1 50  ? 1.572   3.056   4.538   1.00 6.20  ? 31  SER A O   1 
ATOM   187 C  CB  . SER A 1 50  ? 2.673   0.993   6.984   1.00 7.60  ? 31  SER A CB  1 
ATOM   188 O  OG  . SER A 1 50  ? 3.225   2.219   7.346   1.00 10.11 ? 31  SER A OG  1 
ATOM   189 N  N   . GLY A 1 51  ? 0.098   1.767   5.649   1.00 5.86  ? 32  GLY A N   1 
ATOM   190 C  CA  . GLY A 1 51  ? -0.985  2.679   5.507   1.00 6.10  ? 32  GLY A CA  1 
ATOM   191 C  C   . GLY A 1 51  ? -2.240  2.244   6.159   1.00 5.86  ? 32  GLY A C   1 
ATOM   192 O  O   . GLY A 1 51  ? -2.231  1.391   7.068   1.00 5.82  ? 32  GLY A O   1 
ATOM   193 N  N   . THR A 1 52  ? -3.355  2.836   5.761   1.00 6.11  ? 33  THR A N   1 
ATOM   194 C  CA  . THR A 1 52  ? -4.646  2.547   6.344   1.00 6.54  ? 33  THR A CA  1 
ATOM   195 C  C   . THR A 1 52  ? -5.640  2.117   5.301   1.00 5.90  ? 33  THR A C   1 
ATOM   196 O  O   . THR A 1 52  ? -5.481  2.381   4.107   1.00 5.40  ? 33  THR A O   1 
ATOM   197 C  CB  . THR A 1 52  ? -5.262  3.732   7.117   1.00 8.86  ? 33  THR A CB  1 
ATOM   198 O  OG1 . THR A 1 52  ? -5.651  4.708   6.172   1.00 12.22 ? 33  THR A OG1 1 
ATOM   199 C  CG2 . THR A 1 52  ? -4.230  4.279   8.164   1.00 11.11 ? 33  THR A CG2 1 
ATOM   200 N  N   . ALA A 1 53  ? -6.679  1.463   5.724   1.00 5.22  ? 34  ALA A N   1 
ATOM   201 C  CA  . ALA A 1 53  ? -7.770  1.031   4.869   1.00 5.16  ? 34  ALA A CA  1 
ATOM   202 C  C   . ALA A 1 53  ? -9.013  0.868   5.650   1.00 5.14  ? 34  ALA A C   1 
ATOM   203 O  O   . ALA A 1 53  ? -9.074  -0.031  6.503   1.00 5.88  ? 34  ALA A O   1 
ATOM   204 C  CB  . ALA A 1 53  ? -7.391  -0.276  4.169   1.00 5.54  ? 34  ALA A CB  1 
ATOM   205 N  N   . THR A 1 54  ? -9.973  1.798   5.553   1.00 5.47  ? 35  THR A N   1 
ATOM   206 C  CA  . THR A 1 54  ? -11.129 1.853   6.425   1.00 5.85  ? 35  THR A CA  1 
ATOM   207 C  C   . THR A 1 54  ? -12.324 2.342   5.590   1.00 5.67  ? 35  THR A C   1 
ATOM   208 O  O   . THR A 1 54  ? -12.164 2.953   4.515   1.00 6.35  ? 35  THR A O   1 
ATOM   209 C  CB  . THR A 1 54  ? -10.956 2.801   7.608   1.00 6.88  ? 35  THR A CB  1 
ATOM   210 O  OG1 . THR A 1 54  ? -10.782 4.158   7.141   1.00 7.26  ? 35  THR A OG1 1 
ATOM   211 C  CG2 . THR A 1 54  ? -9.816  2.442   8.519   1.00 8.28  ? 35  THR A CG2 1 
ATOM   212 N  N   . GLY A 1 55  ? -13.506 2.182   6.077   1.00 6.18  ? 36  GLY A N   1 
ATOM   213 C  CA  . GLY A 1 55  ? -14.707 2.730   5.461   1.00 6.64  ? 36  GLY A CA  1 
ATOM   214 C  C   . GLY A 1 55  ? -15.284 1.810   4.424   1.00 6.30  ? 36  GLY A C   1 
ATOM   215 O  O   . GLY A 1 55  ? -14.666 0.803   4.031   1.00 5.94  ? 36  GLY A O   1 
ATOM   216 N  N   . GLY A 1 56  ? -16.472 2.147   3.950   1.00 6.19  ? 37  GLY A N   1 
ATOM   217 C  CA  . GLY A 1 56  ? -17.144 1.320   2.943   1.00 5.75  ? 37  GLY A CA  1 
ATOM   218 C  C   . GLY A 1 56  ? -17.228 -0.098  3.439   1.00 5.93  ? 37  GLY A C   1 
ATOM   219 O  O   . GLY A 1 56  ? -17.482 -0.375  4.589   1.00 6.26  ? 37  GLY A O   1 
ATOM   220 N  N   . ASP A 1 57  ? -16.935 -1.019  2.540   1.00 6.60  ? 38  ASP A N   1 
ATOM   221 C  CA  . ASP A 1 57  ? -16.949 -2.434  2.806   1.00 7.00  ? 38  ASP A CA  1 
ATOM   222 C  C   . ASP A 1 57  ? -15.584 -2.982  3.038   1.00 6.57  ? 38  ASP A C   1 
ATOM   223 O  O   . ASP A 1 57  ? -15.426 -4.189  3.062   1.00 8.16  ? 38  ASP A O   1 
ATOM   224 C  CB  . ASP A 1 57  ? -17.721 -3.183  1.723   1.00 7.66  ? 38  ASP A CB  1 
ATOM   225 C  CG  . ASP A 1 57  ? -19.234 -2.947  1.862   1.00 6.71  ? 38  ASP A CG  1 
ATOM   226 O  OD1 . ASP A 1 57  ? -19.675 -3.225  2.945   1.00 9.67  ? 38  ASP A OD1 1 
ATOM   227 O  OD2 . ASP A 1 57  ? -19.830 -2.513  0.930   1.00 9.12  ? 38  ASP A OD2 1 
ATOM   228 N  N   . ILE A 1 58  ? -14.560 -2.198  3.303   1.00 6.50  ? 39  ILE A N   1 
ATOM   229 C  CA  . ILE A 1 58  ? -13.232 -2.681  3.670   1.00 6.35  ? 39  ILE A CA  1 
ATOM   230 C  C   . ILE A 1 58  ? -13.279 -3.451  4.937   1.00 7.66  ? 39  ILE A C   1 
ATOM   231 O  O   . ILE A 1 58  ? -13.954 -3.030  5.898   1.00 9.50  ? 39  ILE A O   1 
ATOM   232 C  CB  . ILE A 1 58  ? -12.195 -1.540  3.693   1.00 6.21  ? 39  ILE A CB  1 
ATOM   233 C  CG1 . ILE A 1 58  ? -12.081 -0.913  2.308   1.00 6.06  ? 39  ILE A CG1 1 
ATOM   234 C  CG2 . ILE A 1 58  ? -10.858 -2.040  4.186   1.00 6.33  ? 39  ILE A CG2 1 
ATOM   235 C  CD1 . ILE A 1 58  ? -11.174 0.304   2.233   1.00 7.07  ? 39  ILE A CD1 1 
ATOM   236 N  N   . ALA A 1 59  ? -12.612 -4.575  4.995   1.00 7.85  ? 40  ALA A N   1 
ATOM   237 C  CA  . ALA A 1 59  ? -12.595 -5.437  6.186   1.00 9.06  ? 40  ALA A CA  1 
ATOM   238 C  C   . ALA A 1 59  ? -11.235 -6.032  6.375   1.00 8.69  ? 40  ALA A C   1 
ATOM   239 O  O   . ALA A 1 59  ? -10.458 -6.239  5.417   1.00 7.26  ? 40  ALA A O   1 
ATOM   240 C  CB  . ALA A 1 59  ? -13.643 -6.528  5.989   1.00 11.89 ? 40  ALA A CB  1 
ATOM   241 N  N   . GLU A 1 60  ? -10.948 -6.442  7.593   1.00 8.40  ? 41  GLU A N   1 
ATOM   242 C  CA  . GLU A 1 60  ? -9.833  -7.298  7.903   1.00 7.58  ? 41  GLU A CA  1 
ATOM   243 C  C   . GLU A 1 60  ? -9.733  -8.455  6.954   1.00 7.94  ? 41  GLU A C   1 
ATOM   244 O  O   . GLU A 1 60  ? -10.743 -9.097  6.678   1.00 8.88  ? 41  GLU A O   1 
ATOM   245 C  CB  . GLU A 1 60  ? -10.033 -7.843  9.313   1.00 9.36  ? 41  GLU A CB  1 
ATOM   246 C  CG  . GLU A 1 60  ? -8.865  -8.706  9.863   1.00 10.83 ? 41  GLU A CG  1 
ATOM   247 C  CD  . GLU A 1 60  ? -9.091  -9.304  11.234  1.00 14.30 ? 41  GLU A CD  1 
ATOM   248 O  OE1 . GLU A 1 60  ? -10.166 -9.118  11.822  1.00 18.09 ? 41  GLU A OE1 1 
ATOM   249 O  OE2 . GLU A 1 60  ? -8.062  -9.857  11.767  1.00 15.74 ? 41  GLU A OE2 1 
ATOM   250 N  N   . GLY A 1 61  ? -8.539  -8.689  6.468   1.00 7.20  ? 42  GLY A N   1 
ATOM   251 C  CA  . GLY A 1 61  ? -8.264  -9.797  5.561   1.00 7.43  ? 42  GLY A CA  1 
ATOM   252 C  C   . GLY A 1 61  ? -8.295  -9.395  4.121   1.00 7.76  ? 42  GLY A C   1 
ATOM   253 O  O   . GLY A 1 61  ? -7.880  -10.176 3.262   1.00 9.27  ? 42  GLY A O   1 
ATOM   254 N  N   . ASP A 1 62  ? -8.825  -8.258  3.781   1.00 6.13  ? 43  ASP A N   1 
ATOM   255 C  CA  . ASP A 1 62  ? -8.850  -7.831  2.370   1.00 6.21  ? 43  ASP A CA  1 
ATOM   256 C  C   . ASP A 1 62  ? -7.447  -7.657  1.890   1.00 5.96  ? 43  ASP A C   1 
ATOM   257 O  O   . ASP A 1 62  ? -6.549  -7.191  2.565   1.00 5.83  ? 43  ASP A O   1 
ATOM   258 C  CB  . ASP A 1 62  ? -9.621  -6.489  2.215   1.00 7.18  ? 43  ASP A CB  1 
ATOM   259 C  CG  . ASP A 1 62  ? -11.120 -6.638  2.389   1.00 8.43  ? 43  ASP A CG  1 
ATOM   260 O  OD1 . ASP A 1 62  ? -11.643 -7.743  2.375   1.00 10.95 ? 43  ASP A OD1 1 
ATOM   261 O  OD2 . ASP A 1 62  ? -11.681 -5.504  2.442   1.00 11.81 ? 43  ASP A OD2 1 
ATOM   262 N  N   . THR A 1 63  ? -7.276  -8.007  0.603   1.00 6.52  ? 44  THR A N   1 
ATOM   263 C  CA  . THR A 1 63  ? -5.958  -7.865  0.002   1.00 8.25  ? 44  THR A CA  1 
ATOM   264 C  C   . THR A 1 63  ? -5.593  -6.427  -0.287  1.00 7.16  ? 44  THR A C   1 
ATOM   265 O  O   . THR A 1 63  ? -6.480  -5.600  -0.675  1.00 7.76  ? 44  THR A O   1 
ATOM   266 C  CB  . THR A 1 63  ? -5.872  -8.648  -1.245  1.00 9.93  ? 44  THR A CB  1 
ATOM   267 O  OG1 . THR A 1 63  ? -6.651  -8.120  -2.190  1.00 14.11 ? 44  THR A OG1 1 
ATOM   268 C  CG2 . THR A 1 63  ? -6.261  -10.133 -1.068  1.00 10.92 ? 44  THR A CG2 1 
ATOM   269 N  N   . VAL A 1 64  ? -4.332  -6.084  -0.124  1.00 6.62  ? 45  VAL A N   1 
ATOM   270 C  CA  . VAL A 1 64  ? -3.793  -4.811  -0.407  1.00 6.52  ? 45  VAL A CA  1 
ATOM   271 C  C   . VAL A 1 64  ? -2.676  -5.024  -1.426  1.00 6.25  ? 45  VAL A C   1 
ATOM   272 O  O   . VAL A 1 64  ? -1.718  -5.735  -1.116  1.00 7.32  ? 45  VAL A O   1 
ATOM   273 C  CB  . VAL A 1 64  ? -3.168  -4.123  0.814   1.00 6.81  ? 45  VAL A CB  1 
ATOM   274 C  CG1 . VAL A 1 64  ? -2.759  -2.716  0.565   1.00 8.34  ? 45  VAL A CG1 1 
ATOM   275 C  CG2 . VAL A 1 64  ? -4.113  -4.193  2.029   1.00 7.65  ? 45  VAL A CG2 1 
ATOM   276 N  N   . THR A 1 65  ? -2.777  -4.405  -2.602  1.00 5.74  ? 46  THR A N   1 
ATOM   277 C  CA  . THR A 1 65  ? -1.847  -4.666  -3.734  1.00 6.71  ? 46  THR A CA  1 
ATOM   278 C  C   . THR A 1 65  ? -1.135  -3.366  -4.070  1.00 6.43  ? 46  THR A C   1 
ATOM   279 O  O   . THR A 1 65  ? -1.816  -2.370  -4.356  1.00 6.60  ? 46  THR A O   1 
ATOM   280 C  CB  . THR A 1 65  ? -2.649  -5.163  -4.905  1.00 7.02  ? 46  THR A CB  1 
ATOM   281 O  OG1 . THR A 1 65  ? -3.374  -6.375  -4.554  1.00 8.45  ? 46  THR A OG1 1 
ATOM   282 C  CG2 . THR A 1 65  ? -1.797  -5.477  -6.096  1.00 9.29  ? 46  THR A CG2 1 
ATOM   283 N  N   . LEU A 1 66  ? 0.154   -3.455  -4.125  1.00 6.31  ? 47  LEU A N   1 
ATOM   284 C  CA  . LEU A 1 66  ? 1.022   -2.323  -4.543  1.00 6.47  ? 47  LEU A CA  1 
ATOM   285 C  C   . LEU A 1 66  ? 1.894   -2.740  -5.675  1.00 6.99  ? 47  LEU A C   1 
ATOM   286 O  O   . LEU A 1 66  ? 2.676   -3.664  -5.489  1.00 9.30  ? 47  LEU A O   1 
ATOM   287 C  CB  . LEU A 1 66  ? 1.903   -1.859  -3.446  1.00 7.61  ? 47  LEU A CB  1 
ATOM   288 C  CG  . LEU A 1 66  ? 1.326   -1.161  -2.192  1.00 8.65  ? 47  LEU A CG  1 
ATOM   289 C  CD1 . LEU A 1 66  ? 0.269   -1.922  -1.366  1.00 10.71 ? 47  LEU A CD1 1 
ATOM   290 C  CD2 . LEU A 1 66  ? 2.456   -0.678  -1.298  1.00 9.83  ? 47  LEU A CD2 1 
ATOM   291 N  N   . GLU A 1 67  ? 1.880   -2.090  -6.827  1.00 6.64  ? 48  GLU A N   1 
ATOM   292 C  CA  A GLU A 1 67  ? 2.805   -2.346  -7.888  0.50 6.85  ? 48  GLU A CA  1 
ATOM   293 C  CA  B GLU A 1 67  ? 2.810   -2.344  -7.903  0.50 6.94  ? 48  GLU A CA  1 
ATOM   294 C  C   . GLU A 1 67  ? 3.876   -1.286  -7.826  1.00 5.81  ? 48  GLU A C   1 
ATOM   295 O  O   . GLU A 1 67  ? 3.556   -0.112  -7.972  1.00 6.58  ? 48  GLU A O   1 
ATOM   296 C  CB  A GLU A 1 67  ? 2.072   -2.374  -9.218  0.50 8.61  ? 48  GLU A CB  1 
ATOM   297 C  CB  B GLU A 1 67  ? 2.091   -2.286  -9.239  0.50 8.88  ? 48  GLU A CB  1 
ATOM   298 C  CG  A GLU A 1 67  ? 2.996   -2.914  -10.272 0.50 10.72 ? 48  GLU A CG  1 
ATOM   299 C  CG  B GLU A 1 67  ? 1.075   -3.364  -9.511  0.50 11.42 ? 48  GLU A CG  1 
ATOM   300 C  CD  A GLU A 1 67  ? 2.529   -2.773  -11.717 0.50 14.22 ? 48  GLU A CD  1 
ATOM   301 C  CD  B GLU A 1 67  ? 0.579   -3.250  -10.945 0.50 15.03 ? 48  GLU A CD  1 
ATOM   302 O  OE1 A GLU A 1 67  ? 1.545   -3.477  -12.037 0.50 18.75 ? 48  GLU A OE1 1 
ATOM   303 O  OE1 B GLU A 1 67  ? 1.126   -2.433  -11.776 0.50 18.23 ? 48  GLU A OE1 1 
ATOM   304 O  OE2 A GLU A 1 67  ? 3.128   -1.962  -12.519 0.50 17.93 ? 48  GLU A OE2 1 
ATOM   305 O  OE2 B GLU A 1 67  ? -0.476  -3.865  -11.205 0.50 21.84 ? 48  GLU A OE2 1 
ATOM   306 N  N   . ILE A 1 68  ? 5.125   -1.684  -7.599  1.00 5.01  ? 49  ILE A N   1 
ATOM   307 C  CA  . ILE A 1 68  ? 6.237   -0.778  -7.399  1.00 4.62  ? 49  ILE A CA  1 
ATOM   308 C  C   . ILE A 1 68  ? 7.375   -1.224  -8.301  1.00 5.26  ? 49  ILE A C   1 
ATOM   309 O  O   . ILE A 1 68  ? 7.856   -2.348  -8.154  1.00 5.38  ? 49  ILE A O   1 
ATOM   310 C  CB  . ILE A 1 68  ? 6.689   -0.747  -5.912  1.00 5.23  ? 49  ILE A CB  1 
ATOM   311 C  CG1 . ILE A 1 68  ? 5.508   -0.425  -5.010  1.00 5.88  ? 49  ILE A CG1 1 
ATOM   312 C  CG2 . ILE A 1 68  ? 7.788   0.261   -5.735  1.00 5.22  ? 49  ILE A CG2 1 
ATOM   313 C  CD1 . ILE A 1 68  ? 5.813   -0.513  -3.517  1.00 6.97  ? 49  ILE A CD1 1 
ATOM   314 N  N   . ASN A 1 69  ? 7.773   -0.361  -9.259  1.00 5.02  ? 50  ASN A N   1 
ATOM   315 C  CA  . ASN A 1 69  ? 8.815   -0.736  -10.209 1.00 5.31  ? 50  ASN A CA  1 
ATOM   316 C  C   . ASN A 1 69  ? 8.468   -1.993  -10.929 1.00 5.64  ? 50  ASN A C   1 
ATOM   317 O  O   . ASN A 1 69  ? 9.395   -2.791  -11.254 1.00 6.10  ? 50  ASN A O   1 
ATOM   318 C  CB  . ASN A 1 69  ? 10.166  -0.869  -9.518  1.00 5.53  ? 50  ASN A CB  1 
ATOM   319 C  CG  . ASN A 1 69  ? 11.319  -0.942  -10.504 1.00 6.30  ? 50  ASN A CG  1 
ATOM   320 O  OD1 . ASN A 1 69  ? 11.313  -0.230  -11.534 1.00 7.64  ? 50  ASN A OD1 1 
ATOM   321 N  ND2 . ASN A 1 69  ? 12.352  -1.656  -10.154 1.00 6.00  ? 50  ASN A ND2 1 
ATOM   322 N  N   . GLY A 1 70  ? 7.198   -2.231  -11.217 1.00 5.31  ? 51  GLY A N   1 
ATOM   323 C  CA  . GLY A 1 70  ? 6.777   -3.408  -11.917 1.00 6.44  ? 51  GLY A CA  1 
ATOM   324 C  C   . GLY A 1 70  ? 6.526   -4.632  -11.096 1.00 7.11  ? 51  GLY A C   1 
ATOM   325 O  O   . GLY A 1 70  ? 5.989   -5.625  -11.612 1.00 8.84  ? 51  GLY A O   1 
ATOM   326 N  N   . GLU A 1 71  ? 6.939   -4.641  -9.846  1.00 5.55  ? 52  GLU A N   1 
ATOM   327 C  CA  . GLU A 1 71  ? 6.817   -5.800  -8.942  1.00 5.98  ? 52  GLU A CA  1 
ATOM   328 C  C   . GLU A 1 71  ? 5.529   -5.651  -8.125  1.00 5.11  ? 52  GLU A C   1 
ATOM   329 O  O   . GLU A 1 71  ? 5.327   -4.581  -7.554  1.00 5.53  ? 52  GLU A O   1 
ATOM   330 C  CB  . GLU A 1 71  ? 8.022   -5.896  -8.038  1.00 5.56  ? 52  GLU A CB  1 
ATOM   331 C  CG  . GLU A 1 71  ? 7.953   -7.046  -7.042  1.00 6.09  ? 52  GLU A CG  1 
ATOM   332 C  CD  . GLU A 1 71  ? 7.903   -8.433  -7.636  1.00 6.51  ? 52  GLU A CD  1 
ATOM   333 O  OE1 . GLU A 1 71  ? 8.036   -8.635  -8.822  1.00 7.67  ? 52  GLU A OE1 1 
ATOM   334 O  OE2 . GLU A 1 71  ? 7.717   -9.389  -6.806  1.00 7.78  ? 52  GLU A OE2 1 
ATOM   335 N  N   . THR A 1 72  ? 4.782   -6.675  -8.068  1.00 5.80  ? 53  THR A N   1 
ATOM   336 C  CA  . THR A 1 72  ? 3.527   -6.644  -7.252  1.00 6.29  ? 53  THR A CA  1 
ATOM   337 C  C   . THR A 1 72  ? 3.816   -7.123  -5.902  1.00 5.90  ? 53  THR A C   1 
ATOM   338 O  O   . THR A 1 72  ? 4.265   -8.275  -5.706  1.00 6.34  ? 53  THR A O   1 
ATOM   339 C  CB  . THR A 1 72  ? 2.385   -7.481  -7.880  1.00 7.50  ? 53  THR A CB  1 
ATOM   340 O  OG1 . THR A 1 72  ? 2.207   -7.094  -9.269  1.00 10.58 ? 53  THR A OG1 1 
ATOM   341 C  CG2 . THR A 1 72  ? 1.087   -7.206  -7.185  1.00 8.59  ? 53  THR A CG2 1 
ATOM   342 N  N   . TYR A 1 73  ? 3.536   -6.276  -4.928  1.00 5.43  ? 54  TYR A N   1 
ATOM   343 C  CA  . TYR A 1 73  ? 3.677   -6.552  -3.491  1.00 5.47  ? 54  TYR A CA  1 
ATOM   344 C  C   . TYR A 1 73  ? 2.309   -6.591  -2.893  1.00 5.92  ? 54  TYR A C   1 
ATOM   345 O  O   . TYR A 1 73  ? 1.433   -5.788  -3.234  1.00 7.14  ? 54  TYR A O   1 
ATOM   346 C  CB  . TYR A 1 73  ? 4.501   -5.407  -2.836  1.00 5.79  ? 54  TYR A CB  1 
ATOM   347 C  CG  . TYR A 1 73  ? 5.892   -5.394  -3.245  1.00 5.17  ? 54  TYR A CG  1 
ATOM   348 C  CD1 . TYR A 1 73  ? 6.807   -6.170  -2.567  1.00 5.30  ? 54  TYR A CD1 1 
ATOM   349 C  CD2 . TYR A 1 73  ? 6.395   -4.563  -4.232  1.00 4.74  ? 54  TYR A CD2 1 
ATOM   350 C  CE1 . TYR A 1 73  ? 8.153   -6.185  -2.872  1.00 5.50  ? 54  TYR A CE1 1 
ATOM   351 C  CE2 . TYR A 1 73  ? 7.749   -4.554  -4.566  1.00 5.19  ? 54  TYR A CE2 1 
ATOM   352 C  CZ  . TYR A 1 73  ? 8.630   -5.371  -3.881  1.00 5.14  ? 54  TYR A CZ  1 
ATOM   353 O  OH  . TYR A 1 73  ? 9.975   -5.281  -4.104  1.00 6.43  ? 54  TYR A OH  1 
ATOM   354 N  N   . THR A 1 74  ? 2.048   -7.560  -2.031  1.00 6.01  ? 55  THR A N   1 
ATOM   355 C  CA  . THR A 1 74  ? 0.714   -7.795  -1.478  1.00 6.78  ? 55  THR A CA  1 
ATOM   356 C  C   . THR A 1 74  ? 0.737   -8.046  -0.025  1.00 6.92  ? 55  THR A C   1 
ATOM   357 O  O   . THR A 1 74  ? 1.647   -8.760  0.493   1.00 7.51  ? 55  THR A O   1 
ATOM   358 C  CB  . THR A 1 74  ? 0.037   -8.982  -2.170  1.00 7.79  ? 55  THR A CB  1 
ATOM   359 O  OG1 . THR A 1 74  ? 0.121   -8.820  -3.580  1.00 8.35  ? 55  THR A OG1 1 
ATOM   360 C  CG2 . THR A 1 74  ? -1.425  -9.116  -1.786  1.00 9.33  ? 55  THR A CG2 1 
ATOM   361 N  N   . THR A 1 75  ? -0.218  -7.499  0.688   1.00 6.03  ? 56  THR A N   1 
ATOM   362 C  CA  . THR A 1 75  ? -0.483  -7.840  2.106   1.00 6.63  ? 56  THR A CA  1 
ATOM   363 C  C   . THR A 1 75  ? -1.961  -7.875  2.272   1.00 6.21  ? 56  THR A C   1 
ATOM   364 O  O   . THR A 1 75  ? -2.755  -7.910  1.356   1.00 6.22  ? 56  THR A O   1 
ATOM   365 C  CB  . THR A 1 75  ? 0.283   -6.864  2.993   1.00 7.20  ? 56  THR A CB  1 
ATOM   366 O  OG1 . THR A 1 75  ? 0.228   -7.391  4.364   1.00 7.65  ? 56  THR A OG1 1 
ATOM   367 C  CG2 . THR A 1 75  ? -0.232  -5.423  2.979   1.00 8.00  ? 56  THR A CG2 1 
ATOM   368 N  N   . THR A 1 76  ? -2.376  -7.878  3.547   1.00 6.29  ? 57  THR A N   1 
ATOM   369 C  CA  . THR A 1 76  ? -3.785  -7.878  3.891   1.00 7.06  ? 57  THR A CA  1 
ATOM   370 C  C   . THR A 1 76  ? -4.067  -6.796  4.925   1.00 5.77  ? 57  THR A C   1 
ATOM   371 O  O   . THR A 1 76  ? -3.191  -6.392  5.701   1.00 7.03  ? 57  THR A O   1 
ATOM   372 C  CB  . THR A 1 76  ? -4.267  -9.229  4.436   1.00 7.56  ? 57  THR A CB  1 
ATOM   373 O  OG1 . THR A 1 76  ? -3.471  -9.612  5.546   1.00 10.62 ? 57  THR A OG1 1 
ATOM   374 C  CG2 . THR A 1 76  ? -4.188  -10.293 3.381   1.00 8.90  ? 57  THR A CG2 1 
ATOM   375 N  N   . VAL A 1 77  ? -5.303  -6.336  4.926   1.00 5.25  ? 58  VAL A N   1 
ATOM   376 C  CA  . VAL A 1 77  ? -5.740  -5.363  5.951   1.00 5.41  ? 58  VAL A CA  1 
ATOM   377 C  C   . VAL A 1 77  ? -5.857  -6.067  7.307   1.00 5.92  ? 58  VAL A C   1 
ATOM   378 O  O   . VAL A 1 77  ? -6.394  -7.172  7.416   1.00 7.03  ? 58  VAL A O   1 
ATOM   379 C  CB  . VAL A 1 77  ? -7.062  -4.749  5.586   1.00 5.52  ? 58  VAL A CB  1 
ATOM   380 C  CG1 . VAL A 1 77  ? -7.581  -3.784  6.651   1.00 6.93  ? 58  VAL A CG1 1 
ATOM   381 C  CG2 . VAL A 1 77  ? -7.027  -4.053  4.234   1.00 5.46  ? 58  VAL A CG2 1 
ATOM   382 N  N   . ASP A 1 78  ? -5.273  -5.487  8.354   1.00 6.26  ? 59  ASP A N   1 
ATOM   383 C  CA  . ASP A 1 78  ? -5.267  -6.074  9.706   1.00 6.96  ? 59  ASP A CA  1 
ATOM   384 C  C   . ASP A 1 78  ? -6.566  -5.692  10.374  1.00 7.32  ? 59  ASP A C   1 
ATOM   385 O  O   . ASP A 1 78  ? -7.492  -5.108  9.834   1.00 7.67  ? 59  ASP A O   1 
ATOM   386 C  CB  . ASP A 1 78  ? -4.026  -5.708  10.456  1.00 7.59  ? 59  ASP A CB  1 
ATOM   387 C  CG  . ASP A 1 78  ? -3.988  -4.306  10.994  1.00 8.53  ? 59  ASP A CG  1 
ATOM   388 O  OD1 . ASP A 1 78  ? -5.008  -3.591  11.039  1.00 7.64  ? 59  ASP A OD1 1 
ATOM   389 O  OD2 . ASP A 1 78  ? -2.898  -3.921  11.487  1.00 12.00 ? 59  ASP A OD2 1 
ATOM   390 N  N   . ALA A 1 79  ? -6.652  -6.140  11.655  1.00 8.74  ? 60  ALA A N   1 
ATOM   391 C  CA  . ALA A 1 79  ? -7.883  -6.033  12.368  1.00 8.28  ? 60  ALA A CA  1 
ATOM   392 C  C   . ALA A 1 79  ? -8.215  -4.619  12.749  1.00 7.74  ? 60  ALA A C   1 
ATOM   393 O  O   . ALA A 1 79  ? -9.379  -4.310  13.108  1.00 9.64  ? 60  ALA A O   1 
ATOM   394 C  CB  . ALA A 1 79  ? -7.777  -6.855  13.687  1.00 10.82 ? 60  ALA A CB  1 
ATOM   395 N  N   . ASN A 1 80  ? -7.317  -3.666  12.627  1.00 6.87  ? 61  ASN A N   1 
ATOM   396 C  CA  . ASN A 1 80  ? -7.459  -2.324  13.058  1.00 7.39  ? 61  ASN A CA  1 
ATOM   397 C  C   . ASN A 1 80  ? -7.483  -1.307  11.930  1.00 7.85  ? 61  ASN A C   1 
ATOM   398 O  O   . ASN A 1 80  ? -7.327  -0.176  12.147  1.00 9.46  ? 61  ASN A O   1 
ATOM   399 C  CB  . ASN A 1 80  ? -6.305  -1.953  13.992  1.00 8.89  ? 61  ASN A CB  1 
ATOM   400 C  CG  . ASN A 1 80  ? -6.093  -2.998  15.093  1.00 8.46  ? 61  ASN A CG  1 
ATOM   401 O  OD1 . ASN A 1 80  ? -7.042  -3.519  15.733  1.00 8.86  ? 61  ASN A OD1 1 
ATOM   402 N  ND2 . ASN A 1 80  ? -4.878  -3.421  15.206  1.00 8.40  ? 61  ASN A ND2 1 
ATOM   403 N  N   . GLY A 1 81  ? -7.668  -1.808  10.725  1.00 7.65  ? 62  GLY A N   1 
ATOM   404 C  CA  . GLY A 1 81  ? -7.679  -0.887  9.569   1.00 8.79  ? 62  GLY A CA  1 
ATOM   405 C  C   . GLY A 1 81  ? -6.332  -0.474  9.045   1.00 7.55  ? 62  GLY A C   1 
ATOM   406 O  O   . GLY A 1 81  ? -6.296  0.615   8.406   1.00 9.17  ? 62  GLY A O   1 
ATOM   407 N  N   . GLU A 1 82  ? -5.254  -1.143  9.362   1.00 7.42  ? 63  GLU A N   1 
ATOM   408 C  CA  . GLU A 1 82  ? -3.960  -0.802  8.951   1.00 7.32  ? 63  GLU A CA  1 
ATOM   409 C  C   . GLU A 1 82  ? -3.366  -1.939  8.152   1.00 6.67  ? 63  GLU A C   1 
ATOM   410 O  O   . GLU A 1 82  ? -3.862  -3.031  8.139   1.00 7.75  ? 63  GLU A O   1 
ATOM   411 C  CB  . GLU A 1 82  ? -3.067  -0.508  10.173  1.00 9.10  ? 63  GLU A CB  1 
ATOM   412 C  CG  . GLU A 1 82  ? -3.659  0.680   10.922  1.00 12.86 ? 63  GLU A CG  1 
ATOM   413 C  CD  . GLU A 1 82  ? -2.824  1.172   12.094  1.00 19.93 ? 63  GLU A CD  1 
ATOM   414 O  OE1 . GLU A 1 82  ? -2.223  0.356   12.752  1.00 16.93 ? 63  GLU A OE1 1 
ATOM   415 O  OE2 . GLU A 1 82  ? -2.861  2.417   12.366  1.00 29.68 ? 63  GLU A OE2 1 
ATOM   416 N  N   . TRP A 1 83  ? -2.320  -1.626  7.422   1.00 6.47  ? 64  TRP A N   1 
ATOM   417 C  CA  . TRP A 1 83  ? -1.604  -2.605  6.643   1.00 5.64  ? 64  TRP A CA  1 
ATOM   418 C  C   . TRP A 1 83  ? -0.172  -2.236  6.527   1.00 5.57  ? 64  TRP A C   1 
ATOM   419 O  O   . TRP A 1 83  ? 0.209   -1.067  6.638   1.00 6.51  ? 64  TRP A O   1 
ATOM   420 C  CB  . TRP A 1 83  ? -2.220  -2.793  5.273   1.00 5.41  ? 64  TRP A CB  1 
ATOM   421 C  CG  . TRP A 1 83  ? -2.376  -1.555  4.462   1.00 5.28  ? 64  TRP A CG  1 
ATOM   422 C  CD1 . TRP A 1 83  ? -3.445  -0.778  4.432   1.00 6.19  ? 64  TRP A CD1 1 
ATOM   423 C  CD2 . TRP A 1 83  ? -1.402  -0.946  3.571   1.00 5.51  ? 64  TRP A CD2 1 
ATOM   424 N  NE1 . TRP A 1 83  ? -3.222  0.318   3.595   1.00 5.84  ? 64  TRP A NE1 1 
ATOM   425 C  CE2 . TRP A 1 83  ? -1.956  0.222   3.096   1.00 5.13  ? 64  TRP A CE2 1 
ATOM   426 C  CE3 . TRP A 1 83  ? -0.092  -1.257  3.243   1.00 5.05  ? 64  TRP A CE3 1 
ATOM   427 C  CZ2 . TRP A 1 83  ? -1.257  1.053   2.238   1.00 5.46  ? 64  TRP A CZ2 1 
ATOM   428 C  CZ3 . TRP A 1 83  ? 0.586   -0.411  2.366   1.00 5.22  ? 64  TRP A CZ3 1 
ATOM   429 C  CH2 . TRP A 1 83  ? 0.006   0.710   1.896   1.00 5.51  ? 64  TRP A CH2 1 
ATOM   430 N  N   . SER A 1 84  ? 0.688   -3.231  6.308   1.00 5.91  ? 65  SER A N   1 
ATOM   431 C  CA  . SER A 1 84  ? 2.102   -3.024  6.066   1.00 6.38  ? 65  SER A CA  1 
ATOM   432 C  C   . SER A 1 84  ? 2.656   -4.111  5.198   1.00 6.16  ? 65  SER A C   1 
ATOM   433 O  O   . SER A 1 84  ? 2.284   -5.268  5.394   1.00 7.54  ? 65  SER A O   1 
ATOM   434 C  CB  . SER A 1 84  ? 2.866   -3.025  7.414   1.00 8.32  ? 65  SER A CB  1 
ATOM   435 O  OG  . SER A 1 84  ? 4.219   -2.616  7.247   1.00 9.84  ? 65  SER A OG  1 
ATOM   436 N  N   . VAL A 1 85  ? 3.526   -3.777  4.259   1.00 6.32  ? 66  VAL A N   1 
ATOM   437 C  CA  . VAL A 1 85  ? 4.153   -4.768  3.398   1.00 7.16  ? 66  VAL A CA  1 
ATOM   438 C  C   . VAL A 1 85  ? 5.623   -4.431  3.257   1.00 6.81  ? 66  VAL A C   1 
ATOM   439 O  O   . VAL A 1 85  ? 5.998   -3.265  3.112   1.00 6.77  ? 66  VAL A O   1 
ATOM   440 C  CB  . VAL A 1 85  ? 3.397   -4.853  2.030   1.00 8.07  ? 66  VAL A CB  1 
ATOM   441 C  CG1 . VAL A 1 85  ? 3.387   -3.529  1.256   1.00 7.71  ? 66  VAL A CG1 1 
ATOM   442 C  CG2 . VAL A 1 85  ? 3.960   -5.996  1.167   1.00 9.01  ? 66  VAL A CG2 1 
ATOM   443 N  N   . ASP A 1 86  ? 6.487   -5.426  3.263   1.00 7.10  ? 67  ASP A N   1 
ATOM   444 C  CA  . ASP A 1 86  ? 7.861   -5.281  3.045   1.00 7.61  ? 67  ASP A CA  1 
ATOM   445 C  C   . ASP A 1 86  ? 8.168   -5.223  1.581   1.00 7.50  ? 67  ASP A C   1 
ATOM   446 O  O   . ASP A 1 86  ? 7.797   -6.126  0.824   1.00 9.28  ? 67  ASP A O   1 
ATOM   447 C  CB  . ASP A 1 86  ? 8.671   -6.407  3.773   1.00 8.58  ? 67  ASP A CB  1 
ATOM   448 C  CG  . ASP A 1 86  ? 8.746   -6.150  5.240   1.00 11.45 ? 67  ASP A CG  1 
ATOM   449 O  OD1 . ASP A 1 86  ? 8.390   -5.147  5.824   1.00 12.52 ? 67  ASP A OD1 1 
ATOM   450 O  OD2 . ASP A 1 86  ? 9.347   -7.103  5.899   1.00 18.59 ? 67  ASP A OD2 1 
ATOM   451 N  N   . VAL A 1 87  ? 8.899   -4.211  1.171   1.00 6.78  ? 68  VAL A N   1 
ATOM   452 C  CA  . VAL A 1 87  ? 9.243   -3.918  -0.222  1.00 7.37  ? 68  VAL A CA  1 
ATOM   453 C  C   . VAL A 1 87  ? 10.729  -3.814  -0.386  1.00 7.04  ? 68  VAL A C   1 
ATOM   454 O  O   . VAL A 1 87  ? 11.423  -3.285  0.537   1.00 7.84  ? 68  VAL A O   1 
ATOM   455 C  CB  . VAL A 1 87  ? 8.564   -2.598  -0.639  1.00 7.87  ? 68  VAL A CB  1 
ATOM   456 C  CG1 . VAL A 1 87  ? 8.928   -2.061  -2.029  1.00 9.52  ? 68  VAL A CG1 1 
ATOM   457 C  CG2 . VAL A 1 87  ? 7.039   -2.778  -0.509  1.00 8.20  ? 68  VAL A CG2 1 
ATOM   458 N  N   . ALA A 1 88  ? 11.307  -4.226  -1.480  1.00 5.37  ? 69  ALA A N   1 
ATOM   459 C  CA  . ALA A 1 88  ? 12.663  -3.978  -1.745  1.00 5.38  ? 69  ALA A CA  1 
ATOM   460 C  C   . ALA A 1 88  ? 12.920  -2.478  -1.806  1.00 6.55  ? 69  ALA A C   1 
ATOM   461 O  O   . ALA A 1 88  ? 12.326  -1.770  -2.595  1.00 6.24  ? 69  ALA A O   1 
ATOM   462 C  CB  . ALA A 1 88  ? 13.128  -4.683  -3.010  1.00 5.94  ? 69  ALA A CB  1 
ATOM   463 N  N   . GLY A 1 89  ? 13.920  -1.961  -1.056  1.00 6.13  ? 70  GLY A N   1 
ATOM   464 C  CA  . GLY A 1 89  ? 14.272  -0.551  -1.099  1.00 6.03  ? 70  GLY A CA  1 
ATOM   465 C  C   . GLY A 1 89  ? 14.661  -0.168  -2.518  1.00 6.09  ? 70  GLY A C   1 
ATOM   466 O  O   . GLY A 1 89  ? 14.468  0.946   -2.937  1.00 6.00  ? 70  GLY A O   1 
ATOM   467 N  N   . SER A 1 90  ? 15.225  -1.081  -3.302  1.00 5.66  ? 71  SER A N   1 
ATOM   468 C  CA  . SER A 1 90  ? 15.665  -0.764  -4.633  1.00 5.75  ? 71  SER A CA  1 
ATOM   469 C  C   . SER A 1 90  ? 14.495  -0.509  -5.560  1.00 5.04  ? 71  SER A C   1 
ATOM   470 O  O   . SER A 1 90  ? 14.566  0.288   -6.517  1.00 5.18  ? 71  SER A O   1 
ATOM   471 C  CB  . SER A 1 90  ? 16.651  -1.751  -5.186  1.00 6.12  ? 71  SER A CB  1 
ATOM   472 O  OG  . SER A 1 90  ? 16.011  -3.042  -5.303  1.00 6.64  ? 71  SER A OG  1 
ATOM   473 N  N   . ASP A 1 91  ? 13.379  -1.183  -5.338  1.00 4.46  ? 72  ASP A N   1 
ATOM   474 C  CA  . ASP A 1 91  ? 12.154  -0.922  -6.089  1.00 5.05  ? 72  ASP A CA  1 
ATOM   475 C  C   . ASP A 1 91  ? 11.647  0.492   -5.767  1.00 5.00  ? 72  ASP A C   1 
ATOM   476 O  O   . ASP A 1 91  ? 11.172  1.178   -6.690  1.00 4.73  ? 72  ASP A O   1 
ATOM   477 C  CB  . ASP A 1 91  ? 11.116  -2.047  -5.867  1.00 4.52  ? 72  ASP A CB  1 
ATOM   478 C  CG  . ASP A 1 91  ? 11.462  -3.305  -6.660  1.00 5.43  ? 72  ASP A CG  1 
ATOM   479 O  OD1 . ASP A 1 91  ? 12.173  -3.239  -7.682  1.00 5.95  ? 72  ASP A OD1 1 
ATOM   480 O  OD2 . ASP A 1 91  ? 11.011  -4.403  -6.237  1.00 5.49  ? 72  ASP A OD2 1 
ATOM   481 N  N   . LEU A 1 92  ? 11.692  0.906   -4.501  1.00 4.72  ? 73  LEU A N   1 
ATOM   482 C  CA  . LEU A 1 92  ? 11.279  2.227   -4.103  1.00 5.24  ? 73  LEU A CA  1 
ATOM   483 C  C   . LEU A 1 92  ? 12.252  3.261   -4.623  1.00 5.14  ? 73  LEU A C   1 
ATOM   484 O  O   . LEU A 1 92  ? 11.824  4.376   -4.923  1.00 6.45  ? 73  LEU A O   1 
ATOM   485 C  CB  . LEU A 1 92  ? 11.101  2.316   -2.594  1.00 5.49  ? 73  LEU A CB  1 
ATOM   486 C  CG  . LEU A 1 92  ? 9.967   1.498   -2.034  1.00 5.24  ? 73  LEU A CG  1 
ATOM   487 C  CD1 . LEU A 1 92  ? 10.161  1.341   -0.536  1.00 7.00  ? 73  LEU A CD1 1 
ATOM   488 C  CD2 . LEU A 1 92  ? 8.653   2.179   -2.329  1.00 5.60  ? 73  LEU A CD2 1 
ATOM   489 N  N   . ALA A 1 93  ? 13.533  2.961   -4.764  1.00 5.39  ? 74  ALA A N   1 
ATOM   490 C  CA  . ALA A 1 93  ? 14.464  3.888   -5.309  1.00 5.55  ? 74  ALA A CA  1 
ATOM   491 C  C   . ALA A 1 93  ? 14.240  4.080   -6.794  1.00 6.16  ? 74  ALA A C   1 
ATOM   492 O  O   . ALA A 1 93  ? 14.561  5.164   -7.357  1.00 7.33  ? 74  ALA A O   1 
ATOM   493 C  CB  . ALA A 1 93  ? 15.879  3.482   -5.064  1.00 6.78  ? 74  ALA A CB  1 
ATOM   494 N  N   . ALA A 1 94  ? 13.688  3.097   -7.513  1.00 6.49  ? 75  ALA A N   1 
ATOM   495 C  CA  . ALA A 1 94  ? 13.415  3.141   -8.934  1.00 6.50  ? 75  ALA A CA  1 
ATOM   496 C  C   . ALA A 1 94  ? 12.115  3.714   -9.281  1.00 7.76  ? 75  ALA A C   1 
ATOM   497 O  O   . ALA A 1 94  ? 12.010  4.245   -10.403 1.00 10.14 ? 75  ALA A O   1 
ATOM   498 C  CB  . ALA A 1 94  ? 13.504  1.737   -9.471  1.00 7.64  ? 75  ALA A CB  1 
ATOM   499 N  N   . ASP A 1 95  ? 11.106  3.684   -8.398  1.00 5.75  ? 76  ASP A N   1 
ATOM   500 C  CA  . ASP A 1 95  ? 9.701   4.053   -8.687  1.00 5.63  ? 76  ASP A CA  1 
ATOM   501 C  C   . ASP A 1 95  ? 9.178   4.907   -7.601  1.00 5.66  ? 76  ASP A C   1 
ATOM   502 O  O   . ASP A 1 95  ? 9.020   4.464   -6.503  1.00 6.31  ? 76  ASP A O   1 
ATOM   503 C  CB  . ASP A 1 95  ? 8.863   2.820   -8.878  1.00 5.45  ? 76  ASP A CB  1 
ATOM   504 C  CG  . ASP A 1 95  ? 7.431   3.076   -9.325  1.00 5.63  ? 76  ASP A CG  1 
ATOM   505 O  OD1 . ASP A 1 95  ? 7.176   4.327   -9.678  1.00 6.72  ? 76  ASP A OD1 1 
ATOM   506 O  OD2 . ASP A 1 95  ? 6.595   2.207   -9.344  1.00 5.35  ? 76  ASP A OD2 1 
ATOM   507 N  N   . THR A 1 96  ? 8.963   6.203   -7.890  1.00 5.92  ? 77  THR A N   1 
ATOM   508 C  CA  . THR A 1 96  ? 8.612   7.242   -6.918  1.00 6.89  ? 77  THR A CA  1 
ATOM   509 C  C   . THR A 1 96  ? 7.137   7.479   -6.819  1.00 6.41  ? 77  THR A C   1 
ATOM   510 O  O   . THR A 1 96  ? 6.781   8.377   -6.061  1.00 7.98  ? 77  THR A O   1 
ATOM   511 C  CB  . THR A 1 96  ? 9.418   8.543   -7.203  1.00 8.01  ? 77  THR A CB  1 
ATOM   512 O  OG1 . THR A 1 96  ? 9.118   8.926   -8.528  1.00 10.13 ? 77  THR A OG1 1 
ATOM   513 C  CG2 . THR A 1 96  ? 10.860  8.332   -6.959  1.00 10.41 ? 77  THR A CG2 1 
ATOM   514 N  N   . ALA A 1 97  ? 6.276   6.713   -7.467  1.00 6.28  ? 78  ALA A N   1 
ATOM   515 C  CA  . ALA A 1 97  ? 4.834   6.909   -7.362  1.00 6.30  ? 78  ALA A CA  1 
ATOM   516 C  C   . ALA A 1 97  ? 4.165   5.595   -7.574  1.00 6.65  ? 78  ALA A C   1 
ATOM   517 O  O   . ALA A 1 97  ? 4.510   4.823   -8.478  1.00 7.37  ? 78  ALA A O   1 
ATOM   518 C  CB  . ALA A 1 97  ? 4.385   7.859   -8.504  1.00 7.22  ? 78  ALA A CB  1 
ATOM   519 N  N   . PHE A 1 98  ? 3.181   5.242   -6.722  1.00 5.88  ? 79  PHE A N   1 
ATOM   520 C  CA  . PHE A 1 98  ? 2.469   3.986   -6.841  1.00 5.93  ? 79  PHE A CA  1 
ATOM   521 C  C   . PHE A 1 98  ? 1.111   4.117   -6.150  1.00 5.83  ? 79  PHE A C   1 
ATOM   522 O  O   . PHE A 1 98  ? 0.932   5.017   -5.357  1.00 6.87  ? 79  PHE A O   1 
ATOM   523 C  CB  . PHE A 1 98  ? 3.302   2.801   -6.315  1.00 6.34  ? 79  PHE A CB  1 
ATOM   524 C  CG  . PHE A 1 98  ? 3.686   2.899   -4.891  1.00 6.51  ? 79  PHE A CG  1 
ATOM   525 C  CD1 . PHE A 1 98  ? 2.776   2.574   -3.900  1.00 6.83  ? 79  PHE A CD1 1 
ATOM   526 C  CD2 . PHE A 1 98  ? 4.934   3.351   -4.474  1.00 7.61  ? 79  PHE A CD2 1 
ATOM   527 C  CE1 . PHE A 1 98  ? 3.098   2.616   -2.519  1.00 8.18  ? 79  PHE A CE1 1 
ATOM   528 C  CE2 . PHE A 1 98  ? 5.225   3.392   -3.098  1.00 7.49  ? 79  PHE A CE2 1 
ATOM   529 C  CZ  . PHE A 1 98  ? 4.308   3.066   -2.188  1.00 8.23  ? 79  PHE A CZ  1 
ATOM   530 N  N   . ASP A 1 99  ? 0.239   3.216   -6.473  1.00 6.62  ? 80  ASP A N   1 
ATOM   531 C  CA  . ASP A 1 99  ? -1.051  3.066   -5.811  1.00 7.46  ? 80  ASP A CA  1 
ATOM   532 C  C   . ASP A 1 99  ? -1.037  1.880   -4.879  1.00 7.35  ? 80  ASP A C   1 
ATOM   533 O  O   . ASP A 1 99  ? -0.412  0.886   -5.150  1.00 8.24  ? 80  ASP A O   1 
ATOM   534 C  CB  . ASP A 1 99  ? -2.154  2.841   -6.848  1.00 9.52  ? 80  ASP A CB  1 
ATOM   535 C  CG  . ASP A 1 99  ? -2.458  4.031   -7.681  1.00 12.23 ? 80  ASP A CG  1 
ATOM   536 O  OD1 . ASP A 1 99  ? -2.145  5.163   -7.291  1.00 12.72 ? 80  ASP A OD1 1 
ATOM   537 O  OD2 . ASP A 1 99  ? -3.075  3.728   -8.692  1.00 18.54 ? 80  ASP A OD2 1 
ATOM   538 N  N   . ALA A 1 100 ? -1.785  1.988   -3.805  1.00 6.91  ? 81  ALA A N   1 
ATOM   539 C  CA  . ALA A 1 100 ? -2.226  0.818   -2.981  1.00 6.10  ? 81  ALA A CA  1 
ATOM   540 C  C   . ALA A 1 100 ? -3.676  0.596   -3.260  1.00 6.20  ? 81  ALA A C   1 
ATOM   541 O  O   . ALA A 1 100 ? -4.505  1.497   -3.099  1.00 6.68  ? 81  ALA A O   1 
ATOM   542 C  CB  . ALA A 1 100 ? -1.968  1.105   -1.476  1.00 7.06  ? 81  ALA A CB  1 
ATOM   543 N  N   . VAL A 1 101 ? -3.996  -0.627  -3.691  1.00 6.21  ? 82  VAL A N   1 
ATOM   544 C  CA  . VAL A 1 101 ? -5.322  -0.989  -4.058  1.00 6.13  ? 82  VAL A CA  1 
ATOM   545 C  C   . VAL A 1 101 ? -5.865  -2.074  -3.165  1.00 5.86  ? 82  VAL A C   1 
ATOM   546 O  O   . VAL A 1 101 ? -5.240  -3.158  -3.043  1.00 5.91  ? 82  VAL A O   1 
ATOM   547 C  CB  . VAL A 1 101 ? -5.383  -1.451  -5.528  1.00 7.10  ? 82  VAL A CB  1 
ATOM   548 C  CG1 . VAL A 1 101 ? -6.809  -1.843  -5.847  1.00 8.86  ? 82  VAL A CG1 1 
ATOM   549 C  CG2 . VAL A 1 101 ? -4.855  -0.384  -6.406  1.00 7.98  ? 82  VAL A CG2 1 
ATOM   550 N  N   . VAL A 1 102 ? -6.976  -1.829  -2.495  1.00 5.38  ? 83  VAL A N   1 
ATOM   551 C  CA  . VAL A 1 102 ? -7.609  -2.818  -1.582  1.00 5.66  ? 83  VAL A CA  1 
ATOM   552 C  C   . VAL A 1 102 ? -8.825  -3.371  -2.270  1.00 6.26  ? 83  VAL A C   1 
ATOM   553 O  O   . VAL A 1 102 ? -9.662  -2.621  -2.790  1.00 6.63  ? 83  VAL A O   1 
ATOM   554 C  CB  . VAL A 1 102 ? -7.990  -2.154  -0.259  1.00 5.97  ? 83  VAL A CB  1 
ATOM   555 C  CG1 . VAL A 1 102 ? -8.730  -3.104  0.630   1.00 6.20  ? 83  VAL A CG1 1 
ATOM   556 C  CG2 . VAL A 1 102 ? -6.713  -1.682  0.400   1.00 5.99  ? 83  VAL A CG2 1 
ATOM   557 N  N   . THR A 1 103 ? -8.938  -4.688  -2.292  1.00 6.97  ? 84  THR A N   1 
ATOM   558 C  CA  . THR A 1 103 ? -10.075 -5.365  -2.872  1.00 7.78  ? 84  THR A CA  1 
ATOM   559 C  C   . THR A 1 103 ? -10.968 -5.849  -1.749  1.00 7.12  ? 84  THR A C   1 
ATOM   560 O  O   . THR A 1 103 ? -10.501 -6.554  -0.852  1.00 7.29  ? 84  THR A O   1 
ATOM   561 C  CB  . THR A 1 103 ? -9.617  -6.526  -3.727  1.00 8.77  ? 84  THR A CB  1 
ATOM   562 O  OG1 . THR A 1 103 ? -8.790  -6.058  -4.756  1.00 11.51 ? 84  THR A OG1 1 
ATOM   563 C  CG2 . THR A 1 103 ? -10.841 -7.207  -4.341  1.00 10.24 ? 84  THR A CG2 1 
ATOM   564 N  N   . SER A 1 104 ? -12.250 -5.454  -1.801  1.00 7.54  ? 85  SER A N   1 
ATOM   565 C  CA  . SER A 1 104 ? -13.202 -5.760  -0.733  1.00 7.42  ? 85  SER A CA  1 
ATOM   566 C  C   . SER A 1 104 ? -14.439 -6.404  -1.321  1.00 8.56  ? 85  SER A C   1 
ATOM   567 O  O   . SER A 1 104 ? -14.692 -6.326  -2.515  1.00 8.54  ? 85  SER A O   1 
ATOM   568 C  CB  . SER A 1 104 ? -13.594 -4.488  -0.056  1.00 8.02  ? 85  SER A CB  1 
ATOM   569 O  OG  . SER A 1 104 ? -12.434 -3.837  0.529   1.00 8.91  ? 85  SER A OG  1 
ATOM   570 N  N   . SER A 1 105 ? -15.190 -7.030  -0.442  1.00 9.84  ? 86  SER A N   1 
ATOM   571 C  CA  . SER A 1 105 ? -16.463 -7.662  -0.809  1.00 11.22 ? 86  SER A CA  1 
ATOM   572 C  C   . SER A 1 105 ? -17.553 -7.280  0.176   1.00 11.39 ? 86  SER A C   1 
ATOM   573 O  O   . SER A 1 105 ? -17.327 -7.065  1.354   1.00 13.09 ? 86  SER A O   1 
ATOM   574 C  CB  . SER A 1 105 ? -16.298 -9.099  -0.818  1.00 13.92 ? 86  SER A CB  1 
ATOM   575 O  OG  . SER A 1 105 ? -15.845 -9.576  0.387   1.00 21.32 ? 86  SER A OG  1 
ATOM   576 N  N   . ASP A 1 106 ? -18.751 -7.211  -0.277  1.00 10.30 ? 87  ASP A N   1 
ATOM   577 C  CA  . ASP A 1 106 ? -19.898 -7.054  0.599   1.00 11.09 ? 87  ASP A CA  1 
ATOM   578 C  C   . ASP A 1 106 ? -20.460 -8.431  0.917   1.00 10.82 ? 87  ASP A C   1 
ATOM   579 O  O   . ASP A 1 106 ? -19.901 -9.485  0.571   1.00 11.21 ? 87  ASP A O   1 
ATOM   580 C  CB  . ASP A 1 106 ? -20.945 -6.106  -0.010  1.00 11.47 ? 87  ASP A CB  1 
ATOM   581 C  CG  . ASP A 1 106 ? -21.679 -6.666  -1.177  1.00 13.41 ? 87  ASP A CG  1 
ATOM   582 O  OD1 . ASP A 1 106 ? -21.592 -7.836  -1.527  1.00 11.67 ? 87  ASP A OD1 1 
ATOM   583 O  OD2 . ASP A 1 106 ? -22.381 -5.859  -1.799  1.00 16.87 ? 87  ASP A OD2 1 
ATOM   584 N  N   . ALA A 1 107 ? -21.561 -8.429  1.668   1.00 10.49 ? 88  ALA A N   1 
ATOM   585 C  CA  . ALA A 1 107 ? -22.111 -9.670  2.196   1.00 10.31 ? 88  ALA A CA  1 
ATOM   586 C  C   . ALA A 1 107 ? -22.708 -10.569 1.151   1.00 9.96  ? 88  ALA A C   1 
ATOM   587 O  O   . ALA A 1 107 ? -22.910 -11.783 1.419   1.00 12.46 ? 88  ALA A O   1 
ATOM   588 C  CB  . ALA A 1 107 ? -23.123 -9.353  3.264   1.00 10.60 ? 88  ALA A CB  1 
ATOM   589 N  N   . ALA A 1 108 ? -23.009 -10.014 0.015   1.00 10.34 ? 89  ALA A N   1 
ATOM   590 C  CA  . ALA A 1 108 ? -23.555 -10.762 -1.138  1.00 11.70 ? 89  ALA A CA  1 
ATOM   591 C  C   . ALA A 1 108 ? -22.421 -11.227 -2.067  1.00 14.36 ? 89  ALA A C   1 
ATOM   592 O  O   . ALA A 1 108 ? -22.687 -11.823 -3.075  1.00 15.65 ? 89  ALA A O   1 
ATOM   593 C  CB  . ALA A 1 108 ? -24.501 -9.914  -1.871  1.00 13.26 ? 89  ALA A CB  1 
ATOM   594 N  N   . GLY A 1 109 ? -21.148 -10.831 -1.802  1.00 13.96 ? 90  GLY A N   1 
ATOM   595 C  CA  . GLY A 1 109 ? -19.956 -11.210 -2.589  1.00 13.19 ? 90  GLY A CA  1 
ATOM   596 C  C   . GLY A 1 109 ? -19.680 -10.240 -3.695  1.00 14.29 ? 90  GLY A C   1 
ATOM   597 O  O   . GLY A 1 109 ? -18.818 -10.542 -4.562  1.00 16.78 ? 90  GLY A O   1 
ATOM   598 N  N   . ASN A 1 110 ? -20.412 -9.163  -3.829  1.00 12.14 ? 91  ASN A N   1 
ATOM   599 C  CA  . ASN A 1 110 ? -20.049 -8.092  -4.760  1.00 12.03 ? 91  ASN A CA  1 
ATOM   600 C  C   . ASN A 1 110 ? -18.637 -7.550  -4.332  1.00 12.29 ? 91  ASN A C   1 
ATOM   601 O  O   . ASN A 1 110 ? -18.340 -7.392  -3.174  1.00 12.50 ? 91  ASN A O   1 
ATOM   602 C  CB  . ASN A 1 110 ? -21.015 -6.925  -4.754  1.00 14.85 ? 91  ASN A CB  1 
ATOM   603 C  CG  . ASN A 1 110 ? -22.410 -7.326  -5.058  1.00 19.60 ? 91  ASN A CG  1 
ATOM   604 O  OD1 . ASN A 1 110 ? -22.629 -8.029  -6.080  1.00 21.20 ? 91  ASN A OD1 1 
ATOM   605 N  ND2 . ASN A 1 110 ? -23.310 -7.051  -4.141  1.00 20.23 ? 91  ASN A ND2 1 
ATOM   606 N  N   . THR A 1 111 ? -17.830 -7.206  -5.298  1.00 11.66 ? 92  THR A N   1 
ATOM   607 C  CA  . THR A 1 111 ? -16.461 -6.747  -5.016  1.00 11.41 ? 92  THR A CA  1 
ATOM   608 C  C   . THR A 1 111 ? -16.276 -5.325  -5.479  1.00 11.31 ? 92  THR A C   1 
ATOM   609 O  O   . THR A 1 111 ? -16.944 -4.776  -6.344  1.00 11.85 ? 92  THR A O   1 
ATOM   610 C  CB  . THR A 1 111 ? -15.419 -7.640  -5.653  1.00 14.38 ? 92  THR A CB  1 
ATOM   611 O  OG1 . THR A 1 111 ? -15.630 -7.541  -7.040  1.00 18.92 ? 92  THR A OG1 1 
ATOM   612 C  CG2 . THR A 1 111 ? -15.595 -9.057  -5.118  1.00 16.67 ? 92  THR A CG2 1 
ATOM   613 N  N   . VAL A 1 112 ? -15.289 -4.647  -4.881  1.00 9.09  ? 93  VAL A N   1 
ATOM   614 C  CA  . VAL A 1 112 ? -14.938 -3.274  -5.184  1.00 8.72  ? 93  VAL A CA  1 
ATOM   615 C  C   . VAL A 1 112 ? -13.467 -3.072  -4.843  1.00 7.27  ? 93  VAL A C   1 
ATOM   616 O  O   . VAL A 1 112 ? -12.966 -3.718  -3.937  1.00 8.63  ? 93  VAL A O   1 
ATOM   617 C  CB  . VAL A 1 112 ? -15.831 -2.282  -4.377  1.00 9.78  ? 93  VAL A CB  1 
ATOM   618 C  CG1 . VAL A 1 112 ? -15.569 -2.339  -2.918  1.00 10.65 ? 93  VAL A CG1 1 
ATOM   619 C  CG2 . VAL A 1 112 ? -15.686 -0.849  -4.887  1.00 12.00 ? 93  VAL A CG2 1 
ATOM   620 N  N   . ASP A 1 113 ? -12.826 -2.222  -5.612  1.00 7.97  ? 94  ASP A N   1 
ATOM   621 C  CA  . ASP A 1 113 ? -11.480 -1.790  -5.319  1.00 8.15  ? 94  ASP A CA  1 
ATOM   622 C  C   . ASP A 1 113 ? -11.466 -0.383  -4.787  1.00 7.68  ? 94  ASP A C   1 
ATOM   623 O  O   . ASP A 1 113 ? -12.152 0.527   -5.311  1.00 10.96 ? 94  ASP A O   1 
ATOM   624 C  CB  . ASP A 1 113 ? -10.632 -1.789  -6.577  1.00 9.72  ? 94  ASP A CB  1 
ATOM   625 C  CG  . ASP A 1 113 ? -10.217 -3.161  -6.974  1.00 11.65 ? 94  ASP A CG  1 
ATOM   626 O  OD1 . ASP A 1 113 ? -10.300 -4.163  -6.273  1.00 13.96 ? 94  ASP A OD1 1 
ATOM   627 O  OD2 . ASP A 1 113 ? -9.740  -3.261  -8.146  1.00 18.63 ? 94  ASP A OD2 1 
ATOM   628 N  N   . THR A 1 114 ? -10.670 -0.129  -3.775  1.00 6.71  ? 95  THR A N   1 
ATOM   629 C  CA  . THR A 1 114 ? -10.418 1.191   -3.193  1.00 6.17  ? 95  THR A CA  1 
ATOM   630 C  C   . THR A 1 114 ? -8.972  1.529   -3.434  1.00 6.49  ? 95  THR A C   1 
ATOM   631 O  O   . THR A 1 114 ? -8.113  0.712   -3.100  1.00 6.62  ? 95  THR A O   1 
ATOM   632 C  CB  . THR A 1 114 ? -10.738 1.244   -1.670  1.00 6.65  ? 95  THR A CB  1 
ATOM   633 O  OG1 . THR A 1 114 ? -12.091 0.798   -1.444  1.00 7.00  ? 95  THR A OG1 1 
ATOM   634 C  CG2 . THR A 1 114 ? -10.564 2.630   -1.185  1.00 6.60  ? 95  THR A CG2 1 
ATOM   635 N  N   . THR A 1 115 ? -8.673  2.677   -3.958  1.00 6.62  ? 96  THR A N   1 
ATOM   636 C  CA  . THR A 1 115 ? -7.299  3.044   -4.294  1.00 7.74  ? 96  THR A CA  1 
ATOM   637 C  C   . THR A 1 115 ? -6.823  4.207   -3.497  1.00 7.57  ? 96  THR A C   1 
ATOM   638 O  O   . THR A 1 115 ? -7.565  5.193   -3.339  1.00 8.88  ? 96  THR A O   1 
ATOM   639 C  CB  . THR A 1 115 ? -7.209  3.355   -5.804  1.00 8.93  ? 96  THR A CB  1 
ATOM   640 O  OG1 . THR A 1 115 ? -7.621  2.200   -6.502  1.00 11.73 ? 96  THR A OG1 1 
ATOM   641 C  CG2 . THR A 1 115 ? -5.842  3.744   -6.215  1.00 10.94 ? 96  THR A CG2 1 
ATOM   642 N  N   . GLY A 1 116 ? -5.604  4.202   -2.993  1.00 7.03  ? 97  GLY A N   1 
ATOM   643 C  CA  . GLY A 1 116 ? -4.916  5.324   -2.463  1.00 7.46  ? 97  GLY A CA  1 
ATOM   644 C  C   . GLY A 1 116 ? -3.591  5.477   -3.103  1.00 8.37  ? 97  GLY A C   1 
ATOM   645 O  O   . GLY A 1 116 ? -2.885  4.527   -3.422  1.00 11.36 ? 97  GLY A O   1 
ATOM   646 N  N   . SER A 1 117 ? -3.169  6.648   -3.318  1.00 9.66  ? 98  SER A N   1 
ATOM   647 C  CA  A SER A 1 117 ? -1.949  6.988   -4.082  0.50 9.52  ? 98  SER A CA  1 
ATOM   648 C  CA  B SER A 1 117 ? -1.913  6.889   -4.052  0.50 9.53  ? 98  SER A CA  1 
ATOM   649 C  C   . SER A 1 117 ? -0.811  7.402   -3.154  1.00 8.60  ? 98  SER A C   1 
ATOM   650 O  O   . SER A 1 117 ? -1.010  7.892   -2.023  1.00 10.33 ? 98  SER A O   1 
ATOM   651 C  CB  A SER A 1 117 ? -2.330  8.120   -5.058  0.50 9.84  ? 98  SER A CB  1 
ATOM   652 C  CB  B SER A 1 117 ? -2.169  7.893   -5.139  0.50 10.24 ? 98  SER A CB  1 
ATOM   653 O  OG  A SER A 1 117 ? -3.127  7.482   -6.063  0.50 12.83 ? 98  SER A OG  1 
ATOM   654 O  OG  B SER A 1 117 ? -2.419  9.139   -4.592  0.50 11.74 ? 98  SER A OG  1 
ATOM   655 N  N   . SER A 1 118 ? 0.387   7.199   -3.592  1.00 7.57  ? 99  SER A N   1 
ATOM   656 C  CA  . SER A 1 118 ? 1.559   7.581   -2.882  1.00 7.73  ? 99  SER A CA  1 
ATOM   657 C  C   . SER A 1 118 ? 2.621   8.127   -3.833  1.00 6.85  ? 99  SER A C   1 
ATOM   658 O  O   . SER A 1 118 ? 2.816   7.654   -4.947  1.00 7.49  ? 99  SER A O   1 
ATOM   659 C  CB  . SER A 1 118 ? 2.178   6.361   -2.152  1.00 7.51  ? 99  SER A CB  1 
ATOM   660 O  OG  . SER A 1 118 ? 3.322   6.687   -1.367  1.00 7.58  ? 99  SER A OG  1 
ATOM   661 N  N   . THR A 1 119 ? 3.355   9.140   -3.332  1.00 7.05  ? 100 THR A N   1 
ATOM   662 C  CA  . THR A 1 119 ? 4.602   9.580   -3.965  1.00 7.24  ? 100 THR A CA  1 
ATOM   663 C  C   . THR A 1 119 ? 5.683   9.706   -2.903  1.00 6.56  ? 100 THR A C   1 
ATOM   664 O  O   . THR A 1 119 ? 5.383   9.825   -1.709  1.00 7.67  ? 100 THR A O   1 
ATOM   665 C  CB  . THR A 1 119 ? 4.436   10.900  -4.744  1.00 8.44  ? 100 THR A CB  1 
ATOM   666 O  OG1 . THR A 1 119 ? 4.136   11.918  -3.784  1.00 11.33 ? 100 THR A OG1 1 
ATOM   667 C  CG2 . THR A 1 119 ? 3.447   10.842  -5.784  1.00 10.36 ? 100 THR A CG2 1 
ATOM   668 N  N   . HIS A 1 120 ? 6.959   9.610   -3.298  1.00 6.35  ? 101 HIS A N   1 
ATOM   669 C  CA  . HIS A 1 120 ? 8.070   9.841   -2.460  1.00 6.41  ? 101 HIS A CA  1 
ATOM   670 C  C   . HIS A 1 120 ? 9.217   10.352  -3.305  1.00 6.59  ? 101 HIS A C   1 
ATOM   671 O  O   . HIS A 1 120 ? 9.077   10.484  -4.504  1.00 8.09  ? 101 HIS A O   1 
ATOM   672 C  CB  . HIS A 1 120 ? 8.434   8.614   -1.632  1.00 5.99  ? 101 HIS A CB  1 
ATOM   673 C  CG  . HIS A 1 120 ? 8.862   7.464   -2.458  1.00 5.70  ? 101 HIS A CG  1 
ATOM   674 N  ND1 . HIS A 1 120 ? 7.996   6.583   -2.993  1.00 6.03  ? 101 HIS A ND1 1 
ATOM   675 C  CD2 . HIS A 1 120 ? 10.095  7.099   -2.819  1.00 5.77  ? 101 HIS A CD2 1 
ATOM   676 C  CE1 . HIS A 1 120 ? 8.691   5.680   -3.672  1.00 5.92  ? 101 HIS A CE1 1 
ATOM   677 N  NE2 . HIS A 1 120 ? 9.961   5.950   -3.606  1.00 5.64  ? 101 HIS A NE2 1 
ATOM   678 N  N   . THR A 1 121 ? 10.322  10.676  -2.646  1.00 7.57  ? 102 THR A N   1 
ATOM   679 C  CA  . THR A 1 121 ? 11.554  11.029  -3.445  1.00 10.15 ? 102 THR A CA  1 
ATOM   680 C  C   . THR A 1 121 ? 12.655  10.131  -3.023  1.00 8.77  ? 102 THR A C   1 
ATOM   681 O  O   . THR A 1 121 ? 12.595  9.391   -2.039  1.00 8.46  ? 102 THR A O   1 
ATOM   682 C  CB  . THR A 1 121 ? 11.867  12.509  -3.326  1.00 12.05 ? 102 THR A CB  1 
ATOM   683 O  OG1 . THR A 1 121 ? 12.142  12.704  -1.970  1.00 13.21 ? 102 THR A OG1 1 
ATOM   684 C  CG2 . THR A 1 121 ? 10.725  13.377  -3.885  1.00 14.08 ? 102 THR A CG2 1 
ATOM   685 N  N   . VAL A 1 122 ? 13.728  10.229  -3.769  1.00 8.96  ? 103 VAL A N   1 
ATOM   686 C  CA  . VAL A 1 122 ? 14.880  9.380   -3.652  1.00 9.40  ? 103 VAL A CA  1 
ATOM   687 C  C   . VAL A 1 122 ? 16.065  10.360  -3.564  1.00 10.16 ? 103 VAL A C   1 
ATOM   688 O  O   . VAL A 1 122 ? 16.268  11.178  -4.474  1.00 11.22 ? 103 VAL A O   1 
ATOM   689 C  CB  . VAL A 1 122 ? 14.992  8.448   -4.887  1.00 9.93  ? 103 VAL A CB  1 
ATOM   690 C  CG1 . VAL A 1 122 ? 16.194  7.562   -4.725  1.00 11.47 ? 103 VAL A CG1 1 
ATOM   691 C  CG2 . VAL A 1 122 ? 13.768  7.553   -4.963  1.00 10.66 ? 103 VAL A CG2 1 
ATOM   692 N  N   . ASP A 1 123 ? 16.874  10.175  -2.565  0.93 8.09  ? 104 ASP A N   1 
ATOM   693 C  CA  . ASP A 1 123 ? 18.069  11.005  -2.351  0.93 9.90  ? 104 ASP A CA  1 
ATOM   694 C  C   . ASP A 1 123 ? 19.139  10.860  -3.406  0.93 13.10 ? 104 ASP A C   1 
ATOM   695 O  O   . ASP A 1 123 ? 19.535  11.819  -4.274  0.93 14.43 ? 104 ASP A O   1 
ATOM   696 C  CB  . ASP A 1 123 ? 18.567  10.869  -0.963  0.93 9.61  ? 104 ASP A CB  1 
ATOM   697 C  CG  . ASP A 1 123 ? 19.616  11.914  -0.547  0.93 9.11  ? 104 ASP A CG  1 
ATOM   698 O  OD1 . ASP A 1 123 ? 20.119  12.594  -1.407  0.93 9.29  ? 104 ASP A OD1 1 
ATOM   699 O  OD2 . ASP A 1 123 ? 19.968  11.969  0.618   0.93 11.13 ? 104 ASP A OD2 1 
ATOM   700 O  OXT . ASP A 1 123 ? 19.499  9.656   -3.524  0.93 14.79 ? 104 ASP A OXT 1 
HETATM 701 CA CA  . CA  B 2 .   ? 14.241  7.939   4.628   1.00 10.43 ? 201 CA  A CA  1 
HETATM 702 CA CA  . CA  C 2 .   ? 4.902   3.731   -10.437 1.00 6.61  ? 202 CA  A CA  1 
HETATM 703 CA CA  . CA  D 2 .   ? 4.602   10.369  0.369   1.00 8.04  ? 203 CA  A CA  1 
HETATM 704 CA CA  . CA  E 2 .   ? 20.632  13.748  -3.515  1.00 8.39  ? 204 CA  A CA  1 
HETATM 705 CA CA  . CA  F 2 .   ? 21.467  13.846  0.379   0.80 9.17  ? 205 CA  A CA  1 
HETATM 706 CA CA  . CA  G 2 .   ? 4.399   -6.404  -12.895 0.50 12.67 ? 206 CA  A CA  1 
HETATM 707 CA CA  . CA  H 2 .   ? -15.987 -8.681  3.058   0.50 15.44 ? 207 CA  A CA  1 
HETATM 708 C  C1  . GOL I 3 .   ? -11.429 -10.568 -1.438  1.00 21.91 ? 208 GOL A C1  1 
HETATM 709 O  O1  . GOL I 3 .   ? -12.314 -9.476  -1.584  1.00 24.22 ? 208 GOL A O1  1 
HETATM 710 C  C2  . GOL I 3 .   ? -10.477 -10.161 -0.386  1.00 18.07 ? 208 GOL A C2  1 
HETATM 711 O  O2  . GOL I 3 .   ? -9.646  -9.067  -0.754  1.00 12.14 ? 208 GOL A O2  1 
HETATM 712 C  C3  . GOL I 3 .   ? -9.676  -11.393 -0.123  1.00 20.62 ? 208 GOL A C3  1 
HETATM 713 O  O3  . GOL I 3 .   ? -8.874  -11.819 -1.197  1.00 20.67 ? 208 GOL A O3  1 
HETATM 714 O  O   . HOH J 4 .   ? 5.288   -8.434  -13.946 1.00 37.31 ? 301 HOH A O   1 
HETATM 715 O  O   . HOH J 4 .   ? 2.402   10.269  -0.654  1.00 8.01  ? 302 HOH A O   1 
HETATM 716 O  O   . HOH J 4 .   ? 5.258   6.591   -3.196  1.00 7.30  ? 303 HOH A O   1 
HETATM 717 O  O   . HOH J 4 .   ? 11.394  -3.598  -12.942 1.00 10.37 ? 304 HOH A O   1 
HETATM 718 O  O   . HOH J 4 .   ? -0.671  -5.840  6.619   1.00 8.52  ? 305 HOH A O   1 
HETATM 719 O  O   . HOH J 4 .   ? 0.415   8.834   0.325   1.00 10.52 ? 306 HOH A O   1 
HETATM 720 O  O   . HOH J 4 .   ? 4.335   -4.644  -13.970 1.00 26.53 ? 307 HOH A O   1 
HETATM 721 O  O   . HOH J 4 .   ? 5.036   -0.371  -11.140 1.00 9.57  ? 308 HOH A O   1 
HETATM 722 O  O   . HOH J 4 .   ? -12.048 -1.862  -1.348  1.00 8.19  ? 309 HOH A O   1 
HETATM 723 O  O   . HOH J 4 .   ? 6.131   -9.468  -4.078  1.00 10.17 ? 310 HOH A O   1 
HETATM 724 O  O   . HOH J 4 .   ? 4.693   3.813   4.096   1.00 9.21  ? 311 HOH A O   1 
HETATM 725 O  O   . HOH J 4 .   ? 16.892  0.948   -7.785  1.00 11.19 ? 312 HOH A O   1 
HETATM 726 O  O   . HOH J 4 .   ? -5.933  -5.810  -3.788  1.00 11.64 ? 313 HOH A O   1 
HETATM 727 O  O   . HOH J 4 .   ? 4.529   -9.222  -1.577  1.00 9.80  ? 314 HOH A O   1 
HETATM 728 O  O   . HOH J 4 .   ? -14.405 -6.800  2.531   1.00 9.44  ? 315 HOH A O   1 
HETATM 729 O  O   . HOH J 4 .   ? -8.887  6.120   -1.009  1.00 10.35 ? 316 HOH A O   1 
HETATM 730 O  O   . HOH J 4 .   ? 3.852   8.166   0.870   1.00 7.39  ? 317 HOH A O   1 
HETATM 731 O  O   . HOH J 4 .   ? -19.173 -3.276  5.786   1.00 12.69 ? 318 HOH A O   1 
HETATM 732 O  O   . HOH J 4 .   ? 2.320   -10.048 -4.580  1.00 10.46 ? 319 HOH A O   1 
HETATM 733 O  O   . HOH J 4 .   ? -5.147  -9.595  7.826   1.00 19.77 ? 320 HOH A O   1 
HETATM 734 O  O   . HOH J 4 .   ? 16.738  -3.387  -2.006  1.00 10.43 ? 321 HOH A O   1 
HETATM 735 O  O   . HOH J 4 .   ? 5.778   -4.775  6.689   1.00 14.00 ? 322 HOH A O   1 
HETATM 736 O  O   . HOH J 4 .   ? 13.947  8.101   7.061   1.00 16.70 ? 323 HOH A O   1 
HETATM 737 O  O   . HOH J 4 .   ? 3.444   1.937   -9.749  1.00 8.09  ? 324 HOH A O   1 
HETATM 738 O  O   . HOH J 4 .   ? -9.839  -3.746  9.701   1.00 17.33 ? 325 HOH A O   1 
HETATM 739 O  O   . HOH J 4 .   ? 16.671  -4.387  5.420   1.00 18.58 ? 326 HOH A O   1 
HETATM 740 O  O   . HOH J 4 .   ? 5.326   5.704   -11.723 1.00 14.49 ? 327 HOH A O   1 
HETATM 741 O  O   . HOH J 4 .   ? -14.680 6.299   -0.964  1.00 13.27 ? 328 HOH A O   1 
HETATM 742 O  O   . HOH J 4 .   ? 1.006   8.382   -6.963  1.00 14.92 ? 329 HOH A O   1 
HETATM 743 O  O   . HOH J 4 .   ? -10.737 -1.731  7.844   1.00 17.35 ? 330 HOH A O   1 
HETATM 744 O  O   . HOH J 4 .   ? -2.442  7.919   0.244   1.00 15.83 ? 331 HOH A O   1 
HETATM 745 O  O   . HOH J 4 .   ? 11.098  0.135   7.016   1.00 18.20 ? 332 HOH A O   1 
HETATM 746 O  O   . HOH J 4 .   ? 13.265  11.605  -6.364  1.00 17.77 ? 333 HOH A O   1 
HETATM 747 O  O   . HOH J 4 .   ? -2.174  -8.769  -5.072  1.00 13.72 ? 334 HOH A O   1 
HETATM 748 O  O   . HOH J 4 .   ? 3.740   10.887  2.463   1.00 10.59 ? 335 HOH A O   1 
HETATM 749 O  O   . HOH J 4 .   ? -0.571  2.379   9.223   1.00 18.09 ? 336 HOH A O   1 
HETATM 750 O  O   . HOH J 4 .   ? -13.643 7.834   -2.488  1.00 2.00  ? 337 HOH A O   1 
HETATM 751 O  O   . HOH J 4 .   ? 16.288  13.839  -4.043  1.00 11.97 ? 338 HOH A O   1 
HETATM 752 O  O   . HOH J 4 .   ? 4.030   12.587  -0.348  1.00 16.50 ? 339 HOH A O   1 
HETATM 753 O  O   . HOH J 4 .   ? -23.496 -14.383 0.401   1.00 17.13 ? 340 HOH A O   1 
HETATM 754 O  O   . HOH J 4 .   ? 4.280   -7.898  -11.118 1.00 14.79 ? 341 HOH A O   1 
HETATM 755 O  O   . HOH J 4 .   ? 16.186  -0.649  4.069   1.00 19.12 ? 342 HOH A O   1 
HETATM 756 O  O   A HOH J 4 .   ? 8.609   6.465   -10.880 0.50 7.92  ? 343 HOH A O   1 
HETATM 757 O  O   B HOH J 4 .   ? 7.589   7.408   -11.226 0.50 15.03 ? 343 HOH A O   1 
HETATM 758 O  O   A HOH J 4 .   ? -13.242 -6.190  9.475   0.50 13.37 ? 344 HOH A O   1 
HETATM 759 O  O   B HOH J 4 .   ? -12.519 -5.457  9.893   0.50 15.43 ? 344 HOH A O   1 
HETATM 760 O  O   . HOH J 4 .   ? -11.832 -9.720  4.224   1.00 21.25 ? 345 HOH A O   1 
HETATM 761 O  O   . HOH J 4 .   ? -14.092 -1.343  -8.208  1.00 17.90 ? 346 HOH A O   1 
HETATM 762 O  O   . HOH J 4 .   ? 8.276   -11.423 -2.636  1.00 18.02 ? 347 HOH A O   1 
HETATM 763 O  O   A HOH J 4 .   ? 0.081   6.268   -8.285  0.50 11.26 ? 348 HOH A O   1 
HETATM 764 O  O   B HOH J 4 .   ? 0.284   6.028   -10.223 0.50 27.42 ? 348 HOH A O   1 
HETATM 765 O  O   . HOH J 4 .   ? 2.800   4.310   -11.295 1.00 21.81 ? 349 HOH A O   1 
HETATM 766 O  O   . HOH J 4 .   ? -0.621  -5.162  12.074  1.00 18.48 ? 350 HOH A O   1 
HETATM 767 O  O   . HOH J 4 .   ? -10.941 4.393   -4.619  1.00 19.48 ? 351 HOH A O   1 
HETATM 768 O  O   . HOH J 4 .   ? 7.408   3.506   5.498   1.00 14.95 ? 352 HOH A O   1 
HETATM 769 O  O   . HOH J 4 .   ? 14.731  13.796  -1.790  1.00 19.27 ? 353 HOH A O   1 
HETATM 770 O  O   . HOH J 4 .   ? 15.867  -5.647  -0.748  1.00 23.79 ? 354 HOH A O   1 
HETATM 771 O  O   . HOH J 4 .   ? -11.681 6.112   -1.936  1.00 19.88 ? 355 HOH A O   1 
HETATM 772 O  O   . HOH J 4 .   ? 12.905  -0.091  -13.678 1.00 20.81 ? 356 HOH A O   1 
HETATM 773 O  O   . HOH J 4 .   ? 13.841  3.327   -12.453 1.00 23.39 ? 357 HOH A O   1 
HETATM 774 O  O   . HOH J 4 .   ? -8.398  4.955   5.716   1.00 17.49 ? 358 HOH A O   1 
HETATM 775 O  O   . HOH J 4 .   ? 13.542  1.703   6.389   1.00 28.07 ? 359 HOH A O   1 
HETATM 776 O  O   . HOH J 4 .   ? -10.367 2.139   -7.003  1.00 20.99 ? 360 HOH A O   1 
HETATM 777 O  O   . HOH J 4 .   ? 6.468   -8.492  0.415   1.00 18.94 ? 361 HOH A O   1 
HETATM 778 O  O   . HOH J 4 .   ? 5.469   -8.183  3.676   1.00 20.40 ? 362 HOH A O   1 
HETATM 779 O  O   . HOH J 4 .   ? -8.079  -10.084 -3.529  1.00 21.66 ? 363 HOH A O   1 
HETATM 780 O  O   . HOH J 4 .   ? 3.042   9.131   7.424   1.00 22.46 ? 364 HOH A O   1 
HETATM 781 O  O   . HOH J 4 .   ? -14.258 1.977   -6.560  1.00 20.26 ? 365 HOH A O   1 
HETATM 782 O  O   . HOH J 4 .   ? 11.190  -7.717  -4.534  1.00 15.15 ? 366 HOH A O   1 
HETATM 783 O  O   . HOH J 4 .   ? 1.905   -11.284 1.689   1.00 21.52 ? 367 HOH A O   1 
HETATM 784 O  O   . HOH J 4 .   ? 18.367  11.210  2.684   1.00 23.09 ? 368 HOH A O   1 
HETATM 785 O  O   . HOH J 4 .   ? -25.148 -13.058 -3.542  1.00 21.71 ? 369 HOH A O   1 
HETATM 786 O  O   . HOH J 4 .   ? 11.751  5.239   8.778   1.00 22.65 ? 370 HOH A O   1 
HETATM 787 O  O   . HOH J 4 .   ? 10.019  13.463  -0.381  1.00 20.54 ? 371 HOH A O   1 
HETATM 788 O  O   . HOH J 4 .   ? 9.536   -4.482  8.102   1.00 25.54 ? 372 HOH A O   1 
HETATM 789 O  O   . HOH J 4 .   ? 5.937   1.600   7.670   1.00 23.51 ? 373 HOH A O   1 
HETATM 790 O  O   . HOH J 4 .   ? -1.764  7.462   6.106   1.00 24.99 ? 374 HOH A O   1 
HETATM 791 O  O   . HOH J 4 .   ? 6.861   10.955  -8.005  1.00 28.22 ? 375 HOH A O   1 
HETATM 792 O  O   . HOH J 4 .   ? 14.575  -4.275  7.347   1.00 25.75 ? 376 HOH A O   1 
HETATM 793 O  O   . HOH J 4 .   ? 14.262  4.142   7.417   1.00 23.80 ? 377 HOH A O   1 
HETATM 794 O  O   . HOH J 4 .   ? -14.345 0.669   8.305   1.00 25.69 ? 378 HOH A O   1 
HETATM 795 O  O   . HOH J 4 .   ? -5.077  8.851   -2.719  1.00 21.61 ? 379 HOH A O   1 
HETATM 796 O  O   . HOH J 4 .   ? 16.595  13.050  3.087   1.00 20.61 ? 380 HOH A O   1 
HETATM 797 O  O   . HOH J 4 .   ? 8.126   12.183  -6.406  1.00 30.55 ? 381 HOH A O   1 
HETATM 798 O  O   . HOH J 4 .   ? -14.872 6.458   -4.098  1.00 21.14 ? 382 HOH A O   1 
HETATM 799 O  O   . HOH J 4 .   ? -17.877 -10.054 2.632   1.00 29.72 ? 383 HOH A O   1 
HETATM 800 O  O   . HOH J 4 .   ? 22.331  6.373   3.425   1.00 24.72 ? 384 HOH A O   1 
HETATM 801 O  O   . HOH J 4 .   ? -22.318 -16.545 1.877   1.00 29.36 ? 385 HOH A O   1 
HETATM 802 O  O   A HOH J 4 .   ? -15.659 -1.295  6.629   0.50 14.01 ? 386 HOH A O   1 
HETATM 803 O  O   B HOH J 4 .   ? -16.502 -2.320  6.381   0.50 15.57 ? 386 HOH A O   1 
HETATM 804 O  O   . HOH J 4 .   ? -12.561 8.382   -0.113  1.00 31.28 ? 387 HOH A O   1 
HETATM 805 O  O   . HOH J 4 .   ? -18.157 2.620   -4.116  1.00 19.23 ? 388 HOH A O   1 
HETATM 806 O  O   . HOH J 4 .   ? 8.889   -7.794  8.304   1.00 23.89 ? 389 HOH A O   1 
HETATM 807 O  O   . HOH J 4 .   ? -15.825 0.828   -8.460  1.00 27.24 ? 390 HOH A O   1 
HETATM 808 O  O   . HOH J 4 .   ? 14.166  7.249   -9.083  1.00 29.77 ? 391 HOH A O   1 
HETATM 809 O  O   . HOH J 4 .   ? -2.498  -8.003  8.312   1.00 31.04 ? 392 HOH A O   1 
HETATM 810 O  O   . HOH J 4 .   ? 5.245   -1.162  9.277   1.00 21.53 ? 393 HOH A O   1 
HETATM 811 O  O   . HOH J 4 .   ? -12.452 -5.800  -7.773  1.00 34.43 ? 394 HOH A O   1 
HETATM 812 O  O   . HOH J 4 .   ? 6.076   5.644   7.722   1.00 29.30 ? 395 HOH A O   1 
HETATM 813 O  O   . HOH J 4 .   ? -18.835 -7.591  -8.100  1.00 27.51 ? 396 HOH A O   1 
HETATM 814 O  O   . HOH J 4 .   ? -13.859 5.788   3.769   1.00 7.92  ? 397 HOH A O   1 
HETATM 815 O  O   . HOH J 4 .   ? -5.177  4.170   11.997  1.00 28.63 ? 398 HOH A O   1 
HETATM 816 O  O   . HOH J 4 .   ? 10.961  -2.591  -15.389 1.00 17.82 ? 399 HOH A O   1 
HETATM 817 O  O   . HOH J 4 .   ? 16.066  9.481   4.412   1.00 20.04 ? 400 HOH A O   1 
HETATM 818 O  O   . HOH J 4 .   ? -0.329  -3.273  9.848   1.00 25.72 ? 401 HOH A O   1 
HETATM 819 O  O   . HOH J 4 .   ? -17.220 -6.236  4.145   1.00 29.69 ? 402 HOH A O   1 
HETATM 820 O  O   . HOH J 4 .   ? 9.796   -3.845  -17.420 1.00 21.02 ? 403 HOH A O   1 
HETATM 821 O  O   . HOH J 4 .   ? -2.742  -2.214  13.518  1.00 14.68 ? 404 HOH A O   1 
HETATM 822 O  O   . HOH J 4 .   ? 19.093  -3.658  5.670   1.00 33.32 ? 405 HOH A O   1 
HETATM 823 O  O   . HOH J 4 .   ? 20.872  -1.198  4.603   1.00 36.00 ? 406 HOH A O   1 
HETATM 824 O  O   . HOH J 4 .   ? -4.144  1.300   -9.717  1.00 32.36 ? 407 HOH A O   1 
HETATM 825 O  O   . HOH J 4 .   ? -6.706  1.135   -9.065  1.00 26.69 ? 408 HOH A O   1 
HETATM 826 O  O   . HOH J 4 .   ? -2.426  -0.859  -9.150  1.00 32.74 ? 409 HOH A O   1 
HETATM 827 O  O   . HOH J 4 .   ? 6.962   -6.325  -14.639 1.00 29.10 ? 410 HOH A O   1 
HETATM 828 O  O   . HOH J 4 .   ? 10.810  6.240   -12.103 1.00 30.70 ? 411 HOH A O   1 
HETATM 829 O  O   . HOH J 4 .   ? 16.002  4.423   -11.559 1.00 32.50 ? 412 HOH A O   1 
HETATM 830 O  O   . HOH J 4 .   ? 12.982  7.602   -13.072 1.00 24.62 ? 413 HOH A O   1 
HETATM 831 O  O   . HOH J 4 .   ? 15.137  6.761   -13.836 1.00 29.60 ? 414 HOH A O   1 
HETATM 832 O  O   . HOH J 4 .   ? -19.842 -4.151  -6.108  1.00 29.37 ? 415 HOH A O   1 
HETATM 833 O  O   . HOH J 4 .   ? -9.602  6.965   -4.917  1.00 31.61 ? 416 HOH A O   1 
HETATM 834 O  O   . HOH J 4 .   ? -6.872  8.089   -0.619  1.00 28.14 ? 417 HOH A O   1 
HETATM 835 O  O   . HOH J 4 .   ? 21.375  8.827   0.337   1.00 20.38 ? 418 HOH A O   1 
HETATM 836 O  O   . HOH J 4 .   ? 22.269  9.753   -2.348  1.00 24.19 ? 419 HOH A O   1 
HETATM 837 O  O   . HOH J 4 .   ? -13.096 -9.711  8.028   1.00 27.53 ? 420 HOH A O   1 
HETATM 838 O  O   . HOH J 4 .   ? -0.008  10.993  -4.322  1.00 36.17 ? 421 HOH A O   1 
HETATM 839 O  O   . HOH J 4 .   ? -4.567  10.555  -6.158  1.00 34.36 ? 422 HOH A O   1 
HETATM 840 O  O   . HOH J 4 .   ? 18.878  5.536   7.238   1.00 37.20 ? 423 HOH A O   1 
HETATM 841 O  O   . HOH J 4 .   ? 22.291  1.887   -2.025  1.00 26.47 ? 424 HOH A O   1 
HETATM 842 O  O   . HOH J 4 .   ? 17.744  -6.918  0.768   1.00 42.78 ? 425 HOH A O   1 
HETATM 843 O  O   . HOH J 4 .   ? 16.715  -6.865  4.117   1.00 30.40 ? 426 HOH A O   1 
HETATM 844 O  O   . HOH J 4 .   ? 14.294  14.703  -5.562  1.00 35.24 ? 427 HOH A O   1 
HETATM 845 O  O   . HOH J 4 .   ? -23.429 -3.573  -0.474  1.00 30.39 ? 428 HOH A O   1 
HETATM 846 O  O   A HOH J 4 .   ? 21.544  -4.012  -1.565  0.50 16.69 ? 429 HOH A O   1 
HETATM 847 O  O   B HOH J 4 .   ? 21.817  -5.913  -1.202  0.50 19.61 ? 429 HOH A O   1 
HETATM 848 O  O   . HOH J 4 .   ? 11.743  -3.435  7.489   1.00 42.14 ? 430 HOH A O   1 
HETATM 849 O  O   . HOH J 4 .   ? 5.698   2.422   -12.184 1.00 9.15  ? 431 HOH A O   1 
HETATM 850 O  O   . HOH J 4 .   ? 19.826  14.620  -5.727  1.00 12.01 ? 432 HOH A O   1 
HETATM 851 O  O   . HOH J 4 .   ? 18.603  14.849  -2.896  1.00 8.03  ? 433 HOH A O   1 
HETATM 852 O  O   . HOH J 4 .   ? -14.858 -9.639  4.072   0.50 29.03 ? 434 HOH A O   1 
HETATM 853 O  O   . HOH J 4 .   ? 2.943   -8.270  4.927   1.00 34.82 ? 435 HOH A O   1 
HETATM 854 O  O   . HOH J 4 .   ? -16.268 -2.897  -8.734  1.00 31.00 ? 436 HOH A O   1 
HETATM 855 O  O   . HOH J 4 .   ? 1.396   -6.928  7.834   1.00 34.48 ? 437 HOH A O   1 
HETATM 856 O  O   . HOH J 4 .   ? 1.373   10.047  3.608   1.00 14.07 ? 438 HOH A O   1 
HETATM 857 O  O   . HOH J 4 .   ? 9.365   -9.353  -3.974  1.00 20.62 ? 439 HOH A O   1 
HETATM 858 O  O   . HOH J 4 .   ? -9.321  8.917   -0.801  1.00 35.06 ? 440 HOH A O   1 
# 
loop_
_pdbx_poly_seq_scheme.asym_id 
_pdbx_poly_seq_scheme.entity_id 
_pdbx_poly_seq_scheme.seq_id 
_pdbx_poly_seq_scheme.mon_id 
_pdbx_poly_seq_scheme.ndb_seq_num 
_pdbx_poly_seq_scheme.pdb_seq_num 
_pdbx_poly_seq_scheme.auth_seq_num 
_pdbx_poly_seq_scheme.pdb_mon_id 
_pdbx_poly_seq_scheme.auth_mon_id 
_pdbx_poly_seq_scheme.pdb_strand_id 
_pdbx_poly_seq_scheme.pdb_ins_code 
_pdbx_poly_seq_scheme.hetero 
A 1 1   MET 1   -18 ?   ?   ?   A . n 
A 1 2   ALA 2   -17 ?   ?   ?   A . n 
A 1 3   SER 3   -16 ?   ?   ?   A . n 
A 1 4   SER 4   -15 ?   ?   ?   A . n 
A 1 5   HIS 5   -14 ?   ?   ?   A . n 
A 1 6   HIS 6   -13 ?   ?   ?   A . n 
A 1 7   HIS 7   -12 ?   ?   ?   A . n 
A 1 8   HIS 8   -11 ?   ?   ?   A . n 
A 1 9   HIS 9   -10 ?   ?   ?   A . n 
A 1 10  HIS 10  -9  ?   ?   ?   A . n 
A 1 11  SER 11  -8  ?   ?   ?   A . n 
A 1 12  SER 12  -7  ?   ?   ?   A . n 
A 1 13  GLY 13  -6  ?   ?   ?   A . n 
A 1 14  LEU 14  -5  ?   ?   ?   A . n 
A 1 15  VAL 15  -4  ?   ?   ?   A . n 
A 1 16  PRO 16  -3  ?   ?   ?   A . n 
A 1 17  ARG 17  -2  ?   ?   ?   A . n 
A 1 18  GLY 18  -1  ?   ?   ?   A . n 
A 1 19  SER 19  0   ?   ?   ?   A . n 
A 1 20  THR 20  1   ?   ?   ?   A . n 
A 1 21  GLU 21  2   ?   ?   ?   A . n 
A 1 22  ALA 22  3   22  ALA ALA A . n 
A 1 23  THR 23  4   23  THR THR A . n 
A 1 24  ALA 24  5   24  ALA ALA A . n 
A 1 25  GLY 25  6   25  GLY GLY A . n 
A 1 26  THR 26  7   26  THR THR A . n 
A 1 27  VAL 27  8   27  VAL VAL A . n 
A 1 28  THR 28  9   28  THR THR A . n 
A 1 29  VAL 29  10  29  VAL VAL A . n 
A 1 30  ASN 30  11  30  ASN ASN A . n 
A 1 31  ALA 31  12  31  ALA ALA A . n 
A 1 32  ILE 32  13  32  ILE ILE A . n 
A 1 33  THR 33  14  33  THR THR A . n 
A 1 34  SER 34  15  34  SER SER A . n 
A 1 35  ASP 35  16  35  ASP ASP A . n 
A 1 36  ASP 36  17  36  ASP ASP A . n 
A 1 37  VAL 37  18  37  VAL VAL A . n 
A 1 38  ILE 38  19  38  ILE ILE A . n 
A 1 39  ASN 39  20  39  ASN ASN A . n 
A 1 40  ALA 40  21  40  ALA ALA A . n 
A 1 41  SER 41  22  41  SER SER A . n 
A 1 42  GLU 42  23  42  GLU GLU A . n 
A 1 43  ALA 43  24  43  ALA ALA A . n 
A 1 44  ALA 44  25  44  ALA ALA A . n 
A 1 45  GLY 45  26  45  GLY GLY A . n 
A 1 46  THR 46  27  46  THR THR A . n 
A 1 47  VAL 47  28  47  VAL VAL A . n 
A 1 48  ALA 48  29  48  ALA ALA A . n 
A 1 49  VAL 49  30  49  VAL VAL A . n 
A 1 50  SER 50  31  50  SER SER A . n 
A 1 51  GLY 51  32  51  GLY GLY A . n 
A 1 52  THR 52  33  52  THR THR A . n 
A 1 53  ALA 53  34  53  ALA ALA A . n 
A 1 54  THR 54  35  54  THR THR A . n 
A 1 55  GLY 55  36  55  GLY GLY A . n 
A 1 56  GLY 56  37  56  GLY GLY A . n 
A 1 57  ASP 57  38  57  ASP ASP A . n 
A 1 58  ILE 58  39  58  ILE ILE A . n 
A 1 59  ALA 59  40  59  ALA ALA A . n 
A 1 60  GLU 60  41  60  GLU GLU A . n 
A 1 61  GLY 61  42  61  GLY GLY A . n 
A 1 62  ASP 62  43  62  ASP ASP A . n 
A 1 63  THR 63  44  63  THR THR A . n 
A 1 64  VAL 64  45  64  VAL VAL A . n 
A 1 65  THR 65  46  65  THR THR A . n 
A 1 66  LEU 66  47  66  LEU LEU A . n 
A 1 67  GLU 67  48  67  GLU GLU A . n 
A 1 68  ILE 68  49  68  ILE ILE A . n 
A 1 69  ASN 69  50  69  ASN ASN A . n 
A 1 70  GLY 70  51  70  GLY GLY A . n 
A 1 71  GLU 71  52  71  GLU GLU A . n 
A 1 72  THR 72  53  72  THR THR A . n 
A 1 73  TYR 73  54  73  TYR TYR A . n 
A 1 74  THR 74  55  74  THR THR A . n 
A 1 75  THR 75  56  75  THR THR A . n 
A 1 76  THR 76  57  76  THR THR A . n 
A 1 77  VAL 77  58  77  VAL VAL A . n 
A 1 78  ASP 78  59  78  ASP ASP A . n 
A 1 79  ALA 79  60  79  ALA ALA A . n 
A 1 80  ASN 80  61  80  ASN ASN A . n 
A 1 81  GLY 81  62  81  GLY GLY A . n 
A 1 82  GLU 82  63  82  GLU GLU A . n 
A 1 83  TRP 83  64  83  TRP TRP A . n 
A 1 84  SER 84  65  84  SER SER A . n 
A 1 85  VAL 85  66  85  VAL VAL A . n 
A 1 86  ASP 86  67  86  ASP ASP A . n 
A 1 87  VAL 87  68  87  VAL VAL A . n 
A 1 88  ALA 88  69  88  ALA ALA A . n 
A 1 89  GLY 89  70  89  GLY GLY A . n 
A 1 90  SER 90  71  90  SER SER A . n 
A 1 91  ASP 91  72  91  ASP ASP A . n 
A 1 92  LEU 92  73  92  LEU LEU A . n 
A 1 93  ALA 93  74  93  ALA ALA A . n 
A 1 94  ALA 94  75  94  ALA ALA A . n 
A 1 95  ASP 95  76  95  ASP ASP A . n 
A 1 96  THR 96  77  96  THR THR A . n 
A 1 97  ALA 97  78  97  ALA ALA A . n 
A 1 98  PHE 98  79  98  PHE PHE A . n 
A 1 99  ASP 99  80  99  ASP ASP A . n 
A 1 100 ALA 100 81  100 ALA ALA A . n 
A 1 101 VAL 101 82  101 VAL VAL A . n 
A 1 102 VAL 102 83  102 VAL VAL A . n 
A 1 103 THR 103 84  103 THR THR A . n 
A 1 104 SER 104 85  104 SER SER A . n 
A 1 105 SER 105 86  105 SER SER A . n 
A 1 106 ASP 106 87  106 ASP ASP A . n 
A 1 107 ALA 107 88  107 ALA ALA A . n 
A 1 108 ALA 108 89  108 ALA ALA A . n 
A 1 109 GLY 109 90  109 GLY GLY A . n 
A 1 110 ASN 110 91  110 ASN ASN A . n 
A 1 111 THR 111 92  111 THR THR A . n 
A 1 112 VAL 112 93  112 VAL VAL A . n 
A 1 113 ASP 113 94  113 ASP ASP A . n 
A 1 114 THR 114 95  114 THR THR A . n 
A 1 115 THR 115 96  115 THR THR A . n 
A 1 116 GLY 116 97  116 GLY GLY A . n 
A 1 117 SER 117 98  117 SER SER A . n 
A 1 118 SER 118 99  118 SER SER A . n 
A 1 119 THR 119 100 119 THR THR A . n 
A 1 120 HIS 120 101 120 HIS HIS A . n 
A 1 121 THR 121 102 121 THR THR A . n 
A 1 122 VAL 122 103 122 VAL VAL A . n 
A 1 123 ASP 123 104 123 ASP ASP A . n 
# 
loop_
_pdbx_nonpoly_scheme.asym_id 
_pdbx_nonpoly_scheme.entity_id 
_pdbx_nonpoly_scheme.mon_id 
_pdbx_nonpoly_scheme.ndb_seq_num 
_pdbx_nonpoly_scheme.pdb_seq_num 
_pdbx_nonpoly_scheme.auth_seq_num 
_pdbx_nonpoly_scheme.pdb_mon_id 
_pdbx_nonpoly_scheme.auth_mon_id 
_pdbx_nonpoly_scheme.pdb_strand_id 
_pdbx_nonpoly_scheme.pdb_ins_code 
B 2 CA  1   201 125 CA  CA  A . 
C 2 CA  1   202 126 CA  CA  A . 
D 2 CA  1   203 127 CA  CA  A . 
E 2 CA  1   204 128 CA  CA  A . 
F 2 CA  1   205 129 CA  CA  A . 
G 2 CA  1   206 130 CA  CA  A . 
H 2 CA  1   207 131 CA  CA  A . 
I 3 GOL 1   208 135 GOL GOL A . 
J 4 HOH 1   301 200 HOH HOH A . 
J 4 HOH 2   302 201 HOH HOH A . 
J 4 HOH 3   303 202 HOH HOH A . 
J 4 HOH 4   304 203 HOH HOH A . 
J 4 HOH 5   305 204 HOH HOH A . 
J 4 HOH 6   306 205 HOH HOH A . 
J 4 HOH 7   307 206 HOH HOH A . 
J 4 HOH 8   308 209 HOH HOH A . 
J 4 HOH 9   309 210 HOH HOH A . 
J 4 HOH 10  310 211 HOH HOH A . 
J 4 HOH 11  311 212 HOH HOH A . 
J 4 HOH 12  312 214 HOH HOH A . 
J 4 HOH 13  313 215 HOH HOH A . 
J 4 HOH 14  314 216 HOH HOH A . 
J 4 HOH 15  315 217 HOH HOH A . 
J 4 HOH 16  316 219 HOH HOH A . 
J 4 HOH 17  317 220 HOH HOH A . 
J 4 HOH 18  318 221 HOH HOH A . 
J 4 HOH 19  319 222 HOH HOH A . 
J 4 HOH 20  320 223 HOH HOH A . 
J 4 HOH 21  321 224 HOH HOH A . 
J 4 HOH 22  322 225 HOH HOH A . 
J 4 HOH 23  323 226 HOH HOH A . 
J 4 HOH 24  324 227 HOH HOH A . 
J 4 HOH 25  325 228 HOH HOH A . 
J 4 HOH 26  326 229 HOH HOH A . 
J 4 HOH 27  327 231 HOH HOH A . 
J 4 HOH 28  328 232 HOH HOH A . 
J 4 HOH 29  329 233 HOH HOH A . 
J 4 HOH 30  330 235 HOH HOH A . 
J 4 HOH 31  331 236 HOH HOH A . 
J 4 HOH 32  332 238 HOH HOH A . 
J 4 HOH 33  333 239 HOH HOH A . 
J 4 HOH 34  334 240 HOH HOH A . 
J 4 HOH 35  335 241 HOH HOH A . 
J 4 HOH 36  336 242 HOH HOH A . 
J 4 HOH 37  337 243 HOH HOH A . 
J 4 HOH 38  338 244 HOH HOH A . 
J 4 HOH 39  339 245 HOH HOH A . 
J 4 HOH 40  340 246 HOH HOH A . 
J 4 HOH 41  341 247 HOH HOH A . 
J 4 HOH 42  342 248 HOH HOH A . 
J 4 HOH 43  343 249 HOH HOH A . 
J 4 HOH 44  344 250 HOH HOH A . 
J 4 HOH 45  345 251 HOH HOH A . 
J 4 HOH 46  346 252 HOH HOH A . 
J 4 HOH 47  347 253 HOH HOH A . 
J 4 HOH 48  348 254 HOH HOH A . 
J 4 HOH 49  349 255 HOH HOH A . 
J 4 HOH 50  350 256 HOH HOH A . 
J 4 HOH 51  351 258 HOH HOH A . 
J 4 HOH 52  352 259 HOH HOH A . 
J 4 HOH 53  353 260 HOH HOH A . 
J 4 HOH 54  354 261 HOH HOH A . 
J 4 HOH 55  355 262 HOH HOH A . 
J 4 HOH 56  356 263 HOH HOH A . 
J 4 HOH 57  357 264 HOH HOH A . 
J 4 HOH 58  358 265 HOH HOH A . 
J 4 HOH 59  359 266 HOH HOH A . 
J 4 HOH 60  360 267 HOH HOH A . 
J 4 HOH 61  361 268 HOH HOH A . 
J 4 HOH 62  362 269 HOH HOH A . 
J 4 HOH 63  363 270 HOH HOH A . 
J 4 HOH 64  364 271 HOH HOH A . 
J 4 HOH 65  365 272 HOH HOH A . 
J 4 HOH 66  366 273 HOH HOH A . 
J 4 HOH 67  367 274 HOH HOH A . 
J 4 HOH 68  368 275 HOH HOH A . 
J 4 HOH 69  369 276 HOH HOH A . 
J 4 HOH 70  370 277 HOH HOH A . 
J 4 HOH 71  371 278 HOH HOH A . 
J 4 HOH 72  372 279 HOH HOH A . 
J 4 HOH 73  373 280 HOH HOH A . 
J 4 HOH 74  374 281 HOH HOH A . 
J 4 HOH 75  375 282 HOH HOH A . 
J 4 HOH 76  376 283 HOH HOH A . 
J 4 HOH 77  377 284 HOH HOH A . 
J 4 HOH 78  378 285 HOH HOH A . 
J 4 HOH 79  379 287 HOH HOH A . 
J 4 HOH 80  380 289 HOH HOH A . 
J 4 HOH 81  381 290 HOH HOH A . 
J 4 HOH 82  382 292 HOH HOH A . 
J 4 HOH 83  383 293 HOH HOH A . 
J 4 HOH 84  384 294 HOH HOH A . 
J 4 HOH 85  385 297 HOH HOH A . 
J 4 HOH 86  386 299 HOH HOH A . 
J 4 HOH 87  387 300 HOH HOH A . 
J 4 HOH 88  388 302 HOH HOH A . 
J 4 HOH 89  389 304 HOH HOH A . 
J 4 HOH 90  390 305 HOH HOH A . 
J 4 HOH 91  391 308 HOH HOH A . 
J 4 HOH 92  392 314 HOH HOH A . 
J 4 HOH 93  393 316 HOH HOH A . 
J 4 HOH 94  394 325 HOH HOH A . 
J 4 HOH 95  395 326 HOH HOH A . 
J 4 HOH 96  396 330 HOH HOH A . 
J 4 HOH 97  397 334 HOH HOH A . 
J 4 HOH 98  398 339 HOH HOH A . 
J 4 HOH 99  399 340 HOH HOH A . 
J 4 HOH 100 400 344 HOH HOH A . 
J 4 HOH 101 401 347 HOH HOH A . 
J 4 HOH 102 402 368 HOH HOH A . 
J 4 HOH 103 403 372 HOH HOH A . 
J 4 HOH 104 404 374 HOH HOH A . 
J 4 HOH 105 405 379 HOH HOH A . 
J 4 HOH 106 406 380 HOH HOH A . 
J 4 HOH 107 407 381 HOH HOH A . 
J 4 HOH 108 408 382 HOH HOH A . 
J 4 HOH 109 409 383 HOH HOH A . 
J 4 HOH 110 410 388 HOH HOH A . 
J 4 HOH 111 411 392 HOH HOH A . 
J 4 HOH 112 412 393 HOH HOH A . 
J 4 HOH 113 413 394 HOH HOH A . 
J 4 HOH 114 414 395 HOH HOH A . 
J 4 HOH 115 415 397 HOH HOH A . 
J 4 HOH 116 416 398 HOH HOH A . 
J 4 HOH 117 417 399 HOH HOH A . 
J 4 HOH 118 418 401 HOH HOH A . 
J 4 HOH 119 419 402 HOH HOH A . 
J 4 HOH 120 420 405 HOH HOH A . 
J 4 HOH 121 421 408 HOH HOH A . 
J 4 HOH 122 422 409 HOH HOH A . 
J 4 HOH 123 423 410 HOH HOH A . 
J 4 HOH 124 424 414 HOH HOH A . 
J 4 HOH 125 425 416 HOH HOH A . 
J 4 HOH 126 426 417 HOH HOH A . 
J 4 HOH 127 427 425 HOH HOH A . 
J 4 HOH 128 428 426 HOH HOH A . 
J 4 HOH 129 429 430 HOH HOH A . 
J 4 HOH 130 430 431 HOH HOH A . 
J 4 HOH 131 431 442 HOH HOH A . 
J 4 HOH 132 432 443 HOH HOH A . 
J 4 HOH 133 433 444 HOH HOH A . 
J 4 HOH 134 434 451 HOH HOH A . 
J 4 HOH 135 435 458 HOH HOH A . 
J 4 HOH 136 436 465 HOH HOH A . 
J 4 HOH 137 437 473 HOH HOH A . 
J 4 HOH 138 438 483 HOH HOH A . 
J 4 HOH 139 439 502 HOH HOH A . 
J 4 HOH 140 440 564 HOH HOH A . 
# 
_pdbx_struct_assembly.id                   1 
_pdbx_struct_assembly.details              software_defined_assembly 
_pdbx_struct_assembly.method_details       PISA 
_pdbx_struct_assembly.oligomeric_details   monomeric 
_pdbx_struct_assembly.oligomeric_count     1 
# 
_pdbx_struct_assembly_gen.assembly_id       1 
_pdbx_struct_assembly_gen.oper_expression   1 
_pdbx_struct_assembly_gen.asym_id_list      A,B,C,D,E,F,G,H,I,J 
# 
_pdbx_struct_oper_list.id                   1 
_pdbx_struct_oper_list.type                 'identity operation' 
_pdbx_struct_oper_list.name                 1_555 
_pdbx_struct_oper_list.symmetry_operation   x,y,z 
_pdbx_struct_oper_list.matrix[1][1]         1.0000000000 
_pdbx_struct_oper_list.matrix[1][2]         0.0000000000 
_pdbx_struct_oper_list.matrix[1][3]         0.0000000000 
_pdbx_struct_oper_list.vector[1]            0.0000000000 
_pdbx_struct_oper_list.matrix[2][1]         0.0000000000 
_pdbx_struct_oper_list.matrix[2][2]         1.0000000000 
_pdbx_struct_oper_list.matrix[2][3]         0.0000000000 
_pdbx_struct_oper_list.vector[2]            0.0000000000 
_pdbx_struct_oper_list.matrix[3][1]         0.0000000000 
_pdbx_struct_oper_list.matrix[3][2]         0.0000000000 
_pdbx_struct_oper_list.matrix[3][3]         1.0000000000 
_pdbx_struct_oper_list.vector[3]            0.0000000000 
# 
loop_
_pdbx_struct_conn_angle.id 
_pdbx_struct_conn_angle.ptnr1_label_atom_id 
_pdbx_struct_conn_angle.ptnr1_label_alt_id 
_pdbx_struct_conn_angle.ptnr1_label_asym_id 
_pdbx_struct_conn_angle.ptnr1_label_comp_id 
_pdbx_struct_conn_angle.ptnr1_label_seq_id 
_pdbx_struct_conn_angle.ptnr1_auth_atom_id 
_pdbx_struct_conn_angle.ptnr1_auth_asym_id 
_pdbx_struct_conn_angle.ptnr1_auth_comp_id 
_pdbx_struct_conn_angle.ptnr1_auth_seq_id 
_pdbx_struct_conn_angle.ptnr1_PDB_ins_code 
_pdbx_struct_conn_angle.ptnr1_symmetry 
_pdbx_struct_conn_angle.ptnr2_label_atom_id 
_pdbx_struct_conn_angle.ptnr2_label_alt_id 
_pdbx_struct_conn_angle.ptnr2_label_asym_id 
_pdbx_struct_conn_angle.ptnr2_label_comp_id 
_pdbx_struct_conn_angle.ptnr2_label_seq_id 
_pdbx_struct_conn_angle.ptnr2_auth_atom_id 
_pdbx_struct_conn_angle.ptnr2_auth_asym_id 
_pdbx_struct_conn_angle.ptnr2_auth_comp_id 
_pdbx_struct_conn_angle.ptnr2_auth_seq_id 
_pdbx_struct_conn_angle.ptnr2_PDB_ins_code 
_pdbx_struct_conn_angle.ptnr2_symmetry 
_pdbx_struct_conn_angle.ptnr3_label_atom_id 
_pdbx_struct_conn_angle.ptnr3_label_alt_id 
_pdbx_struct_conn_angle.ptnr3_label_asym_id 
_pdbx_struct_conn_angle.ptnr3_label_comp_id 
_pdbx_struct_conn_angle.ptnr3_label_seq_id 
_pdbx_struct_conn_angle.ptnr3_auth_atom_id 
_pdbx_struct_conn_angle.ptnr3_auth_asym_id 
_pdbx_struct_conn_angle.ptnr3_auth_comp_id 
_pdbx_struct_conn_angle.ptnr3_auth_seq_id 
_pdbx_struct_conn_angle.ptnr3_PDB_ins_code 
_pdbx_struct_conn_angle.ptnr3_symmetry 
_pdbx_struct_conn_angle.value 
_pdbx_struct_conn_angle.value_esd 
1  OG1 ? A THR 33  ? A THR 14  ? 1_555 CA ? B CA . ? A CA 201 ? 1_555 OD1 ? A ASP 35  ? A ASP 16  ? 1_555 83.7  ? 
2  OG1 ? A THR 33  ? A THR 14  ? 1_555 CA ? B CA . ? A CA 201 ? 1_555 O   ? A VAL 37  ? A VAL 18  ? 1_555 77.7  ? 
3  OD1 ? A ASP 35  ? A ASP 16  ? 1_555 CA ? B CA . ? A CA 201 ? 1_555 O   ? A VAL 37  ? A VAL 18  ? 1_555 83.5  ? 
4  OG1 ? A THR 33  ? A THR 14  ? 1_555 CA ? B CA . ? A CA 201 ? 1_555 OE2 ? A GLU 42  ? A GLU 23  ? 1_555 88.4  ? 
5  OD1 ? A ASP 35  ? A ASP 16  ? 1_555 CA ? B CA . ? A CA 201 ? 1_555 OE2 ? A GLU 42  ? A GLU 23  ? 1_555 152.8 ? 
6  O   ? A VAL 37  ? A VAL 18  ? 1_555 CA ? B CA . ? A CA 201 ? 1_555 OE2 ? A GLU 42  ? A GLU 23  ? 1_555 120.1 ? 
7  OG1 ? A THR 33  ? A THR 14  ? 1_555 CA ? B CA . ? A CA 201 ? 1_555 OE1 ? A GLU 42  ? A GLU 23  ? 1_555 101.4 ? 
8  OD1 ? A ASP 35  ? A ASP 16  ? 1_555 CA ? B CA . ? A CA 201 ? 1_555 OE1 ? A GLU 42  ? A GLU 23  ? 1_555 156.4 ? 
9  O   ? A VAL 37  ? A VAL 18  ? 1_555 CA ? B CA . ? A CA 201 ? 1_555 OE1 ? A GLU 42  ? A GLU 23  ? 1_555 75.2  ? 
10 OE2 ? A GLU 42  ? A GLU 23  ? 1_555 CA ? B CA . ? A CA 201 ? 1_555 OE1 ? A GLU 42  ? A GLU 23  ? 1_555 50.7  ? 
11 OG1 ? A THR 33  ? A THR 14  ? 1_555 CA ? B CA . ? A CA 201 ? 1_555 O   ? J HOH .   ? A HOH 323 ? 1_555 84.9  ? 
12 OD1 ? A ASP 35  ? A ASP 16  ? 1_555 CA ? B CA . ? A CA 201 ? 1_555 O   ? J HOH .   ? A HOH 323 ? 1_555 77.5  ? 
13 O   ? A VAL 37  ? A VAL 18  ? 1_555 CA ? B CA . ? A CA 201 ? 1_555 O   ? J HOH .   ? A HOH 323 ? 1_555 155.5 ? 
14 OE2 ? A GLU 42  ? A GLU 23  ? 1_555 CA ? B CA . ? A CA 201 ? 1_555 O   ? J HOH .   ? A HOH 323 ? 1_555 76.0  ? 
15 OE1 ? A GLU 42  ? A GLU 23  ? 1_555 CA ? B CA . ? A CA 201 ? 1_555 O   ? J HOH .   ? A HOH 323 ? 1_555 125.7 ? 
16 OG1 ? A THR 33  ? A THR 14  ? 1_555 CA ? B CA . ? A CA 201 ? 1_555 O   ? J HOH .   ? A HOH 400 ? 1_555 162.3 ? 
17 OD1 ? A ASP 35  ? A ASP 16  ? 1_555 CA ? B CA . ? A CA 201 ? 1_555 O   ? J HOH .   ? A HOH 400 ? 1_555 79.9  ? 
18 O   ? A VAL 37  ? A VAL 18  ? 1_555 CA ? B CA . ? A CA 201 ? 1_555 O   ? J HOH .   ? A HOH 400 ? 1_555 93.7  ? 
19 OE2 ? A GLU 42  ? A GLU 23  ? 1_555 CA ? B CA . ? A CA 201 ? 1_555 O   ? J HOH .   ? A HOH 400 ? 1_555 109.3 ? 
20 OE1 ? A GLU 42  ? A GLU 23  ? 1_555 CA ? B CA . ? A CA 201 ? 1_555 O   ? J HOH .   ? A HOH 400 ? 1_555 91.2  ? 
21 O   ? J HOH .   ? A HOH 323 ? 1_555 CA ? B CA . ? A CA 201 ? 1_555 O   ? J HOH .   ? A HOH 400 ? 1_555 97.9  ? 
22 OD2 ? A ASP 36  ? A ASP 17  ? 1_555 CA ? D CA . ? A CA 203 ? 1_555 OD1 ? A ASP 36  ? A ASP 17  ? 1_555 53.4  ? 
23 OD2 ? A ASP 36  ? A ASP 17  ? 1_555 CA ? D CA . ? A CA 203 ? 1_555 O   ? A THR 119 ? A THR 100 ? 1_555 93.3  ? 
24 OD1 ? A ASP 36  ? A ASP 17  ? 1_555 CA ? D CA . ? A CA 203 ? 1_555 O   ? A THR 119 ? A THR 100 ? 1_555 93.5  ? 
25 OD2 ? A ASP 36  ? A ASP 17  ? 1_555 CA ? D CA . ? A CA 203 ? 1_555 O   ? J HOH .   ? A HOH 302 ? 1_555 144.8 ? 
26 OD1 ? A ASP 36  ? A ASP 17  ? 1_555 CA ? D CA . ? A CA 203 ? 1_555 O   ? J HOH .   ? A HOH 302 ? 1_555 161.8 ? 
27 O   ? A THR 119 ? A THR 100 ? 1_555 CA ? D CA . ? A CA 203 ? 1_555 O   ? J HOH .   ? A HOH 302 ? 1_555 85.2  ? 
28 OD2 ? A ASP 36  ? A ASP 17  ? 1_555 CA ? D CA . ? A CA 203 ? 1_555 O   ? J HOH .   ? A HOH 317 ? 1_555 138.6 ? 
29 OD1 ? A ASP 36  ? A ASP 17  ? 1_555 CA ? D CA . ? A CA 203 ? 1_555 O   ? J HOH .   ? A HOH 317 ? 1_555 85.6  ? 
30 O   ? A THR 119 ? A THR 100 ? 1_555 CA ? D CA . ? A CA 203 ? 1_555 O   ? J HOH .   ? A HOH 317 ? 1_555 94.5  ? 
31 O   ? J HOH .   ? A HOH 302 ? 1_555 CA ? D CA . ? A CA 203 ? 1_555 O   ? J HOH .   ? A HOH 317 ? 1_555 76.4  ? 
32 OD2 ? A ASP 36  ? A ASP 17  ? 1_555 CA ? D CA . ? A CA 203 ? 1_555 O   ? J HOH .   ? A HOH 335 ? 1_555 88.6  ? 
33 OD1 ? A ASP 36  ? A ASP 17  ? 1_555 CA ? D CA . ? A CA 203 ? 1_555 O   ? J HOH .   ? A HOH 335 ? 1_555 87.9  ? 
34 O   ? A THR 119 ? A THR 100 ? 1_555 CA ? D CA . ? A CA 203 ? 1_555 O   ? J HOH .   ? A HOH 335 ? 1_555 178.1 ? 
35 O   ? J HOH .   ? A HOH 302 ? 1_555 CA ? D CA . ? A CA 203 ? 1_555 O   ? J HOH .   ? A HOH 335 ? 1_555 93.0  ? 
36 O   ? J HOH .   ? A HOH 317 ? 1_555 CA ? D CA . ? A CA 203 ? 1_555 O   ? J HOH .   ? A HOH 335 ? 1_555 84.3  ? 
37 OD2 ? A ASP 36  ? A ASP 17  ? 1_555 CA ? D CA . ? A CA 203 ? 1_555 O   ? J HOH .   ? A HOH 339 ? 1_555 72.6  ? 
38 OD1 ? A ASP 36  ? A ASP 17  ? 1_555 CA ? D CA . ? A CA 203 ? 1_555 O   ? J HOH .   ? A HOH 339 ? 1_555 125.9 ? 
39 O   ? A THR 119 ? A THR 100 ? 1_555 CA ? D CA . ? A CA 203 ? 1_555 O   ? J HOH .   ? A HOH 339 ? 1_555 91.7  ? 
40 O   ? J HOH .   ? A HOH 302 ? 1_555 CA ? D CA . ? A CA 203 ? 1_555 O   ? J HOH .   ? A HOH 339 ? 1_555 72.3  ? 
41 O   ? J HOH .   ? A HOH 317 ? 1_555 CA ? D CA . ? A CA 203 ? 1_555 O   ? J HOH .   ? A HOH 339 ? 1_555 147.5 ? 
42 O   ? J HOH .   ? A HOH 335 ? 1_555 CA ? D CA . ? A CA 203 ? 1_555 O   ? J HOH .   ? A HOH 339 ? 1_555 88.5  ? 
43 O   ? A GLY 70  ? A GLY 51  ? 1_555 CA ? G CA . ? A CA 206 ? 1_555 O   ? J HOH .   ? A HOH 301 ? 1_555 106.4 ? 
44 O   ? A GLY 70  ? A GLY 51  ? 1_555 CA ? G CA . ? A CA 206 ? 1_555 O   ? J HOH .   ? A HOH 307 ? 1_555 91.4  ? 
45 O   ? J HOH .   ? A HOH 301 ? 1_555 CA ? G CA . ? A CA 206 ? 1_555 O   ? J HOH .   ? A HOH 307 ? 1_555 119.6 ? 
46 O   ? A GLY 70  ? A GLY 51  ? 1_555 CA ? G CA . ? A CA 206 ? 1_555 O   ? J HOH .   ? A HOH 341 ? 1_555 79.5  ? 
47 O   ? J HOH .   ? A HOH 301 ? 1_555 CA ? G CA . ? A CA 206 ? 1_555 O   ? J HOH .   ? A HOH 341 ? 1_555 79.3  ? 
48 O   ? J HOH .   ? A HOH 307 ? 1_555 CA ? G CA . ? A CA 206 ? 1_555 O   ? J HOH .   ? A HOH 341 ? 1_555 160.9 ? 
49 O   ? A GLY 70  ? A GLY 51  ? 1_555 CA ? G CA . ? A CA 206 ? 1_555 O   ? J HOH .   ? A HOH 410 ? 1_555 73.7  ? 
50 O   ? J HOH .   ? A HOH 301 ? 1_555 CA ? G CA . ? A CA 206 ? 1_555 O   ? J HOH .   ? A HOH 410 ? 1_555 58.7  ? 
51 O   ? J HOH .   ? A HOH 307 ? 1_555 CA ? G CA . ? A CA 206 ? 1_555 O   ? J HOH .   ? A HOH 410 ? 1_555 73.2  ? 
52 O   ? J HOH .   ? A HOH 341 ? 1_555 CA ? G CA . ? A CA 206 ? 1_555 O   ? J HOH .   ? A HOH 410 ? 1_555 119.3 ? 
53 OD1 ? A ASP 95  ? A ASP 76  ? 1_555 CA ? C CA . ? A CA 202 ? 1_555 OD2 ? A ASP 95  ? A ASP 76  ? 1_555 52.8  ? 
54 OD1 ? A ASP 95  ? A ASP 76  ? 1_555 CA ? C CA . ? A CA 202 ? 1_555 O   ? A ALA 97  ? A ALA 78  ? 1_555 77.2  ? 
55 OD2 ? A ASP 95  ? A ASP 76  ? 1_555 CA ? C CA . ? A CA 202 ? 1_555 O   ? A ALA 97  ? A ALA 78  ? 1_555 91.8  ? 
56 OD1 ? A ASP 95  ? A ASP 76  ? 1_555 CA ? C CA . ? A CA 202 ? 1_555 O   ? J HOH .   ? A HOH 324 ? 1_555 130.4 ? 
57 OD2 ? A ASP 95  ? A ASP 76  ? 1_555 CA ? C CA . ? A CA 202 ? 1_555 O   ? J HOH .   ? A HOH 324 ? 1_555 80.4  ? 
58 O   ? A ALA 97  ? A ALA 78  ? 1_555 CA ? C CA . ? A CA 202 ? 1_555 O   ? J HOH .   ? A HOH 324 ? 1_555 90.4  ? 
59 OD1 ? A ASP 95  ? A ASP 76  ? 1_555 CA ? C CA . ? A CA 202 ? 1_555 O   ? J HOH .   ? A HOH 327 ? 1_555 78.6  ? 
60 OD2 ? A ASP 95  ? A ASP 76  ? 1_555 CA ? C CA . ? A CA 202 ? 1_555 O   ? J HOH .   ? A HOH 327 ? 1_555 127.7 ? 
61 O   ? A ALA 97  ? A ALA 78  ? 1_555 CA ? C CA . ? A CA 202 ? 1_555 O   ? J HOH .   ? A HOH 327 ? 1_555 95.6  ? 
62 O   ? J HOH .   ? A HOH 324 ? 1_555 CA ? C CA . ? A CA 202 ? 1_555 O   ? J HOH .   ? A HOH 327 ? 1_555 150.9 ? 
63 OD1 ? A ASP 95  ? A ASP 76  ? 1_555 CA ? C CA . ? A CA 202 ? 1_555 O   ? J HOH .   ? A HOH 349 ? 1_555 151.5 ? 
64 OD2 ? A ASP 95  ? A ASP 76  ? 1_555 CA ? C CA . ? A CA 202 ? 1_555 O   ? J HOH .   ? A HOH 349 ? 1_555 155.3 ? 
65 O   ? A ALA 97  ? A ALA 78  ? 1_555 CA ? C CA . ? A CA 202 ? 1_555 O   ? J HOH .   ? A HOH 349 ? 1_555 92.4  ? 
66 O   ? J HOH .   ? A HOH 324 ? 1_555 CA ? C CA . ? A CA 202 ? 1_555 O   ? J HOH .   ? A HOH 349 ? 1_555 75.3  ? 
67 O   ? J HOH .   ? A HOH 327 ? 1_555 CA ? C CA . ? A CA 202 ? 1_555 O   ? J HOH .   ? A HOH 349 ? 1_555 76.0  ? 
68 OD1 ? A ASP 95  ? A ASP 76  ? 1_555 CA ? C CA . ? A CA 202 ? 1_555 O   ? J HOH .   ? A HOH 431 ? 1_555 93.0  ? 
69 OD2 ? A ASP 95  ? A ASP 76  ? 1_555 CA ? C CA . ? A CA 202 ? 1_555 O   ? J HOH .   ? A HOH 431 ? 1_555 75.9  ? 
70 O   ? A ALA 97  ? A ALA 78  ? 1_555 CA ? C CA . ? A CA 202 ? 1_555 O   ? J HOH .   ? A HOH 431 ? 1_555 167.4 ? 
71 O   ? J HOH .   ? A HOH 324 ? 1_555 CA ? C CA . ? A CA 202 ? 1_555 O   ? J HOH .   ? A HOH 431 ? 1_555 90.2  ? 
72 O   ? J HOH .   ? A HOH 327 ? 1_555 CA ? C CA . ? A CA 202 ? 1_555 O   ? J HOH .   ? A HOH 431 ? 1_555 90.0  ? 
73 O   ? J HOH .   ? A HOH 349 ? 1_555 CA ? C CA . ? A CA 202 ? 1_555 O   ? J HOH .   ? A HOH 431 ? 1_555 99.9  ? 
74 O   ? A SER 105 ? A SER 86  ? 1_555 CA ? H CA . ? A CA 207 ? 1_555 OG  ? A SER 105 ? A SER 86  ? 1_555 67.5  ? 
75 O   ? A SER 105 ? A SER 86  ? 1_555 CA ? H CA . ? A CA 207 ? 1_555 O   ? J HOH .   ? A HOH 315 ? 1_555 74.5  ? 
76 OG  ? A SER 105 ? A SER 86  ? 1_555 CA ? H CA . ? A CA 207 ? 1_555 O   ? J HOH .   ? A HOH 315 ? 1_555 90.4  ? 
77 O   ? A SER 105 ? A SER 86  ? 1_555 CA ? H CA . ? A CA 207 ? 1_555 O   ? J HOH .   ? A HOH 383 ? 1_555 80.7  ? 
78 OG  ? A SER 105 ? A SER 86  ? 1_555 CA ? H CA . ? A CA 207 ? 1_555 O   ? J HOH .   ? A HOH 383 ? 1_555 71.8  ? 
79 O   ? J HOH .   ? A HOH 315 ? 1_555 CA ? H CA . ? A CA 207 ? 1_555 O   ? J HOH .   ? A HOH 383 ? 1_555 153.7 ? 
80 O   ? A SER 105 ? A SER 86  ? 1_555 CA ? H CA . ? A CA 207 ? 1_555 O   ? J HOH .   ? A HOH 402 ? 1_555 61.9  ? 
81 OG  ? A SER 105 ? A SER 86  ? 1_555 CA ? H CA . ? A CA 207 ? 1_555 O   ? J HOH .   ? A HOH 402 ? 1_555 129.3 ? 
82 O   ? J HOH .   ? A HOH 315 ? 1_555 CA ? H CA . ? A CA 207 ? 1_555 O   ? J HOH .   ? A HOH 402 ? 1_555 73.7  ? 
83 O   ? J HOH .   ? A HOH 383 ? 1_555 CA ? H CA . ? A CA 207 ? 1_555 O   ? J HOH .   ? A HOH 402 ? 1_555 102.3 ? 
84 O   ? A SER 105 ? A SER 86  ? 1_555 CA ? H CA . ? A CA 207 ? 1_555 O   ? J HOH .   ? A HOH 434 ? 1_555 170.8 ? 
85 OG  ? A SER 105 ? A SER 86  ? 1_555 CA ? H CA . ? A CA 207 ? 1_555 O   ? J HOH .   ? A HOH 434 ? 1_555 109.5 ? 
86 O   ? J HOH .   ? A HOH 315 ? 1_555 CA ? H CA . ? A CA 207 ? 1_555 O   ? J HOH .   ? A HOH 434 ? 1_555 97.0  ? 
87 O   ? J HOH .   ? A HOH 383 ? 1_555 CA ? H CA . ? A CA 207 ? 1_555 O   ? J HOH .   ? A HOH 434 ? 1_555 107.0 ? 
88 O   ? J HOH .   ? A HOH 402 ? 1_555 CA ? H CA . ? A CA 207 ? 1_555 O   ? J HOH .   ? A HOH 434 ? 1_555 119.9 ? 
89 O   ? A ASP 123 ? A ASP 104 ? 1_555 CA ? E CA . ? A CA 204 ? 1_555 OD1 ? A ASP 123 ? A ASP 104 ? 1_555 78.1  ? 
90 O   ? A ASP 123 ? A ASP 104 ? 1_555 CA ? E CA . ? A CA 204 ? 1_555 O   ? J HOH .   ? A HOH 432 ? 1_555 81.4  ? 
91 OD1 ? A ASP 123 ? A ASP 104 ? 1_555 CA ? E CA . ? A CA 204 ? 1_555 O   ? J HOH .   ? A HOH 432 ? 1_555 148.4 ? 
92 O   ? A ASP 123 ? A ASP 104 ? 1_555 CA ? E CA . ? A CA 204 ? 1_555 O   ? J HOH .   ? A HOH 433 ? 1_555 93.8  ? 
93 OD1 ? A ASP 123 ? A ASP 104 ? 1_555 CA ? E CA . ? A CA 204 ? 1_555 O   ? J HOH .   ? A HOH 433 ? 1_555 79.5  ? 
94 O   ? J HOH .   ? A HOH 432 ? 1_555 CA ? E CA . ? A CA 204 ? 1_555 O   ? J HOH .   ? A HOH 433 ? 1_555 78.2  ? 
95 OD2 ? A ASP 123 ? A ASP 104 ? 1_555 CA ? F CA . ? A CA 205 ? 1_555 OD1 ? A ASP 123 ? A ASP 104 ? 1_555 50.4  ? 
# 
loop_
_pdbx_audit_revision_history.ordinal 
_pdbx_audit_revision_history.data_content_type 
_pdbx_audit_revision_history.major_revision 
_pdbx_audit_revision_history.minor_revision 
_pdbx_audit_revision_history.revision_date 
1 'Structure model' 1 0 2013-10-02 
2 'Structure model' 1 1 2013-11-13 
3 'Structure model' 1 2 2014-05-07 
4 'Structure model' 1 3 2023-09-20 
# 
_pdbx_audit_revision_details.ordinal             1 
_pdbx_audit_revision_details.revision_ordinal    1 
_pdbx_audit_revision_details.data_content_type   'Structure model' 
_pdbx_audit_revision_details.provider            repository 
_pdbx_audit_revision_details.type                'Initial release' 
_pdbx_audit_revision_details.description         ? 
_pdbx_audit_revision_details.details             ? 
# 
loop_
_pdbx_audit_revision_group.ordinal 
_pdbx_audit_revision_group.revision_ordinal 
_pdbx_audit_revision_group.data_content_type 
_pdbx_audit_revision_group.group 
1 2 'Structure model' 'Database references'    
2 3 'Structure model' Other                    
3 4 'Structure model' 'Data collection'        
4 4 'Structure model' 'Database references'    
5 4 'Structure model' 'Derived calculations'   
6 4 'Structure model' 'Refinement description' 
# 
loop_
_pdbx_audit_revision_category.ordinal 
_pdbx_audit_revision_category.revision_ordinal 
_pdbx_audit_revision_category.data_content_type 
_pdbx_audit_revision_category.category 
1 4 'Structure model' chem_comp_atom                
2 4 'Structure model' chem_comp_bond                
3 4 'Structure model' database_2                    
4 4 'Structure model' pdbx_initial_refinement_model 
5 4 'Structure model' pdbx_struct_conn_angle        
6 4 'Structure model' struct_conn                   
7 4 'Structure model' struct_site                   
# 
loop_
_pdbx_audit_revision_item.ordinal 
_pdbx_audit_revision_item.revision_ordinal 
_pdbx_audit_revision_item.data_content_type 
_pdbx_audit_revision_item.item 
1  4 'Structure model' '_database_2.pdbx_DOI'                        
2  4 'Structure model' '_database_2.pdbx_database_accession'         
3  4 'Structure model' '_pdbx_struct_conn_angle.ptnr1_auth_comp_id'  
4  4 'Structure model' '_pdbx_struct_conn_angle.ptnr1_auth_seq_id'   
5  4 'Structure model' '_pdbx_struct_conn_angle.ptnr1_label_asym_id' 
6  4 'Structure model' '_pdbx_struct_conn_angle.ptnr1_label_atom_id' 
7  4 'Structure model' '_pdbx_struct_conn_angle.ptnr1_label_comp_id' 
8  4 'Structure model' '_pdbx_struct_conn_angle.ptnr1_label_seq_id'  
9  4 'Structure model' '_pdbx_struct_conn_angle.ptnr2_auth_seq_id'   
10 4 'Structure model' '_pdbx_struct_conn_angle.ptnr2_label_asym_id' 
11 4 'Structure model' '_pdbx_struct_conn_angle.ptnr3_auth_comp_id'  
12 4 'Structure model' '_pdbx_struct_conn_angle.ptnr3_auth_seq_id'   
13 4 'Structure model' '_pdbx_struct_conn_angle.ptnr3_label_asym_id' 
14 4 'Structure model' '_pdbx_struct_conn_angle.ptnr3_label_atom_id' 
15 4 'Structure model' '_pdbx_struct_conn_angle.ptnr3_label_comp_id' 
16 4 'Structure model' '_pdbx_struct_conn_angle.ptnr3_label_seq_id'  
17 4 'Structure model' '_pdbx_struct_conn_angle.value'               
18 4 'Structure model' '_struct_conn.pdbx_dist_value'                
19 4 'Structure model' '_struct_conn.ptnr1_auth_comp_id'             
20 4 'Structure model' '_struct_conn.ptnr1_auth_seq_id'              
21 4 'Structure model' '_struct_conn.ptnr1_label_asym_id'            
22 4 'Structure model' '_struct_conn.ptnr1_label_atom_id'            
23 4 'Structure model' '_struct_conn.ptnr1_label_comp_id'            
24 4 'Structure model' '_struct_conn.ptnr1_label_seq_id'             
25 4 'Structure model' '_struct_conn.ptnr2_auth_comp_id'             
26 4 'Structure model' '_struct_conn.ptnr2_auth_seq_id'              
27 4 'Structure model' '_struct_conn.ptnr2_label_asym_id'            
28 4 'Structure model' '_struct_conn.ptnr2_label_atom_id'            
29 4 'Structure model' '_struct_conn.ptnr2_label_comp_id'            
30 4 'Structure model' '_struct_site.pdbx_auth_asym_id'              
31 4 'Structure model' '_struct_site.pdbx_auth_comp_id'              
32 4 'Structure model' '_struct_site.pdbx_auth_seq_id'               
# 
loop_
_software.name 
_software.classification 
_software.version 
_software.citation_id 
_software.pdbx_ordinal 
JBluIce-EPICS 'data collection' .        ? 1 
PHASER        phasing           .        ? 2 
REFMAC        refinement        5.7.0032 ? 3 
MOSFLM        'data reduction'  .        ? 4 
SCALA         'data scaling'    .        ? 5 
# 
_pdbx_validate_rmsd_bond.id                        1 
_pdbx_validate_rmsd_bond.PDB_model_num             1 
_pdbx_validate_rmsd_bond.auth_atom_id_1            C 
_pdbx_validate_rmsd_bond.auth_asym_id_1            A 
_pdbx_validate_rmsd_bond.auth_comp_id_1            ASP 
_pdbx_validate_rmsd_bond.auth_seq_id_1             104 
_pdbx_validate_rmsd_bond.PDB_ins_code_1            ? 
_pdbx_validate_rmsd_bond.label_alt_id_1            ? 
_pdbx_validate_rmsd_bond.auth_atom_id_2            O 
_pdbx_validate_rmsd_bond.auth_asym_id_2            A 
_pdbx_validate_rmsd_bond.auth_comp_id_2            ASP 
_pdbx_validate_rmsd_bond.auth_seq_id_2             104 
_pdbx_validate_rmsd_bond.PDB_ins_code_2            ? 
_pdbx_validate_rmsd_bond.label_alt_id_2            ? 
_pdbx_validate_rmsd_bond.bond_value                1.353 
_pdbx_validate_rmsd_bond.bond_target_value         1.229 
_pdbx_validate_rmsd_bond.bond_deviation            0.124 
_pdbx_validate_rmsd_bond.bond_standard_deviation   0.019 
_pdbx_validate_rmsd_bond.linker_flag               N 
# 
loop_
_pdbx_validate_rmsd_angle.id 
_pdbx_validate_rmsd_angle.PDB_model_num 
_pdbx_validate_rmsd_angle.auth_atom_id_1 
_pdbx_validate_rmsd_angle.auth_asym_id_1 
_pdbx_validate_rmsd_angle.auth_comp_id_1 
_pdbx_validate_rmsd_angle.auth_seq_id_1 
_pdbx_validate_rmsd_angle.PDB_ins_code_1 
_pdbx_validate_rmsd_angle.label_alt_id_1 
_pdbx_validate_rmsd_angle.auth_atom_id_2 
_pdbx_validate_rmsd_angle.auth_asym_id_2 
_pdbx_validate_rmsd_angle.auth_comp_id_2 
_pdbx_validate_rmsd_angle.auth_seq_id_2 
_pdbx_validate_rmsd_angle.PDB_ins_code_2 
_pdbx_validate_rmsd_angle.label_alt_id_2 
_pdbx_validate_rmsd_angle.auth_atom_id_3 
_pdbx_validate_rmsd_angle.auth_asym_id_3 
_pdbx_validate_rmsd_angle.auth_comp_id_3 
_pdbx_validate_rmsd_angle.auth_seq_id_3 
_pdbx_validate_rmsd_angle.PDB_ins_code_3 
_pdbx_validate_rmsd_angle.label_alt_id_3 
_pdbx_validate_rmsd_angle.angle_value 
_pdbx_validate_rmsd_angle.angle_target_value 
_pdbx_validate_rmsd_angle.angle_deviation 
_pdbx_validate_rmsd_angle.angle_standard_deviation 
_pdbx_validate_rmsd_angle.linker_flag 
1 1 CB A ASP 43 ? ? CG A ASP 43 ? ? OD2 A ASP 43 ? ? 110.76 118.30 -7.54 0.90 N 
2 1 CB A ASP 67 ? ? CG A ASP 67 ? ? OD1 A ASP 67 ? ? 126.97 118.30 8.67  0.90 N 
3 1 CB A ASP 80 ? ? CG A ASP 80 ? ? OD2 A ASP 80 ? ? 111.63 118.30 -6.67 0.90 N 
4 1 CB A ASP 94 ? ? CG A ASP 94 ? ? OD1 A ASP 94 ? ? 125.63 118.30 7.33  0.90 N 
# 
_pdbx_validate_torsion.id              1 
_pdbx_validate_torsion.PDB_model_num   1 
_pdbx_validate_torsion.auth_comp_id    THR 
_pdbx_validate_torsion.auth_asym_id    A 
_pdbx_validate_torsion.auth_seq_id     14 
_pdbx_validate_torsion.PDB_ins_code    ? 
_pdbx_validate_torsion.label_alt_id    ? 
_pdbx_validate_torsion.phi             65.89 
_pdbx_validate_torsion.psi             172.83 
# 
loop_
_pdbx_unobs_or_zero_occ_residues.id 
_pdbx_unobs_or_zero_occ_residues.PDB_model_num 
_pdbx_unobs_or_zero_occ_residues.polymer_flag 
_pdbx_unobs_or_zero_occ_residues.occupancy_flag 
_pdbx_unobs_or_zero_occ_residues.auth_asym_id 
_pdbx_unobs_or_zero_occ_residues.auth_comp_id 
_pdbx_unobs_or_zero_occ_residues.auth_seq_id 
_pdbx_unobs_or_zero_occ_residues.PDB_ins_code 
_pdbx_unobs_or_zero_occ_residues.label_asym_id 
_pdbx_unobs_or_zero_occ_residues.label_comp_id 
_pdbx_unobs_or_zero_occ_residues.label_seq_id 
1  1 Y 1 A MET -18 ? A MET 1  
2  1 Y 1 A ALA -17 ? A ALA 2  
3  1 Y 1 A SER -16 ? A SER 3  
4  1 Y 1 A SER -15 ? A SER 4  
5  1 Y 1 A HIS -14 ? A HIS 5  
6  1 Y 1 A HIS -13 ? A HIS 6  
7  1 Y 1 A HIS -12 ? A HIS 7  
8  1 Y 1 A HIS -11 ? A HIS 8  
9  1 Y 1 A HIS -10 ? A HIS 9  
10 1 Y 1 A HIS -9  ? A HIS 10 
11 1 Y 1 A SER -8  ? A SER 11 
12 1 Y 1 A SER -7  ? A SER 12 
13 1 Y 1 A GLY -6  ? A GLY 13 
14 1 Y 1 A LEU -5  ? A LEU 14 
15 1 Y 1 A VAL -4  ? A VAL 15 
16 1 Y 1 A PRO -3  ? A PRO 16 
17 1 Y 1 A ARG -2  ? A ARG 17 
18 1 Y 1 A GLY -1  ? A GLY 18 
19 1 Y 1 A SER 0   ? A SER 19 
20 1 Y 1 A THR 1   ? A THR 20 
21 1 Y 1 A GLU 2   ? A GLU 21 
# 
loop_
_chem_comp_atom.comp_id 
_chem_comp_atom.atom_id 
_chem_comp_atom.type_symbol 
_chem_comp_atom.pdbx_aromatic_flag 
_chem_comp_atom.pdbx_stereo_config 
_chem_comp_atom.pdbx_ordinal 
ALA N    N  N N 1   
ALA CA   C  N S 2   
ALA C    C  N N 3   
ALA O    O  N N 4   
ALA CB   C  N N 5   
ALA OXT  O  N N 6   
ALA H    H  N N 7   
ALA H2   H  N N 8   
ALA HA   H  N N 9   
ALA HB1  H  N N 10  
ALA HB2  H  N N 11  
ALA HB3  H  N N 12  
ALA HXT  H  N N 13  
ARG N    N  N N 14  
ARG CA   C  N S 15  
ARG C    C  N N 16  
ARG O    O  N N 17  
ARG CB   C  N N 18  
ARG CG   C  N N 19  
ARG CD   C  N N 20  
ARG NE   N  N N 21  
ARG CZ   C  N N 22  
ARG NH1  N  N N 23  
ARG NH2  N  N N 24  
ARG OXT  O  N N 25  
ARG H    H  N N 26  
ARG H2   H  N N 27  
ARG HA   H  N N 28  
ARG HB2  H  N N 29  
ARG HB3  H  N N 30  
ARG HG2  H  N N 31  
ARG HG3  H  N N 32  
ARG HD2  H  N N 33  
ARG HD3  H  N N 34  
ARG HE   H  N N 35  
ARG HH11 H  N N 36  
ARG HH12 H  N N 37  
ARG HH21 H  N N 38  
ARG HH22 H  N N 39  
ARG HXT  H  N N 40  
ASN N    N  N N 41  
ASN CA   C  N S 42  
ASN C    C  N N 43  
ASN O    O  N N 44  
ASN CB   C  N N 45  
ASN CG   C  N N 46  
ASN OD1  O  N N 47  
ASN ND2  N  N N 48  
ASN OXT  O  N N 49  
ASN H    H  N N 50  
ASN H2   H  N N 51  
ASN HA   H  N N 52  
ASN HB2  H  N N 53  
ASN HB3  H  N N 54  
ASN HD21 H  N N 55  
ASN HD22 H  N N 56  
ASN HXT  H  N N 57  
ASP N    N  N N 58  
ASP CA   C  N S 59  
ASP C    C  N N 60  
ASP O    O  N N 61  
ASP CB   C  N N 62  
ASP CG   C  N N 63  
ASP OD1  O  N N 64  
ASP OD2  O  N N 65  
ASP OXT  O  N N 66  
ASP H    H  N N 67  
ASP H2   H  N N 68  
ASP HA   H  N N 69  
ASP HB2  H  N N 70  
ASP HB3  H  N N 71  
ASP HD2  H  N N 72  
ASP HXT  H  N N 73  
CA  CA   CA N N 74  
GLU N    N  N N 75  
GLU CA   C  N S 76  
GLU C    C  N N 77  
GLU O    O  N N 78  
GLU CB   C  N N 79  
GLU CG   C  N N 80  
GLU CD   C  N N 81  
GLU OE1  O  N N 82  
GLU OE2  O  N N 83  
GLU OXT  O  N N 84  
GLU H    H  N N 85  
GLU H2   H  N N 86  
GLU HA   H  N N 87  
GLU HB2  H  N N 88  
GLU HB3  H  N N 89  
GLU HG2  H  N N 90  
GLU HG3  H  N N 91  
GLU HE2  H  N N 92  
GLU HXT  H  N N 93  
GLY N    N  N N 94  
GLY CA   C  N N 95  
GLY C    C  N N 96  
GLY O    O  N N 97  
GLY OXT  O  N N 98  
GLY H    H  N N 99  
GLY H2   H  N N 100 
GLY HA2  H  N N 101 
GLY HA3  H  N N 102 
GLY HXT  H  N N 103 
GOL C1   C  N N 104 
GOL O1   O  N N 105 
GOL C2   C  N N 106 
GOL O2   O  N N 107 
GOL C3   C  N N 108 
GOL O3   O  N N 109 
GOL H11  H  N N 110 
GOL H12  H  N N 111 
GOL HO1  H  N N 112 
GOL H2   H  N N 113 
GOL HO2  H  N N 114 
GOL H31  H  N N 115 
GOL H32  H  N N 116 
GOL HO3  H  N N 117 
HIS N    N  N N 118 
HIS CA   C  N S 119 
HIS C    C  N N 120 
HIS O    O  N N 121 
HIS CB   C  N N 122 
HIS CG   C  Y N 123 
HIS ND1  N  Y N 124 
HIS CD2  C  Y N 125 
HIS CE1  C  Y N 126 
HIS NE2  N  Y N 127 
HIS OXT  O  N N 128 
HIS H    H  N N 129 
HIS H2   H  N N 130 
HIS HA   H  N N 131 
HIS HB2  H  N N 132 
HIS HB3  H  N N 133 
HIS HD1  H  N N 134 
HIS HD2  H  N N 135 
HIS HE1  H  N N 136 
HIS HE2  H  N N 137 
HIS HXT  H  N N 138 
HOH O    O  N N 139 
HOH H1   H  N N 140 
HOH H2   H  N N 141 
ILE N    N  N N 142 
ILE CA   C  N S 143 
ILE C    C  N N 144 
ILE O    O  N N 145 
ILE CB   C  N S 146 
ILE CG1  C  N N 147 
ILE CG2  C  N N 148 
ILE CD1  C  N N 149 
ILE OXT  O  N N 150 
ILE H    H  N N 151 
ILE H2   H  N N 152 
ILE HA   H  N N 153 
ILE HB   H  N N 154 
ILE HG12 H  N N 155 
ILE HG13 H  N N 156 
ILE HG21 H  N N 157 
ILE HG22 H  N N 158 
ILE HG23 H  N N 159 
ILE HD11 H  N N 160 
ILE HD12 H  N N 161 
ILE HD13 H  N N 162 
ILE HXT  H  N N 163 
LEU N    N  N N 164 
LEU CA   C  N S 165 
LEU C    C  N N 166 
LEU O    O  N N 167 
LEU CB   C  N N 168 
LEU CG   C  N N 169 
LEU CD1  C  N N 170 
LEU CD2  C  N N 171 
LEU OXT  O  N N 172 
LEU H    H  N N 173 
LEU H2   H  N N 174 
LEU HA   H  N N 175 
LEU HB2  H  N N 176 
LEU HB3  H  N N 177 
LEU HG   H  N N 178 
LEU HD11 H  N N 179 
LEU HD12 H  N N 180 
LEU HD13 H  N N 181 
LEU HD21 H  N N 182 
LEU HD22 H  N N 183 
LEU HD23 H  N N 184 
LEU HXT  H  N N 185 
MET N    N  N N 186 
MET CA   C  N S 187 
MET C    C  N N 188 
MET O    O  N N 189 
MET CB   C  N N 190 
MET CG   C  N N 191 
MET SD   S  N N 192 
MET CE   C  N N 193 
MET OXT  O  N N 194 
MET H    H  N N 195 
MET H2   H  N N 196 
MET HA   H  N N 197 
MET HB2  H  N N 198 
MET HB3  H  N N 199 
MET HG2  H  N N 200 
MET HG3  H  N N 201 
MET HE1  H  N N 202 
MET HE2  H  N N 203 
MET HE3  H  N N 204 
MET HXT  H  N N 205 
PHE N    N  N N 206 
PHE CA   C  N S 207 
PHE C    C  N N 208 
PHE O    O  N N 209 
PHE CB   C  N N 210 
PHE CG   C  Y N 211 
PHE CD1  C  Y N 212 
PHE CD2  C  Y N 213 
PHE CE1  C  Y N 214 
PHE CE2  C  Y N 215 
PHE CZ   C  Y N 216 
PHE OXT  O  N N 217 
PHE H    H  N N 218 
PHE H2   H  N N 219 
PHE HA   H  N N 220 
PHE HB2  H  N N 221 
PHE HB3  H  N N 222 
PHE HD1  H  N N 223 
PHE HD2  H  N N 224 
PHE HE1  H  N N 225 
PHE HE2  H  N N 226 
PHE HZ   H  N N 227 
PHE HXT  H  N N 228 
PRO N    N  N N 229 
PRO CA   C  N S 230 
PRO C    C  N N 231 
PRO O    O  N N 232 
PRO CB   C  N N 233 
PRO CG   C  N N 234 
PRO CD   C  N N 235 
PRO OXT  O  N N 236 
PRO H    H  N N 237 
PRO HA   H  N N 238 
PRO HB2  H  N N 239 
PRO HB3  H  N N 240 
PRO HG2  H  N N 241 
PRO HG3  H  N N 242 
PRO HD2  H  N N 243 
PRO HD3  H  N N 244 
PRO HXT  H  N N 245 
SER N    N  N N 246 
SER CA   C  N S 247 
SER C    C  N N 248 
SER O    O  N N 249 
SER CB   C  N N 250 
SER OG   O  N N 251 
SER OXT  O  N N 252 
SER H    H  N N 253 
SER H2   H  N N 254 
SER HA   H  N N 255 
SER HB2  H  N N 256 
SER HB3  H  N N 257 
SER HG   H  N N 258 
SER HXT  H  N N 259 
THR N    N  N N 260 
THR CA   C  N S 261 
THR C    C  N N 262 
THR O    O  N N 263 
THR CB   C  N R 264 
THR OG1  O  N N 265 
THR CG2  C  N N 266 
THR OXT  O  N N 267 
THR H    H  N N 268 
THR H2   H  N N 269 
THR HA   H  N N 270 
THR HB   H  N N 271 
THR HG1  H  N N 272 
THR HG21 H  N N 273 
THR HG22 H  N N 274 
THR HG23 H  N N 275 
THR HXT  H  N N 276 
TRP N    N  N N 277 
TRP CA   C  N S 278 
TRP C    C  N N 279 
TRP O    O  N N 280 
TRP CB   C  N N 281 
TRP CG   C  Y N 282 
TRP CD1  C  Y N 283 
TRP CD2  C  Y N 284 
TRP NE1  N  Y N 285 
TRP CE2  C  Y N 286 
TRP CE3  C  Y N 287 
TRP CZ2  C  Y N 288 
TRP CZ3  C  Y N 289 
TRP CH2  C  Y N 290 
TRP OXT  O  N N 291 
TRP H    H  N N 292 
TRP H2   H  N N 293 
TRP HA   H  N N 294 
TRP HB2  H  N N 295 
TRP HB3  H  N N 296 
TRP HD1  H  N N 297 
TRP HE1  H  N N 298 
TRP HE3  H  N N 299 
TRP HZ2  H  N N 300 
TRP HZ3  H  N N 301 
TRP HH2  H  N N 302 
TRP HXT  H  N N 303 
TYR N    N  N N 304 
TYR CA   C  N S 305 
TYR C    C  N N 306 
TYR O    O  N N 307 
TYR CB   C  N N 308 
TYR CG   C  Y N 309 
TYR CD1  C  Y N 310 
TYR CD2  C  Y N 311 
TYR CE1  C  Y N 312 
TYR CE2  C  Y N 313 
TYR CZ   C  Y N 314 
TYR OH   O  N N 315 
TYR OXT  O  N N 316 
TYR H    H  N N 317 
TYR H2   H  N N 318 
TYR HA   H  N N 319 
TYR HB2  H  N N 320 
TYR HB3  H  N N 321 
TYR HD1  H  N N 322 
TYR HD2  H  N N 323 
TYR HE1  H  N N 324 
TYR HE2  H  N N 325 
TYR HH   H  N N 326 
TYR HXT  H  N N 327 
VAL N    N  N N 328 
VAL CA   C  N S 329 
VAL C    C  N N 330 
VAL O    O  N N 331 
VAL CB   C  N N 332 
VAL CG1  C  N N 333 
VAL CG2  C  N N 334 
VAL OXT  O  N N 335 
VAL H    H  N N 336 
VAL H2   H  N N 337 
VAL HA   H  N N 338 
VAL HB   H  N N 339 
VAL HG11 H  N N 340 
VAL HG12 H  N N 341 
VAL HG13 H  N N 342 
VAL HG21 H  N N 343 
VAL HG22 H  N N 344 
VAL HG23 H  N N 345 
VAL HXT  H  N N 346 
# 
loop_
_chem_comp_bond.comp_id 
_chem_comp_bond.atom_id_1 
_chem_comp_bond.atom_id_2 
_chem_comp_bond.value_order 
_chem_comp_bond.pdbx_aromatic_flag 
_chem_comp_bond.pdbx_stereo_config 
_chem_comp_bond.pdbx_ordinal 
ALA N   CA   sing N N 1   
ALA N   H    sing N N 2   
ALA N   H2   sing N N 3   
ALA CA  C    sing N N 4   
ALA CA  CB   sing N N 5   
ALA CA  HA   sing N N 6   
ALA C   O    doub N N 7   
ALA C   OXT  sing N N 8   
ALA CB  HB1  sing N N 9   
ALA CB  HB2  sing N N 10  
ALA CB  HB3  sing N N 11  
ALA OXT HXT  sing N N 12  
ARG N   CA   sing N N 13  
ARG N   H    sing N N 14  
ARG N   H2   sing N N 15  
ARG CA  C    sing N N 16  
ARG CA  CB   sing N N 17  
ARG CA  HA   sing N N 18  
ARG C   O    doub N N 19  
ARG C   OXT  sing N N 20  
ARG CB  CG   sing N N 21  
ARG CB  HB2  sing N N 22  
ARG CB  HB3  sing N N 23  
ARG CG  CD   sing N N 24  
ARG CG  HG2  sing N N 25  
ARG CG  HG3  sing N N 26  
ARG CD  NE   sing N N 27  
ARG CD  HD2  sing N N 28  
ARG CD  HD3  sing N N 29  
ARG NE  CZ   sing N N 30  
ARG NE  HE   sing N N 31  
ARG CZ  NH1  sing N N 32  
ARG CZ  NH2  doub N N 33  
ARG NH1 HH11 sing N N 34  
ARG NH1 HH12 sing N N 35  
ARG NH2 HH21 sing N N 36  
ARG NH2 HH22 sing N N 37  
ARG OXT HXT  sing N N 38  
ASN N   CA   sing N N 39  
ASN N   H    sing N N 40  
ASN N   H2   sing N N 41  
ASN CA  C    sing N N 42  
ASN CA  CB   sing N N 43  
ASN CA  HA   sing N N 44  
ASN C   O    doub N N 45  
ASN C   OXT  sing N N 46  
ASN CB  CG   sing N N 47  
ASN CB  HB2  sing N N 48  
ASN CB  HB3  sing N N 49  
ASN CG  OD1  doub N N 50  
ASN CG  ND2  sing N N 51  
ASN ND2 HD21 sing N N 52  
ASN ND2 HD22 sing N N 53  
ASN OXT HXT  sing N N 54  
ASP N   CA   sing N N 55  
ASP N   H    sing N N 56  
ASP N   H2   sing N N 57  
ASP CA  C    sing N N 58  
ASP CA  CB   sing N N 59  
ASP CA  HA   sing N N 60  
ASP C   O    doub N N 61  
ASP C   OXT  sing N N 62  
ASP CB  CG   sing N N 63  
ASP CB  HB2  sing N N 64  
ASP CB  HB3  sing N N 65  
ASP CG  OD1  doub N N 66  
ASP CG  OD2  sing N N 67  
ASP OD2 HD2  sing N N 68  
ASP OXT HXT  sing N N 69  
GLU N   CA   sing N N 70  
GLU N   H    sing N N 71  
GLU N   H2   sing N N 72  
GLU CA  C    sing N N 73  
GLU CA  CB   sing N N 74  
GLU CA  HA   sing N N 75  
GLU C   O    doub N N 76  
GLU C   OXT  sing N N 77  
GLU CB  CG   sing N N 78  
GLU CB  HB2  sing N N 79  
GLU CB  HB3  sing N N 80  
GLU CG  CD   sing N N 81  
GLU CG  HG2  sing N N 82  
GLU CG  HG3  sing N N 83  
GLU CD  OE1  doub N N 84  
GLU CD  OE2  sing N N 85  
GLU OE2 HE2  sing N N 86  
GLU OXT HXT  sing N N 87  
GLY N   CA   sing N N 88  
GLY N   H    sing N N 89  
GLY N   H2   sing N N 90  
GLY CA  C    sing N N 91  
GLY CA  HA2  sing N N 92  
GLY CA  HA3  sing N N 93  
GLY C   O    doub N N 94  
GLY C   OXT  sing N N 95  
GLY OXT HXT  sing N N 96  
GOL C1  O1   sing N N 97  
GOL C1  C2   sing N N 98  
GOL C1  H11  sing N N 99  
GOL C1  H12  sing N N 100 
GOL O1  HO1  sing N N 101 
GOL C2  O2   sing N N 102 
GOL C2  C3   sing N N 103 
GOL C2  H2   sing N N 104 
GOL O2  HO2  sing N N 105 
GOL C3  O3   sing N N 106 
GOL C3  H31  sing N N 107 
GOL C3  H32  sing N N 108 
GOL O3  HO3  sing N N 109 
HIS N   CA   sing N N 110 
HIS N   H    sing N N 111 
HIS N   H2   sing N N 112 
HIS CA  C    sing N N 113 
HIS CA  CB   sing N N 114 
HIS CA  HA   sing N N 115 
HIS C   O    doub N N 116 
HIS C   OXT  sing N N 117 
HIS CB  CG   sing N N 118 
HIS CB  HB2  sing N N 119 
HIS CB  HB3  sing N N 120 
HIS CG  ND1  sing Y N 121 
HIS CG  CD2  doub Y N 122 
HIS ND1 CE1  doub Y N 123 
HIS ND1 HD1  sing N N 124 
HIS CD2 NE2  sing Y N 125 
HIS CD2 HD2  sing N N 126 
HIS CE1 NE2  sing Y N 127 
HIS CE1 HE1  sing N N 128 
HIS NE2 HE2  sing N N 129 
HIS OXT HXT  sing N N 130 
HOH O   H1   sing N N 131 
HOH O   H2   sing N N 132 
ILE N   CA   sing N N 133 
ILE N   H    sing N N 134 
ILE N   H2   sing N N 135 
ILE CA  C    sing N N 136 
ILE CA  CB   sing N N 137 
ILE CA  HA   sing N N 138 
ILE C   O    doub N N 139 
ILE C   OXT  sing N N 140 
ILE CB  CG1  sing N N 141 
ILE CB  CG2  sing N N 142 
ILE CB  HB   sing N N 143 
ILE CG1 CD1  sing N N 144 
ILE CG1 HG12 sing N N 145 
ILE CG1 HG13 sing N N 146 
ILE CG2 HG21 sing N N 147 
ILE CG2 HG22 sing N N 148 
ILE CG2 HG23 sing N N 149 
ILE CD1 HD11 sing N N 150 
ILE CD1 HD12 sing N N 151 
ILE CD1 HD13 sing N N 152 
ILE OXT HXT  sing N N 153 
LEU N   CA   sing N N 154 
LEU N   H    sing N N 155 
LEU N   H2   sing N N 156 
LEU CA  C    sing N N 157 
LEU CA  CB   sing N N 158 
LEU CA  HA   sing N N 159 
LEU C   O    doub N N 160 
LEU C   OXT  sing N N 161 
LEU CB  CG   sing N N 162 
LEU CB  HB2  sing N N 163 
LEU CB  HB3  sing N N 164 
LEU CG  CD1  sing N N 165 
LEU CG  CD2  sing N N 166 
LEU CG  HG   sing N N 167 
LEU CD1 HD11 sing N N 168 
LEU CD1 HD12 sing N N 169 
LEU CD1 HD13 sing N N 170 
LEU CD2 HD21 sing N N 171 
LEU CD2 HD22 sing N N 172 
LEU CD2 HD23 sing N N 173 
LEU OXT HXT  sing N N 174 
MET N   CA   sing N N 175 
MET N   H    sing N N 176 
MET N   H2   sing N N 177 
MET CA  C    sing N N 178 
MET CA  CB   sing N N 179 
MET CA  HA   sing N N 180 
MET C   O    doub N N 181 
MET C   OXT  sing N N 182 
MET CB  CG   sing N N 183 
MET CB  HB2  sing N N 184 
MET CB  HB3  sing N N 185 
MET CG  SD   sing N N 186 
MET CG  HG2  sing N N 187 
MET CG  HG3  sing N N 188 
MET SD  CE   sing N N 189 
MET CE  HE1  sing N N 190 
MET CE  HE2  sing N N 191 
MET CE  HE3  sing N N 192 
MET OXT HXT  sing N N 193 
PHE N   CA   sing N N 194 
PHE N   H    sing N N 195 
PHE N   H2   sing N N 196 
PHE CA  C    sing N N 197 
PHE CA  CB   sing N N 198 
PHE CA  HA   sing N N 199 
PHE C   O    doub N N 200 
PHE C   OXT  sing N N 201 
PHE CB  CG   sing N N 202 
PHE CB  HB2  sing N N 203 
PHE CB  HB3  sing N N 204 
PHE CG  CD1  doub Y N 205 
PHE CG  CD2  sing Y N 206 
PHE CD1 CE1  sing Y N 207 
PHE CD1 HD1  sing N N 208 
PHE CD2 CE2  doub Y N 209 
PHE CD2 HD2  sing N N 210 
PHE CE1 CZ   doub Y N 211 
PHE CE1 HE1  sing N N 212 
PHE CE2 CZ   sing Y N 213 
PHE CE2 HE2  sing N N 214 
PHE CZ  HZ   sing N N 215 
PHE OXT HXT  sing N N 216 
PRO N   CA   sing N N 217 
PRO N   CD   sing N N 218 
PRO N   H    sing N N 219 
PRO CA  C    sing N N 220 
PRO CA  CB   sing N N 221 
PRO CA  HA   sing N N 222 
PRO C   O    doub N N 223 
PRO C   OXT  sing N N 224 
PRO CB  CG   sing N N 225 
PRO CB  HB2  sing N N 226 
PRO CB  HB3  sing N N 227 
PRO CG  CD   sing N N 228 
PRO CG  HG2  sing N N 229 
PRO CG  HG3  sing N N 230 
PRO CD  HD2  sing N N 231 
PRO CD  HD3  sing N N 232 
PRO OXT HXT  sing N N 233 
SER N   CA   sing N N 234 
SER N   H    sing N N 235 
SER N   H2   sing N N 236 
SER CA  C    sing N N 237 
SER CA  CB   sing N N 238 
SER CA  HA   sing N N 239 
SER C   O    doub N N 240 
SER C   OXT  sing N N 241 
SER CB  OG   sing N N 242 
SER CB  HB2  sing N N 243 
SER CB  HB3  sing N N 244 
SER OG  HG   sing N N 245 
SER OXT HXT  sing N N 246 
THR N   CA   sing N N 247 
THR N   H    sing N N 248 
THR N   H2   sing N N 249 
THR CA  C    sing N N 250 
THR CA  CB   sing N N 251 
THR CA  HA   sing N N 252 
THR C   O    doub N N 253 
THR C   OXT  sing N N 254 
THR CB  OG1  sing N N 255 
THR CB  CG2  sing N N 256 
THR CB  HB   sing N N 257 
THR OG1 HG1  sing N N 258 
THR CG2 HG21 sing N N 259 
THR CG2 HG22 sing N N 260 
THR CG2 HG23 sing N N 261 
THR OXT HXT  sing N N 262 
TRP N   CA   sing N N 263 
TRP N   H    sing N N 264 
TRP N   H2   sing N N 265 
TRP CA  C    sing N N 266 
TRP CA  CB   sing N N 267 
TRP CA  HA   sing N N 268 
TRP C   O    doub N N 269 
TRP C   OXT  sing N N 270 
TRP CB  CG   sing N N 271 
TRP CB  HB2  sing N N 272 
TRP CB  HB3  sing N N 273 
TRP CG  CD1  doub Y N 274 
TRP CG  CD2  sing Y N 275 
TRP CD1 NE1  sing Y N 276 
TRP CD1 HD1  sing N N 277 
TRP CD2 CE2  doub Y N 278 
TRP CD2 CE3  sing Y N 279 
TRP NE1 CE2  sing Y N 280 
TRP NE1 HE1  sing N N 281 
TRP CE2 CZ2  sing Y N 282 
TRP CE3 CZ3  doub Y N 283 
TRP CE3 HE3  sing N N 284 
TRP CZ2 CH2  doub Y N 285 
TRP CZ2 HZ2  sing N N 286 
TRP CZ3 CH2  sing Y N 287 
TRP CZ3 HZ3  sing N N 288 
TRP CH2 HH2  sing N N 289 
TRP OXT HXT  sing N N 290 
TYR N   CA   sing N N 291 
TYR N   H    sing N N 292 
TYR N   H2   sing N N 293 
TYR CA  C    sing N N 294 
TYR CA  CB   sing N N 295 
TYR CA  HA   sing N N 296 
TYR C   O    doub N N 297 
TYR C   OXT  sing N N 298 
TYR CB  CG   sing N N 299 
TYR CB  HB2  sing N N 300 
TYR CB  HB3  sing N N 301 
TYR CG  CD1  doub Y N 302 
TYR CG  CD2  sing Y N 303 
TYR CD1 CE1  sing Y N 304 
TYR CD1 HD1  sing N N 305 
TYR CD2 CE2  doub Y N 306 
TYR CD2 HD2  sing N N 307 
TYR CE1 CZ   doub Y N 308 
TYR CE1 HE1  sing N N 309 
TYR CE2 CZ   sing Y N 310 
TYR CE2 HE2  sing N N 311 
TYR CZ  OH   sing N N 312 
TYR OH  HH   sing N N 313 
TYR OXT HXT  sing N N 314 
VAL N   CA   sing N N 315 
VAL N   H    sing N N 316 
VAL N   H2   sing N N 317 
VAL CA  C    sing N N 318 
VAL CA  CB   sing N N 319 
VAL CA  HA   sing N N 320 
VAL C   O    doub N N 321 
VAL C   OXT  sing N N 322 
VAL CB  CG1  sing N N 323 
VAL CB  CG2  sing N N 324 
VAL CB  HB   sing N N 325 
VAL CG1 HG11 sing N N 326 
VAL CG1 HG12 sing N N 327 
VAL CG1 HG13 sing N N 328 
VAL CG2 HG21 sing N N 329 
VAL CG2 HG22 sing N N 330 
VAL CG2 HG23 sing N N 331 
VAL OXT HXT  sing N N 332 
# 
loop_
_pdbx_entity_nonpoly.entity_id 
_pdbx_entity_nonpoly.name 
_pdbx_entity_nonpoly.comp_id 
2 'CALCIUM ION' CA  
3 GLYCEROL      GOL 
4 water         HOH 
# 
_pdbx_initial_refinement_model.id               1 
_pdbx_initial_refinement_model.entity_id_list   ? 
_pdbx_initial_refinement_model.type             'experimental model' 
_pdbx_initial_refinement_model.source_name      PDB 
_pdbx_initial_refinement_model.accession_code   4KDV 
_pdbx_initial_refinement_model.details          'PDB ENTRY 4KDV' 
# 
